data_3D19
#
_entry.id   3D19
#
_cell.length_a   74.825
_cell.length_b   136.378
_cell.length_c   87.060
_cell.angle_alpha   90.000
_cell.angle_beta   102.840
_cell.angle_gamma   90.000
#
_symmetry.space_group_name_H-M   'P 1 21 1'
#
loop_
_entity.id
_entity.type
_entity.pdbx_description
1 polymer 'Conserved metalloprotein'
2 non-polymer 'MAGNESIUM ION'
3 non-polymer 'FE (III) ION'
4 water water
#
_entity_poly.entity_id   1
_entity_poly.type   'polypeptide(L)'
_entity_poly.pdbx_seq_one_letter_code
;MSLDTGVTSVMFVERSLNEIRFWSRIMKEHSFFLRLGFRCEDTQLIEEANQFYRLFEHIEQIAHSYTNETDPEQIKRFNA
EVQQAATNIWGFKRKILGLILTCKLPGQNNFPLLVDHTSREADYFRKRLIQLNEGKLDALPDAIIKENVFFLRIMADHAK
FIGHLLDPSERKLVDTARNFSNDFDELMYQAIDLESMKPQSQTAPLLDQFLDQNRVSVASLRDFKKTARDLIEQCKIKSI
IHPLLADHVFREADRFLEIIDMYDVHLTNIQSQPREGHHHHHH
;
_entity_poly.pdbx_strand_id   A,B,C,D,E,F
#
# COMPACT_ATOMS: atom_id res chain seq x y z
N ASP A 4 5.87 29.83 25.69
CA ASP A 4 4.60 30.56 26.10
C ASP A 4 4.62 32.00 25.60
N THR A 5 3.80 32.28 24.58
CA THR A 5 3.83 33.61 23.97
C THR A 5 2.45 34.29 23.98
N GLY A 6 1.57 33.91 24.91
CA GLY A 6 0.26 34.56 25.05
C GLY A 6 -0.92 33.82 24.39
N VAL A 7 -0.63 32.75 23.65
CA VAL A 7 -1.67 32.09 22.86
C VAL A 7 -2.82 31.55 23.70
N THR A 8 -2.50 31.21 24.94
CA THR A 8 -3.43 30.52 25.83
C THR A 8 -3.75 31.40 27.06
N SER A 9 -3.35 32.67 27.01
CA SER A 9 -3.61 33.55 28.12
C SER A 9 -5.08 33.62 28.46
N VAL A 10 -5.41 33.71 29.74
CA VAL A 10 -6.78 33.94 30.13
C VAL A 10 -7.02 35.43 30.50
N MET A 11 -5.95 36.24 30.61
CA MET A 11 -6.10 37.70 30.85
C MET A 11 -6.75 38.32 29.64
N PHE A 12 -7.83 39.04 29.85
CA PHE A 12 -8.71 39.45 28.75
C PHE A 12 -7.97 40.28 27.71
N VAL A 13 -7.14 41.22 28.17
CA VAL A 13 -6.54 42.10 27.17
C VAL A 13 -5.46 41.40 26.42
N GLU A 14 -4.59 40.75 27.15
CA GLU A 14 -3.50 40.07 26.51
C GLU A 14 -4.03 39.06 25.49
N ARG A 15 -4.97 38.21 25.90
CA ARG A 15 -5.48 37.17 25.02
C ARG A 15 -6.11 37.77 23.74
N SER A 16 -6.92 38.80 23.92
CA SER A 16 -7.51 39.56 22.80
C SER A 16 -6.48 40.07 21.77
N LEU A 17 -5.50 40.80 22.23
CA LEU A 17 -4.49 41.29 21.32
C LEU A 17 -3.78 40.11 20.63
N ASN A 18 -3.31 39.13 21.41
CA ASN A 18 -2.68 37.95 20.80
C ASN A 18 -3.56 37.36 19.69
N GLU A 19 -4.86 37.20 19.97
CA GLU A 19 -5.75 36.51 19.03
C GLU A 19 -5.96 37.37 17.78
N ILE A 20 -5.98 38.68 18.00
CA ILE A 20 -6.25 39.60 16.91
C ILE A 20 -5.02 39.87 16.10
N ARG A 21 -3.90 40.12 16.76
CA ARG A 21 -2.62 40.14 16.07
C ARG A 21 -2.45 38.90 15.18
N PHE A 22 -2.70 37.72 15.72
CA PHE A 22 -2.48 36.56 14.88
C PHE A 22 -3.52 36.40 13.77
N TRP A 23 -4.79 36.47 14.09
CA TRP A 23 -5.81 36.07 13.09
C TRP A 23 -6.11 37.19 12.11
N SER A 24 -5.94 38.42 12.54
CA SER A 24 -6.11 39.53 11.62
C SER A 24 -5.10 39.37 10.48
N ARG A 25 -3.86 39.04 10.82
CA ARG A 25 -2.86 38.84 9.78
C ARG A 25 -3.27 37.66 8.90
N ILE A 26 -3.76 36.61 9.53
CA ILE A 26 -4.28 35.49 8.75
C ILE A 26 -5.36 35.95 7.76
N MET A 27 -6.40 36.66 8.19
CA MET A 27 -7.53 37.02 7.30
C MET A 27 -7.04 37.94 6.22
N LYS A 28 -6.14 38.83 6.59
CA LYS A 28 -5.57 39.70 5.58
C LYS A 28 -4.91 38.86 4.49
N GLU A 29 -4.20 37.79 4.87
CA GLU A 29 -3.48 37.00 3.87
C GLU A 29 -4.45 36.17 3.03
N HIS A 30 -5.47 35.59 3.66
CA HIS A 30 -6.56 35.00 2.87
C HIS A 30 -7.10 35.95 1.83
N SER A 31 -7.11 37.26 2.11
CA SER A 31 -7.73 38.21 1.16
C SER A 31 -6.88 38.30 -0.12
N PHE A 32 -5.58 38.17 0.04
CA PHE A 32 -4.63 38.18 -1.05
C PHE A 32 -4.72 36.81 -1.78
N PHE A 33 -4.54 35.71 -1.07
CA PHE A 33 -4.62 34.37 -1.67
C PHE A 33 -5.88 34.19 -2.50
N LEU A 34 -7.01 34.62 -1.97
CA LEU A 34 -8.27 34.40 -2.67
C LEU A 34 -8.30 35.21 -3.93
N ARG A 35 -7.63 36.36 -3.86
CA ARG A 35 -7.77 37.27 -4.94
C ARG A 35 -7.04 36.64 -6.08
N LEU A 36 -5.97 35.90 -5.76
CA LEU A 36 -4.98 35.42 -6.76
C LEU A 36 -5.61 34.38 -7.64
N GLY A 37 -6.64 33.73 -7.09
CA GLY A 37 -7.36 32.69 -7.79
C GLY A 37 -8.57 33.15 -8.56
N PHE A 38 -8.91 34.42 -8.46
CA PHE A 38 -9.98 35.03 -9.27
C PHE A 38 -9.59 35.21 -10.75
N ARG A 39 -10.53 35.06 -11.67
CA ARG A 39 -10.26 35.38 -13.09
C ARG A 39 -9.99 36.85 -13.19
N CYS A 40 -9.24 37.28 -14.19
CA CYS A 40 -8.87 38.69 -14.26
C CYS A 40 -10.04 39.57 -14.55
N GLU A 41 -11.14 38.99 -15.00
CA GLU A 41 -12.26 39.77 -15.44
C GLU A 41 -13.27 40.04 -14.32
N ASP A 42 -13.11 39.31 -13.21
CA ASP A 42 -13.99 39.42 -12.03
C ASP A 42 -13.58 40.59 -11.17
N THR A 43 -13.68 41.81 -11.67
CA THR A 43 -13.21 42.94 -10.89
C THR A 43 -14.05 43.29 -9.66
N GLN A 44 -15.30 42.81 -9.58
CA GLN A 44 -16.08 43.14 -8.38
C GLN A 44 -15.41 42.44 -7.23
N LEU A 45 -15.37 41.11 -7.31
CA LEU A 45 -14.58 40.22 -6.43
C LEU A 45 -13.16 40.71 -6.14
N ILE A 46 -12.38 41.01 -7.17
CA ILE A 46 -10.98 41.47 -6.97
C ILE A 46 -10.93 42.68 -6.05
N GLU A 47 -11.85 43.62 -6.30
CA GLU A 47 -12.00 44.80 -5.51
C GLU A 47 -12.50 44.46 -4.12
N GLU A 48 -13.49 43.58 -4.00
CA GLU A 48 -13.99 43.28 -2.68
C GLU A 48 -12.93 42.59 -1.79
N ALA A 49 -12.11 41.73 -2.39
CA ALA A 49 -10.99 41.09 -1.74
C ALA A 49 -9.96 42.13 -1.35
N ASN A 50 -9.73 43.13 -2.17
CA ASN A 50 -8.67 44.08 -1.84
C ASN A 50 -9.07 44.92 -0.65
N GLN A 51 -10.39 45.06 -0.49
CA GLN A 51 -10.92 45.85 0.59
C GLN A 51 -10.79 45.07 1.86
N PHE A 52 -11.20 43.82 1.85
CA PHE A 52 -10.93 42.99 3.03
C PHE A 52 -9.41 42.95 3.36
N TYR A 53 -8.56 43.02 2.34
CA TYR A 53 -7.16 42.90 2.62
C TYR A 53 -6.79 44.14 3.43
N ARG A 54 -7.30 45.27 2.97
CA ARG A 54 -7.07 46.58 3.59
C ARG A 54 -7.67 46.70 5.04
N LEU A 55 -8.81 46.10 5.26
CA LEU A 55 -9.44 46.17 6.55
C LEU A 55 -8.56 45.47 7.59
N PHE A 56 -8.32 44.18 7.37
CA PHE A 56 -7.46 43.39 8.29
C PHE A 56 -6.02 43.88 8.44
N GLU A 57 -5.43 44.39 7.37
CA GLU A 57 -4.16 45.14 7.46
C GLU A 57 -4.30 46.27 8.48
N HIS A 58 -5.43 46.98 8.43
CA HIS A 58 -5.61 48.12 9.33
C HIS A 58 -5.73 47.67 10.79
N ILE A 59 -6.66 46.74 11.01
CA ILE A 59 -6.83 46.07 12.29
C ILE A 59 -5.58 45.46 12.87
N GLU A 60 -4.76 44.85 12.01
CA GLU A 60 -3.51 44.27 12.48
C GLU A 60 -2.58 45.40 13.00
N GLN A 61 -2.51 46.53 12.31
CA GLN A 61 -1.65 47.64 12.77
C GLN A 61 -2.15 48.23 14.09
N ILE A 62 -3.45 48.12 14.35
CA ILE A 62 -3.98 48.74 15.52
C ILE A 62 -3.82 47.79 16.67
N ALA A 63 -4.03 46.50 16.42
CA ALA A 63 -3.79 45.48 17.43
C ALA A 63 -2.36 45.60 17.93
N HIS A 64 -1.45 45.90 17.01
CA HIS A 64 -0.03 45.97 17.33
C HIS A 64 0.36 47.27 18.02
N SER A 65 -0.57 48.24 18.05
CA SER A 65 -0.34 49.56 18.67
C SER A 65 -0.84 49.53 20.09
N TYR A 66 -1.78 48.63 20.35
CA TYR A 66 -2.33 48.48 21.68
C TYR A 66 -1.34 47.65 22.52
N THR A 67 -1.49 47.72 23.84
CA THR A 67 -0.58 47.06 24.75
C THR A 67 -1.42 46.42 25.80
N ASN A 68 -0.80 45.73 26.75
CA ASN A 68 -1.53 45.07 27.80
C ASN A 68 -2.12 46.12 28.74
N GLU A 69 -1.58 47.35 28.67
CA GLU A 69 -2.02 48.44 29.54
C GLU A 69 -3.21 49.22 29.00
N THR A 70 -3.66 48.90 27.79
CA THR A 70 -4.79 49.59 27.18
C THR A 70 -6.13 49.35 27.92
N ASP A 71 -7.02 50.36 27.93
CA ASP A 71 -8.28 50.27 28.69
C ASP A 71 -9.18 49.15 28.17
N PRO A 72 -9.52 48.21 29.06
CA PRO A 72 -10.33 47.05 28.79
C PRO A 72 -11.62 47.40 28.12
N GLU A 73 -12.02 48.66 28.18
CA GLU A 73 -13.23 49.08 27.52
C GLU A 73 -12.95 49.34 26.06
N GLN A 74 -11.80 49.95 25.77
CA GLN A 74 -11.40 50.10 24.39
C GLN A 74 -11.35 48.68 23.73
N ILE A 75 -10.50 47.81 24.27
CA ILE A 75 -10.37 46.44 23.79
C ILE A 75 -11.71 45.75 23.58
N LYS A 76 -12.63 45.95 24.48
CA LYS A 76 -13.91 45.30 24.36
C LYS A 76 -14.65 45.80 23.12
N ARG A 77 -14.57 47.08 22.82
CA ARG A 77 -15.21 47.64 21.60
C ARG A 77 -14.48 47.22 20.31
N PHE A 78 -13.16 47.25 20.38
CA PHE A 78 -12.30 46.76 19.33
C PHE A 78 -12.67 45.32 18.99
N ASN A 79 -12.81 44.46 19.99
CA ASN A 79 -13.16 43.07 19.75
C ASN A 79 -14.45 42.93 19.00
N ALA A 80 -15.45 43.71 19.39
CA ALA A 80 -16.78 43.64 18.76
C ALA A 80 -16.79 44.18 17.32
N GLU A 81 -16.00 45.23 17.05
CA GLU A 81 -15.68 45.64 15.68
C GLU A 81 -14.98 44.53 14.91
N VAL A 82 -13.88 44.02 15.47
CA VAL A 82 -13.10 43.00 14.74
C VAL A 82 -14.02 41.79 14.51
N GLN A 83 -14.95 41.54 15.41
CA GLN A 83 -15.84 40.40 15.28
C GLN A 83 -16.87 40.58 14.15
N GLN A 84 -17.28 41.83 13.91
CA GLN A 84 -18.19 42.10 12.79
C GLN A 84 -17.40 41.93 11.50
N ALA A 85 -16.17 42.41 11.50
CA ALA A 85 -15.30 42.25 10.32
C ALA A 85 -15.17 40.77 9.98
N ALA A 86 -14.92 39.95 10.99
CA ALA A 86 -14.71 38.54 10.71
C ALA A 86 -15.99 37.89 10.16
N THR A 87 -17.15 38.39 10.61
CA THR A 87 -18.45 37.92 10.12
C THR A 87 -18.64 38.38 8.67
N ASN A 88 -18.16 39.57 8.37
CA ASN A 88 -18.27 40.04 7.03
C ASN A 88 -17.40 39.19 6.04
N ILE A 89 -16.10 39.09 6.30
CA ILE A 89 -15.27 38.26 5.44
C ILE A 89 -15.80 36.81 5.37
N TRP A 90 -16.26 36.28 6.48
CA TRP A 90 -16.89 34.94 6.42
C TRP A 90 -17.98 34.88 5.31
N GLY A 91 -18.99 35.78 5.39
CA GLY A 91 -20.02 35.83 4.34
C GLY A 91 -19.54 36.02 2.90
N PHE A 92 -18.50 36.84 2.70
CA PHE A 92 -17.79 36.97 1.43
C PHE A 92 -17.24 35.62 0.95
N LYS A 93 -16.52 34.91 1.81
CA LYS A 93 -15.97 33.60 1.48
C LYS A 93 -17.03 32.57 1.09
N ARG A 94 -18.15 32.61 1.77
CA ARG A 94 -19.30 31.74 1.51
C ARG A 94 -19.97 32.02 0.18
N LYS A 95 -19.90 33.30 -0.20
CA LYS A 95 -20.44 33.82 -1.46
C LYS A 95 -19.60 33.30 -2.58
N ILE A 96 -18.29 33.59 -2.48
CA ILE A 96 -17.30 32.96 -3.36
C ILE A 96 -17.51 31.46 -3.43
N LEU A 97 -17.55 30.79 -2.30
CA LEU A 97 -17.83 29.37 -2.36
C LEU A 97 -19.07 29.07 -3.26
N GLY A 98 -20.20 29.72 -2.98
CA GLY A 98 -21.45 29.54 -3.74
C GLY A 98 -21.38 29.66 -5.25
N LEU A 99 -20.62 30.65 -5.68
CA LEU A 99 -20.26 30.90 -7.08
C LEU A 99 -19.44 29.79 -7.72
N ILE A 100 -18.60 29.14 -6.94
CA ILE A 100 -17.67 28.18 -7.51
C ILE A 100 -18.44 26.86 -7.58
N LEU A 101 -19.22 26.59 -6.54
CA LEU A 101 -20.02 25.38 -6.50
C LEU A 101 -21.18 25.40 -7.51
N THR A 102 -21.52 26.56 -8.06
CA THR A 102 -22.59 26.60 -9.06
C THR A 102 -21.93 26.80 -10.43
N CYS A 103 -20.61 26.67 -10.42
CA CYS A 103 -19.81 26.76 -11.61
C CYS A 103 -20.19 28.01 -12.38
N LYS A 104 -20.37 29.09 -11.64
CA LYS A 104 -20.58 30.40 -12.23
C LYS A 104 -19.27 31.10 -12.58
N LEU A 105 -18.12 30.54 -12.23
CA LEU A 105 -16.80 31.17 -12.54
C LEU A 105 -15.81 30.24 -13.26
N PRO A 106 -16.17 29.72 -14.46
CA PRO A 106 -15.27 28.72 -15.03
C PRO A 106 -13.89 29.34 -15.28
N GLY A 107 -12.80 28.66 -14.89
CA GLY A 107 -11.44 29.15 -15.09
C GLY A 107 -10.73 29.85 -13.92
N GLN A 108 -11.43 30.00 -12.79
CA GLN A 108 -10.86 30.49 -11.55
C GLN A 108 -10.06 29.36 -10.84
N ASN A 109 -9.23 29.75 -9.86
CA ASN A 109 -8.21 28.88 -9.28
C ASN A 109 -8.24 28.62 -7.74
N ASN A 110 -9.22 29.19 -7.03
CA ASN A 110 -9.41 28.89 -5.62
C ASN A 110 -10.12 27.51 -5.47
N PHE A 111 -9.55 26.59 -4.67
CA PHE A 111 -10.23 25.28 -4.46
C PHE A 111 -11.45 25.53 -3.61
N PRO A 112 -12.53 24.82 -3.88
CA PRO A 112 -13.64 25.00 -2.96
C PRO A 112 -13.28 24.57 -1.53
N LEU A 113 -12.43 23.57 -1.35
CA LEU A 113 -12.07 23.18 -0.01
C LEU A 113 -11.26 24.31 0.63
N LEU A 114 -10.41 24.94 -0.16
CA LEU A 114 -9.68 26.07 0.40
C LEU A 114 -10.61 27.22 0.86
N VAL A 115 -11.49 27.68 -0.02
CA VAL A 115 -12.43 28.73 0.37
C VAL A 115 -13.17 28.36 1.68
N ASP A 116 -13.71 27.15 1.74
CA ASP A 116 -14.46 26.73 2.91
C ASP A 116 -13.58 26.66 4.20
N HIS A 117 -12.34 26.22 4.03
CA HIS A 117 -11.36 26.19 5.07
C HIS A 117 -11.00 27.61 5.56
N THR A 118 -10.97 28.59 4.67
CA THR A 118 -10.67 29.95 5.14
C THR A 118 -11.88 30.49 5.89
N SER A 119 -13.06 29.91 5.66
CA SER A 119 -14.28 30.41 6.31
C SER A 119 -14.43 29.79 7.67
N ARG A 120 -13.82 28.63 7.81
CA ARG A 120 -13.74 28.01 9.10
C ARG A 120 -12.73 28.69 10.01
N GLU A 121 -11.63 29.20 9.49
CA GLU A 121 -10.65 29.93 10.30
C GLU A 121 -11.29 31.25 10.72
N ALA A 122 -12.00 31.89 9.77
CA ALA A 122 -12.78 33.11 10.03
C ALA A 122 -13.82 32.93 11.11
N ASP A 123 -14.60 31.85 11.03
CA ASP A 123 -15.65 31.58 12.02
C ASP A 123 -15.05 31.36 13.40
N TYR A 124 -13.89 30.69 13.43
CA TYR A 124 -13.16 30.46 14.68
C TYR A 124 -12.65 31.78 15.34
N PHE A 125 -12.19 32.73 14.53
CA PHE A 125 -11.81 34.06 14.99
C PHE A 125 -13.09 34.69 15.59
N ARG A 126 -14.19 34.52 14.86
CA ARG A 126 -15.47 35.11 15.23
C ARG A 126 -15.85 34.63 16.62
N LYS A 127 -15.96 33.32 16.77
CA LYS A 127 -16.40 32.75 18.00
C LYS A 127 -15.42 33.01 19.18
N ARG A 128 -14.13 33.05 18.88
CA ARG A 128 -13.18 33.39 19.92
C ARG A 128 -13.38 34.81 20.50
N LEU A 129 -13.72 35.76 19.65
CA LEU A 129 -13.86 37.11 20.16
C LEU A 129 -15.17 37.22 20.99
N ILE A 130 -16.22 36.52 20.56
CA ILE A 130 -17.42 36.37 21.37
C ILE A 130 -17.16 35.73 22.77
N GLN A 131 -16.38 34.65 22.83
CA GLN A 131 -15.92 34.10 24.12
C GLN A 131 -15.24 35.17 24.95
N LEU A 132 -14.29 35.87 24.36
CA LEU A 132 -13.58 36.93 25.09
C LEU A 132 -14.52 38.00 25.64
N ASN A 133 -15.34 38.60 24.78
CA ASN A 133 -16.26 39.65 25.23
C ASN A 133 -17.31 39.16 26.22
N GLU A 134 -17.84 37.96 26.01
CA GLU A 134 -18.86 37.42 26.91
C GLU A 134 -18.27 36.79 28.17
N GLY A 135 -16.94 36.70 28.22
CA GLY A 135 -16.28 36.03 29.36
C GLY A 135 -16.50 34.52 29.43
N LYS A 136 -16.35 33.83 28.30
CA LYS A 136 -16.67 32.40 28.26
C LYS A 136 -15.66 31.56 27.46
N LEU A 137 -14.37 31.79 27.71
CA LEU A 137 -13.32 30.89 27.23
C LEU A 137 -13.61 29.53 27.85
N ASP A 138 -13.31 28.46 27.12
CA ASP A 138 -13.68 27.09 27.54
C ASP A 138 -12.79 26.61 28.69
N ALA A 139 -13.32 25.72 29.53
CA ALA A 139 -12.51 25.06 30.56
C ALA A 139 -11.54 24.10 29.89
N LEU A 140 -10.42 23.80 30.55
CA LEU A 140 -9.35 23.03 29.94
C LEU A 140 -9.76 21.73 29.21
N PRO A 141 -10.62 20.88 29.81
CA PRO A 141 -10.92 19.64 29.10
C PRO A 141 -11.66 19.84 27.75
N ASP A 142 -12.61 20.77 27.72
CA ASP A 142 -13.21 21.24 26.48
C ASP A 142 -12.30 21.95 25.49
N ALA A 143 -11.39 22.78 25.98
CA ALA A 143 -10.50 23.47 25.10
C ALA A 143 -9.64 22.41 24.42
N ILE A 144 -9.22 21.40 25.15
CA ILE A 144 -8.36 20.39 24.60
C ILE A 144 -9.06 19.69 23.45
N ILE A 145 -10.28 19.24 23.70
CA ILE A 145 -10.98 18.55 22.65
C ILE A 145 -11.33 19.47 21.49
N LYS A 146 -11.97 20.58 21.80
CA LYS A 146 -12.41 21.50 20.80
C LYS A 146 -11.31 22.08 19.90
N GLU A 147 -10.18 22.44 20.45
CA GLU A 147 -9.09 22.99 19.64
C GLU A 147 -8.46 21.91 18.76
N ASN A 148 -8.30 20.70 19.29
CA ASN A 148 -7.69 19.64 18.49
C ASN A 148 -8.56 19.28 17.31
N VAL A 149 -9.83 19.03 17.54
CA VAL A 149 -10.80 18.83 16.47
C VAL A 149 -10.74 19.94 15.41
N PHE A 150 -10.78 21.20 15.82
CA PHE A 150 -10.63 22.27 14.85
C PHE A 150 -9.27 22.19 14.11
N PHE A 151 -8.14 22.17 14.83
CA PHE A 151 -6.81 22.34 14.23
C PHE A 151 -6.27 21.08 13.49
N LEU A 152 -6.66 19.87 13.93
CA LEU A 152 -6.27 18.66 13.18
C LEU A 152 -6.88 18.69 11.77
N ARG A 153 -8.08 19.26 11.64
CA ARG A 153 -8.72 19.44 10.34
C ARG A 153 -7.94 20.51 9.51
N ILE A 154 -7.59 21.62 10.15
CA ILE A 154 -6.81 22.64 9.49
C ILE A 154 -5.47 22.07 8.92
N MET A 155 -4.79 21.28 9.77
CA MET A 155 -3.59 20.60 9.40
C MET A 155 -3.81 19.61 8.27
N ALA A 156 -4.92 18.88 8.27
CA ALA A 156 -5.13 17.83 7.27
C ALA A 156 -5.43 18.51 5.96
N ASP A 157 -6.22 19.58 5.99
CA ASP A 157 -6.46 20.38 4.76
C ASP A 157 -5.11 20.91 4.20
N HIS A 158 -4.25 21.46 5.06
CA HIS A 158 -2.98 22.06 4.56
C HIS A 158 -2.09 21.09 3.84
N ALA A 159 -2.01 19.86 4.30
CA ALA A 159 -1.14 18.91 3.72
C ALA A 159 -1.72 18.52 2.34
N LYS A 160 -3.01 18.69 2.14
CA LYS A 160 -3.53 18.50 0.75
C LYS A 160 -3.29 19.73 -0.11
N PHE A 161 -3.55 20.90 0.44
CA PHE A 161 -3.19 22.10 -0.26
C PHE A 161 -1.73 22.03 -0.71
N ILE A 162 -0.83 21.52 0.12
CA ILE A 162 0.57 21.45 -0.29
C ILE A 162 0.66 20.35 -1.33
N GLY A 163 0.07 19.18 -1.04
CA GLY A 163 0.07 18.09 -2.02
C GLY A 163 -0.37 18.51 -3.39
N HIS A 164 -1.43 19.31 -3.46
CA HIS A 164 -2.04 19.67 -4.76
C HIS A 164 -1.29 20.81 -5.43
N LEU A 165 -0.70 21.73 -4.67
CA LEU A 165 -0.06 22.92 -5.26
C LEU A 165 1.45 22.75 -5.59
N LEU A 166 2.06 21.72 -5.06
CA LEU A 166 3.35 21.26 -5.56
C LEU A 166 3.20 20.82 -7.04
N ASP A 167 4.22 21.11 -7.85
CA ASP A 167 4.28 20.55 -9.20
C ASP A 167 4.31 19.03 -9.08
N PRO A 168 3.57 18.37 -9.97
CA PRO A 168 3.42 16.94 -9.91
C PRO A 168 4.77 16.26 -10.25
N SER A 169 5.76 17.04 -10.71
CA SER A 169 7.05 16.48 -11.00
C SER A 169 7.91 16.40 -9.70
N GLU A 170 7.36 16.88 -8.59
CA GLU A 170 8.08 16.82 -7.31
C GLU A 170 7.48 15.62 -6.58
N ARG A 171 7.81 14.42 -7.10
CA ARG A 171 7.19 13.15 -6.66
C ARG A 171 7.52 12.84 -5.20
N LYS A 172 8.78 13.02 -4.82
CA LYS A 172 9.16 12.76 -3.45
C LYS A 172 8.36 13.63 -2.49
N LEU A 173 8.43 14.94 -2.67
CA LEU A 173 7.70 15.90 -1.84
C LEU A 173 6.17 15.78 -1.87
N VAL A 174 5.59 15.54 -3.05
CA VAL A 174 4.15 15.29 -3.16
C VAL A 174 3.89 14.01 -2.38
N ASP A 175 4.78 13.03 -2.42
CA ASP A 175 4.47 11.82 -1.61
C ASP A 175 4.50 12.10 -0.10
N THR A 176 5.39 12.99 0.31
CA THR A 176 5.50 13.33 1.69
C THR A 176 4.25 14.09 2.12
N ALA A 177 3.85 15.06 1.32
CA ALA A 177 2.62 15.78 1.62
C ALA A 177 1.52 14.78 1.86
N ARG A 178 1.33 13.82 0.96
CA ARG A 178 0.24 12.82 1.09
C ARG A 178 0.29 12.01 2.36
N ASN A 179 1.49 11.64 2.81
CA ASN A 179 1.63 10.89 4.04
C ASN A 179 1.17 11.72 5.26
N PHE A 180 1.56 12.98 5.34
CA PHE A 180 1.04 13.87 6.35
C PHE A 180 -0.46 13.99 6.23
N SER A 181 -0.95 14.20 5.01
CA SER A 181 -2.38 14.32 4.80
C SER A 181 -3.11 13.09 5.39
N ASN A 182 -2.59 11.88 5.19
CA ASN A 182 -3.23 10.64 5.71
C ASN A 182 -3.10 10.53 7.24
N ASP A 183 -2.00 11.06 7.79
CA ASP A 183 -1.73 10.96 9.22
C ASP A 183 -2.78 11.79 9.97
N PHE A 184 -2.99 13.00 9.47
CA PHE A 184 -3.88 13.92 10.11
C PHE A 184 -5.32 13.57 9.84
N ASP A 185 -5.63 12.97 8.69
CA ASP A 185 -6.99 12.42 8.51
C ASP A 185 -7.23 11.59 9.73
N GLU A 186 -6.32 10.65 9.97
CA GLU A 186 -6.40 9.68 11.06
C GLU A 186 -6.41 10.26 12.51
N LEU A 187 -5.56 11.23 12.79
CA LEU A 187 -5.63 11.96 14.03
C LEU A 187 -6.96 12.73 14.23
N MET A 188 -7.48 13.32 13.15
CA MET A 188 -8.77 13.98 13.17
C MET A 188 -9.88 12.98 13.47
N TYR A 189 -9.81 11.80 12.89
CA TYR A 189 -10.88 10.86 13.16
C TYR A 189 -10.78 10.35 14.59
N GLN A 190 -9.58 10.31 15.16
CA GLN A 190 -9.45 9.94 16.56
C GLN A 190 -10.11 10.99 17.42
N ALA A 191 -9.89 12.28 17.10
CA ALA A 191 -10.50 13.38 17.86
C ALA A 191 -12.03 13.41 17.77
N ILE A 192 -12.58 13.08 16.60
CA ILE A 192 -14.00 13.08 16.44
C ILE A 192 -14.57 12.06 17.40
N ASP A 193 -14.09 10.83 17.37
CA ASP A 193 -14.51 9.82 18.32
C ASP A 193 -14.36 10.27 19.80
N LEU A 194 -13.22 10.89 20.13
CA LEU A 194 -12.95 11.32 21.48
C LEU A 194 -14.02 12.31 21.83
N GLU A 195 -14.39 13.14 20.87
CA GLU A 195 -15.30 14.24 21.11
C GLU A 195 -16.72 13.73 21.33
N SER A 196 -17.08 12.70 20.58
CA SER A 196 -18.39 12.07 20.70
C SER A 196 -18.49 11.35 22.03
N MET A 197 -17.39 10.75 22.48
CA MET A 197 -17.36 10.03 23.74
C MET A 197 -17.28 10.96 24.93
N LYS A 198 -17.41 12.26 24.71
CA LYS A 198 -17.25 13.14 25.86
C LYS A 198 -18.62 13.26 26.52
N PRO A 199 -18.70 13.68 27.80
CA PRO A 199 -17.64 14.07 28.74
C PRO A 199 -16.95 12.87 29.41
N GLN A 200 -17.49 11.68 29.21
CA GLN A 200 -16.84 10.48 29.70
C GLN A 200 -15.36 10.34 29.30
N SER A 201 -14.99 10.82 28.12
CA SER A 201 -13.64 10.56 27.61
C SER A 201 -12.68 11.59 28.15
N GLN A 202 -13.22 12.65 28.74
CA GLN A 202 -12.39 13.78 29.20
C GLN A 202 -11.67 13.50 30.54
N THR A 203 -11.14 12.27 30.67
CA THR A 203 -10.29 11.90 31.80
C THR A 203 -8.90 12.47 31.50
N ALA A 204 -8.12 12.74 32.55
CA ALA A 204 -6.79 13.30 32.36
C ALA A 204 -5.85 12.31 31.64
N PRO A 205 -5.97 10.99 31.92
CA PRO A 205 -5.10 10.09 31.19
C PRO A 205 -5.40 10.01 29.69
N LEU A 206 -6.67 9.96 29.29
CA LEU A 206 -7.05 9.97 27.85
C LEU A 206 -6.70 11.28 27.10
N LEU A 207 -6.89 12.44 27.72
CA LEU A 207 -6.47 13.72 27.11
C LEU A 207 -4.97 13.91 27.02
N ASP A 208 -4.25 13.34 27.97
CA ASP A 208 -2.81 13.41 27.99
C ASP A 208 -2.23 12.57 26.84
N GLN A 209 -2.75 11.34 26.65
CA GLN A 209 -2.35 10.51 25.52
C GLN A 209 -2.74 11.12 24.14
N PHE A 210 -3.98 11.55 24.01
CA PHE A 210 -4.46 12.36 22.88
C PHE A 210 -3.43 13.44 22.48
N LEU A 211 -3.14 14.37 23.38
CA LEU A 211 -2.22 15.46 23.06
C LEU A 211 -0.86 14.94 22.68
N ASP A 212 -0.42 13.92 23.39
CA ASP A 212 0.87 13.30 23.16
C ASP A 212 1.07 12.82 21.71
N GLN A 213 0.16 11.93 21.29
CA GLN A 213 0.05 11.52 19.92
C GLN A 213 -0.11 12.70 18.96
N ASN A 214 -1.00 13.61 19.26
CA ASN A 214 -1.13 14.79 18.42
C ASN A 214 0.20 15.54 18.23
N ARG A 215 0.99 15.68 19.31
CA ARG A 215 2.19 16.51 19.25
C ARG A 215 3.25 16.08 18.26
N VAL A 216 3.44 14.76 18.15
CA VAL A 216 4.54 14.27 17.30
C VAL A 216 4.24 14.58 15.83
N SER A 217 2.98 14.40 15.41
CA SER A 217 2.61 14.73 14.05
C SER A 217 2.65 16.24 13.76
N VAL A 218 2.18 17.06 14.71
CA VAL A 218 2.22 18.50 14.55
C VAL A 218 3.61 19.12 14.47
N ALA A 219 4.51 18.75 15.40
CA ALA A 219 5.89 19.21 15.34
C ALA A 219 6.48 18.74 14.00
N SER A 220 6.16 17.53 13.58
CA SER A 220 6.73 17.07 12.34
C SER A 220 6.17 17.84 11.10
N LEU A 221 4.86 18.07 11.01
CA LEU A 221 4.33 18.87 9.90
C LEU A 221 4.89 20.28 9.93
N ARG A 222 4.99 20.83 11.12
CA ARG A 222 5.52 22.18 11.34
C ARG A 222 6.90 22.29 10.71
N ASP A 223 7.71 21.28 10.98
CA ASP A 223 9.08 21.22 10.46
C ASP A 223 9.08 21.05 8.94
N PHE A 224 8.16 20.23 8.43
CA PHE A 224 8.07 20.00 6.99
C PHE A 224 7.68 21.29 6.31
N LYS A 225 6.70 21.99 6.89
CA LYS A 225 6.23 23.26 6.33
C LYS A 225 7.31 24.34 6.40
N LYS A 226 8.09 24.41 7.47
CA LYS A 226 9.24 25.38 7.51
C LYS A 226 10.27 25.03 6.43
N THR A 227 10.52 23.74 6.25
CA THR A 227 11.50 23.35 5.25
C THR A 227 11.01 23.71 3.83
N ALA A 228 9.76 23.42 3.55
CA ALA A 228 9.20 23.71 2.24
C ALA A 228 9.12 25.20 2.03
N ARG A 229 8.69 25.94 3.04
CA ARG A 229 8.76 27.37 2.95
C ARG A 229 10.14 27.79 2.47
N ASP A 230 11.21 27.43 3.19
CA ASP A 230 12.57 27.81 2.82
C ASP A 230 13.01 27.36 1.42
N LEU A 231 12.59 26.16 1.01
CA LEU A 231 12.88 25.71 -0.36
C LEU A 231 12.16 26.52 -1.44
N ILE A 232 10.96 27.00 -1.14
CA ILE A 232 10.26 27.87 -2.12
C ILE A 232 10.89 29.28 -2.21
N GLU A 233 11.28 29.86 -1.07
CA GLU A 233 11.87 31.20 -1.05
C GLU A 233 13.15 31.22 -1.82
N GLN A 234 13.91 30.14 -1.71
CA GLN A 234 15.15 29.88 -2.43
C GLN A 234 15.01 29.42 -3.90
N CYS A 235 13.80 29.02 -4.31
CA CYS A 235 13.57 28.62 -5.70
C CYS A 235 14.15 27.26 -5.99
N LYS A 236 14.09 26.40 -4.97
CA LYS A 236 14.73 25.13 -4.99
C LYS A 236 13.76 24.00 -5.36
N ILE A 237 12.49 24.20 -5.16
CA ILE A 237 11.50 23.24 -5.68
C ILE A 237 10.52 23.85 -6.69
N LYS A 238 9.69 23.01 -7.30
CA LYS A 238 8.79 23.43 -8.32
C LYS A 238 7.39 23.33 -7.80
N SER A 239 6.70 24.44 -7.90
CA SER A 239 5.38 24.52 -7.39
C SER A 239 4.73 25.80 -7.87
N ILE A 240 3.44 25.87 -7.58
CA ILE A 240 2.70 27.12 -7.68
C ILE A 240 2.27 27.60 -6.31
N ILE A 241 3.09 27.34 -5.30
CA ILE A 241 2.81 27.76 -3.92
C ILE A 241 3.47 29.12 -3.75
N HIS A 242 2.69 30.13 -3.42
CA HIS A 242 3.24 31.41 -3.15
C HIS A 242 4.00 31.25 -1.83
N PRO A 243 5.17 31.86 -1.75
CA PRO A 243 6.06 31.71 -0.61
C PRO A 243 5.38 32.20 0.67
N LEU A 244 4.45 33.14 0.49
CA LEU A 244 3.73 33.65 1.63
C LEU A 244 2.65 32.68 2.06
N LEU A 245 2.13 31.85 1.15
CA LEU A 245 1.15 30.81 1.56
C LEU A 245 1.91 29.78 2.39
N ALA A 246 3.08 29.39 1.92
CA ALA A 246 3.89 28.44 2.68
C ALA A 246 4.19 28.92 4.13
N ASP A 247 4.51 30.20 4.27
CA ASP A 247 4.80 30.72 5.58
C ASP A 247 3.54 30.85 6.45
N HIS A 248 2.41 31.14 5.78
CA HIS A 248 1.09 31.33 6.40
C HIS A 248 0.63 30.01 7.06
N VAL A 249 0.74 28.89 6.34
CA VAL A 249 0.40 27.61 6.97
C VAL A 249 1.48 27.10 7.95
N PHE A 250 2.73 27.60 7.86
CA PHE A 250 3.71 27.32 8.92
C PHE A 250 3.33 28.02 10.23
N ARG A 251 2.81 29.25 10.13
CA ARG A 251 2.43 30.00 11.35
C ARG A 251 1.21 29.36 11.98
N GLU A 252 0.29 28.91 11.16
CA GLU A 252 -0.85 28.24 11.75
C GLU A 252 -0.47 26.94 12.44
N ALA A 253 0.33 26.05 11.83
CA ALA A 253 0.82 24.86 12.57
C ALA A 253 1.55 25.21 13.86
N ASP A 254 2.43 26.19 13.79
CA ASP A 254 3.20 26.64 14.91
C ASP A 254 2.32 27.05 16.08
N ARG A 255 1.27 27.84 15.81
CA ARG A 255 0.33 28.21 16.87
C ARG A 255 -0.36 26.95 17.44
N PHE A 256 -0.77 26.01 16.59
CA PHE A 256 -1.42 24.77 17.10
C PHE A 256 -0.46 24.08 18.04
N LEU A 257 0.84 24.14 17.72
CA LEU A 257 1.83 23.53 18.57
C LEU A 257 1.97 24.20 19.95
N GLU A 258 1.90 25.53 20.05
CA GLU A 258 1.88 26.21 21.35
C GLU A 258 0.66 25.70 22.13
N ILE A 259 -0.53 25.78 21.53
CA ILE A 259 -1.72 25.28 22.16
C ILE A 259 -1.53 23.86 22.69
N ILE A 260 -0.97 22.96 21.89
CA ILE A 260 -0.77 21.58 22.36
C ILE A 260 0.21 21.53 23.56
N ASP A 261 1.34 22.20 23.41
CA ASP A 261 2.33 22.25 24.50
C ASP A 261 1.82 22.94 25.77
N MET A 262 1.08 24.05 25.64
CA MET A 262 0.53 24.69 26.84
C MET A 262 -0.56 23.85 27.49
N TYR A 263 -1.39 23.19 26.70
CA TYR A 263 -2.42 22.36 27.35
C TYR A 263 -1.78 21.22 28.08
N ASP A 264 -0.77 20.65 27.46
CA ASP A 264 0.00 19.59 28.06
C ASP A 264 0.53 19.97 29.45
N VAL A 265 1.14 21.15 29.59
CA VAL A 265 1.61 21.65 30.88
C VAL A 265 0.47 21.75 31.90
N HIS A 266 -0.56 22.53 31.55
CA HIS A 266 -1.66 22.79 32.44
C HIS A 266 -2.16 21.41 32.89
N LEU A 267 -2.16 20.45 31.96
CA LEU A 267 -2.57 19.06 32.25
C LEU A 267 -1.44 18.28 32.93
N VAL B 7 -3.29 9.97 -55.46
CA VAL B 7 -3.43 8.83 -54.49
C VAL B 7 -2.49 8.96 -53.28
N THR B 8 -1.18 8.83 -53.56
CA THR B 8 -0.11 9.07 -52.58
C THR B 8 -0.02 10.54 -52.17
N SER B 9 -0.24 11.46 -53.12
CA SER B 9 -0.35 12.89 -52.77
C SER B 9 -1.63 13.12 -51.95
N VAL B 10 -2.69 12.40 -52.27
CA VAL B 10 -3.90 12.52 -51.48
C VAL B 10 -3.68 12.08 -50.00
N MET B 11 -2.93 10.98 -49.79
CA MET B 11 -2.60 10.55 -48.43
CA MET B 11 -2.52 10.51 -48.45
C MET B 11 -1.71 11.55 -47.67
N PHE B 12 -0.74 12.17 -48.34
CA PHE B 12 -0.01 13.30 -47.76
C PHE B 12 -1.00 14.39 -47.27
N VAL B 13 -1.92 14.77 -48.14
CA VAL B 13 -2.88 15.82 -47.83
C VAL B 13 -3.83 15.45 -46.68
N GLU B 14 -4.40 14.26 -46.75
CA GLU B 14 -5.30 13.77 -45.72
C GLU B 14 -4.61 13.85 -44.35
N ARG B 15 -3.39 13.31 -44.28
CA ARG B 15 -2.60 13.24 -43.05
C ARG B 15 -2.21 14.60 -42.53
N SER B 16 -1.81 15.51 -43.42
CA SER B 16 -1.47 16.86 -43.04
C SER B 16 -2.63 17.58 -42.38
N LEU B 17 -3.82 17.38 -42.94
CA LEU B 17 -5.01 18.11 -42.46
C LEU B 17 -5.57 17.47 -41.18
N ASN B 18 -5.60 16.15 -41.11
CA ASN B 18 -5.81 15.50 -39.84
C ASN B 18 -4.80 15.99 -38.80
N GLU B 19 -3.53 15.90 -39.08
CA GLU B 19 -2.57 16.38 -38.05
C GLU B 19 -2.93 17.81 -37.68
N ILE B 20 -3.13 18.66 -38.69
CA ILE B 20 -3.28 20.09 -38.35
C ILE B 20 -4.64 20.41 -37.71
N ARG B 21 -5.68 19.76 -38.21
CA ARG B 21 -6.96 20.02 -37.62
C ARG B 21 -6.90 19.72 -36.13
N PHE B 22 -6.08 18.76 -35.73
CA PHE B 22 -6.19 18.25 -34.37
C PHE B 22 -5.35 19.12 -33.44
N TRP B 23 -4.08 19.31 -33.79
CA TRP B 23 -3.14 20.01 -32.92
C TRP B 23 -3.19 21.53 -33.02
N SER B 24 -3.77 22.03 -34.10
CA SER B 24 -4.03 23.45 -34.19
C SER B 24 -5.02 23.76 -33.10
N ARG B 25 -6.04 22.93 -32.93
CA ARG B 25 -6.98 23.12 -31.80
C ARG B 25 -6.33 23.05 -30.42
N ILE B 26 -5.49 22.05 -30.25
CA ILE B 26 -4.68 21.86 -29.04
C ILE B 26 -3.77 23.12 -28.74
N MET B 27 -3.07 23.63 -29.75
CA MET B 27 -2.14 24.75 -29.47
C MET B 27 -2.95 25.95 -29.09
N LYS B 28 -4.17 26.01 -29.62
CA LYS B 28 -5.02 27.18 -29.41
C LYS B 28 -5.51 27.21 -27.96
N GLU B 29 -6.15 26.11 -27.57
CA GLU B 29 -6.57 25.84 -26.23
C GLU B 29 -5.44 26.05 -25.21
N HIS B 30 -4.26 25.47 -25.43
CA HIS B 30 -3.10 25.74 -24.57
C HIS B 30 -2.91 27.22 -24.42
N SER B 31 -3.25 28.01 -25.43
CA SER B 31 -2.97 29.44 -25.31
C SER B 31 -3.89 29.99 -24.23
N PHE B 32 -5.05 29.39 -24.15
CA PHE B 32 -6.06 29.86 -23.27
C PHE B 32 -5.73 29.43 -21.87
N PHE B 33 -5.55 28.12 -21.71
CA PHE B 33 -5.14 27.52 -20.44
C PHE B 33 -4.01 28.29 -19.78
N LEU B 34 -2.90 28.49 -20.45
CA LEU B 34 -1.82 29.26 -19.90
C LEU B 34 -2.17 30.70 -19.53
N ARG B 35 -3.12 31.30 -20.25
CA ARG B 35 -3.44 32.71 -19.98
C ARG B 35 -4.17 32.75 -18.66
N LEU B 36 -5.06 31.80 -18.48
CA LEU B 36 -5.78 31.60 -17.23
C LEU B 36 -4.89 31.48 -16.01
N GLY B 37 -3.65 31.02 -16.20
CA GLY B 37 -2.80 30.73 -15.07
C GLY B 37 -1.84 31.91 -14.82
N PHE B 38 -1.77 32.85 -15.74
CA PHE B 38 -0.97 34.10 -15.56
C PHE B 38 -1.53 35.06 -14.50
N ARG B 39 -0.65 35.86 -13.91
CA ARG B 39 -1.11 36.86 -12.97
C ARG B 39 -1.74 38.00 -13.77
N CYS B 40 -2.72 38.69 -13.19
CA CYS B 40 -3.41 39.74 -13.90
C CYS B 40 -2.51 40.89 -14.33
N GLU B 41 -1.37 41.05 -13.64
CA GLU B 41 -0.43 42.14 -13.96
C GLU B 41 0.58 41.74 -15.03
N ASP B 42 0.58 40.47 -15.39
CA ASP B 42 1.44 40.01 -16.49
C ASP B 42 0.72 40.22 -17.82
N THR B 43 0.65 41.48 -18.24
CA THR B 43 -0.15 41.89 -19.41
C THR B 43 0.53 41.63 -20.75
N GLN B 44 1.85 41.83 -20.85
CA GLN B 44 2.55 41.46 -22.06
C GLN B 44 2.41 39.96 -22.37
N LEU B 45 2.55 39.12 -21.34
CA LEU B 45 2.39 37.66 -21.47
C LEU B 45 1.00 37.31 -21.89
N ILE B 46 0.01 37.93 -21.24
CA ILE B 46 -1.41 37.69 -21.55
C ILE B 46 -1.75 38.06 -22.96
N GLU B 47 -1.20 39.18 -23.42
CA GLU B 47 -1.38 39.63 -24.78
C GLU B 47 -0.71 38.65 -25.74
N GLU B 48 0.50 38.18 -25.39
CA GLU B 48 1.18 37.22 -26.29
C GLU B 48 0.43 35.91 -26.34
N ALA B 49 -0.11 35.47 -25.22
CA ALA B 49 -0.96 34.29 -25.24
C ALA B 49 -2.19 34.52 -26.10
N ASN B 50 -2.66 35.77 -26.12
CA ASN B 50 -3.89 36.09 -26.85
C ASN B 50 -3.75 36.09 -28.38
N GLN B 51 -2.61 36.56 -28.85
CA GLN B 51 -2.24 36.39 -30.26
C GLN B 51 -2.05 34.94 -30.69
N PHE B 52 -1.45 34.07 -29.85
CA PHE B 52 -1.29 32.69 -30.27
C PHE B 52 -2.67 31.98 -30.36
N TYR B 53 -3.57 32.34 -29.47
CA TYR B 53 -4.90 31.78 -29.50
C TYR B 53 -5.52 32.09 -30.87
N ARG B 54 -5.47 33.37 -31.23
CA ARG B 54 -6.00 33.87 -32.47
C ARG B 54 -5.31 33.27 -33.70
N LEU B 55 -3.99 33.08 -33.65
CA LEU B 55 -3.22 32.42 -34.75
C LEU B 55 -3.68 30.97 -34.97
N PHE B 56 -3.80 30.20 -33.90
CA PHE B 56 -4.23 28.80 -34.07
C PHE B 56 -5.68 28.67 -34.39
N GLU B 57 -6.48 29.67 -34.00
CA GLU B 57 -7.93 29.70 -34.30
C GLU B 57 -8.14 29.75 -35.82
N HIS B 58 -7.32 30.57 -36.43
CA HIS B 58 -7.34 30.83 -37.86
C HIS B 58 -6.71 29.67 -38.63
N ILE B 59 -5.59 29.15 -38.14
CA ILE B 59 -4.99 27.96 -38.73
C ILE B 59 -5.99 26.80 -38.71
N GLU B 60 -6.71 26.62 -37.59
CA GLU B 60 -7.73 25.56 -37.42
C GLU B 60 -8.87 25.78 -38.44
N GLN B 61 -9.25 27.04 -38.62
CA GLN B 61 -10.32 27.39 -39.54
C GLN B 61 -9.95 26.99 -40.95
N ILE B 62 -8.82 27.51 -41.41
CA ILE B 62 -8.29 27.14 -42.71
C ILE B 62 -8.08 25.63 -42.87
N ALA B 63 -7.64 24.96 -41.82
CA ALA B 63 -7.42 23.53 -41.90
C ALA B 63 -8.74 22.76 -42.14
N HIS B 64 -9.83 23.26 -41.56
CA HIS B 64 -11.14 22.68 -41.76
C HIS B 64 -11.79 23.07 -43.09
N SER B 65 -11.26 24.09 -43.75
CA SER B 65 -11.87 24.46 -45.04
C SER B 65 -11.13 23.77 -46.20
N TYR B 66 -9.82 23.63 -46.10
CA TYR B 66 -9.17 22.73 -47.03
C TYR B 66 -9.79 21.33 -46.95
N THR B 67 -9.57 20.57 -48.01
CA THR B 67 -10.19 19.26 -48.20
C THR B 67 -9.12 18.27 -48.66
N ASN B 68 -9.48 16.99 -48.80
CA ASN B 68 -8.59 15.99 -49.38
C ASN B 68 -8.24 16.28 -50.84
N GLU B 69 -9.14 17.01 -51.50
CA GLU B 69 -8.91 17.41 -52.88
C GLU B 69 -7.96 18.63 -53.01
N THR B 70 -7.64 19.28 -51.92
CA THR B 70 -6.77 20.45 -52.01
C THR B 70 -5.40 20.17 -52.64
N ASP B 71 -4.98 21.05 -53.54
CA ASP B 71 -3.71 20.88 -54.28
C ASP B 71 -2.51 20.71 -53.36
N PRO B 72 -1.79 19.59 -53.45
CA PRO B 72 -0.73 19.26 -52.51
C PRO B 72 0.32 20.35 -52.33
N GLU B 73 0.54 21.16 -53.35
CA GLU B 73 1.61 22.20 -53.27
C GLU B 73 1.24 23.26 -52.25
N GLN B 74 -0.05 23.44 -52.09
CA GLN B 74 -0.61 24.45 -51.23
C GLN B 74 -0.59 23.93 -49.79
N ILE B 75 -1.00 22.67 -49.61
CA ILE B 75 -0.87 21.95 -48.36
C ILE B 75 0.58 21.92 -47.90
N LYS B 76 1.48 21.64 -48.83
CA LYS B 76 2.86 21.67 -48.46
C LYS B 76 3.21 23.05 -47.93
N ARG B 77 2.78 24.11 -48.58
CA ARG B 77 3.13 25.45 -48.12
C ARG B 77 2.45 25.72 -46.79
N PHE B 78 1.28 25.10 -46.59
CA PHE B 78 0.52 25.28 -45.38
C PHE B 78 1.29 24.57 -44.21
N ASN B 79 1.78 23.35 -44.46
CA ASN B 79 2.53 22.65 -43.43
C ASN B 79 3.69 23.50 -42.93
N ALA B 80 4.43 24.14 -43.83
CA ALA B 80 5.67 24.83 -43.49
C ALA B 80 5.45 26.03 -42.58
N GLU B 81 4.32 26.68 -42.82
CA GLU B 81 3.94 27.94 -42.15
C GLU B 81 3.39 27.65 -40.77
N VAL B 82 2.60 26.58 -40.71
CA VAL B 82 2.09 26.13 -39.45
C VAL B 82 3.20 25.52 -38.58
N GLN B 83 4.22 24.93 -39.21
CA GLN B 83 5.36 24.47 -38.47
C GLN B 83 6.13 25.66 -37.92
N GLN B 84 6.02 26.84 -38.52
CA GLN B 84 6.76 28.00 -38.04
C GLN B 84 5.99 28.53 -36.87
N ALA B 85 4.69 28.34 -36.91
CA ALA B 85 3.82 28.78 -35.82
C ALA B 85 4.04 27.88 -34.56
N ALA B 86 4.09 26.57 -34.78
CA ALA B 86 4.48 25.56 -33.77
C ALA B 86 5.79 25.92 -33.10
N THR B 87 6.79 26.22 -33.92
CA THR B 87 8.10 26.64 -33.39
C THR B 87 8.00 27.87 -32.50
N ASN B 88 7.16 28.80 -32.89
CA ASN B 88 7.06 30.07 -32.19
C ASN B 88 6.32 29.95 -30.89
N ILE B 89 5.27 29.10 -30.81
CA ILE B 89 4.57 28.90 -29.55
C ILE B 89 5.42 28.00 -28.62
N TRP B 90 6.12 27.03 -29.18
CA TRP B 90 7.16 26.30 -28.41
C TRP B 90 8.10 27.28 -27.67
N GLY B 91 8.60 28.27 -28.40
CA GLY B 91 9.56 29.26 -27.85
C GLY B 91 8.87 30.02 -26.74
N PHE B 92 7.62 30.37 -26.97
CA PHE B 92 6.83 31.06 -25.96
C PHE B 92 6.65 30.21 -24.67
N LYS B 93 6.15 28.99 -24.85
CA LYS B 93 6.02 28.04 -23.74
C LYS B 93 7.33 27.86 -22.96
N ARG B 94 8.45 27.89 -23.65
CA ARG B 94 9.75 27.72 -22.98
C ARG B 94 10.21 28.97 -22.21
N LYS B 95 9.85 30.13 -22.75
CA LYS B 95 10.11 31.45 -22.16
C LYS B 95 9.36 31.44 -20.82
N ILE B 96 8.10 31.00 -20.86
CA ILE B 96 7.26 31.02 -19.65
C ILE B 96 7.83 30.10 -18.59
N LEU B 97 8.30 28.93 -19.03
CA LEU B 97 8.83 27.88 -18.15
C LEU B 97 10.03 28.51 -17.46
N GLY B 98 10.90 29.13 -18.25
CA GLY B 98 12.00 29.90 -17.65
C GLY B 98 11.51 30.85 -16.58
N LEU B 99 10.43 31.58 -16.81
CA LEU B 99 10.07 32.66 -15.86
C LEU B 99 9.64 32.08 -14.56
N ILE B 100 8.89 31.00 -14.65
CA ILE B 100 8.44 30.29 -13.48
C ILE B 100 9.60 29.64 -12.69
N LEU B 101 10.50 28.95 -13.40
CA LEU B 101 11.55 28.19 -12.73
C LEU B 101 12.56 29.14 -12.16
N THR B 102 12.53 30.42 -12.56
CA THR B 102 13.41 31.38 -11.87
C THR B 102 12.62 32.18 -10.84
N CYS B 103 11.40 31.73 -10.55
CA CYS B 103 10.53 32.36 -9.54
C CYS B 103 10.18 33.83 -9.77
N LYS B 104 10.05 34.25 -11.00
CA LYS B 104 9.81 35.63 -11.30
C LYS B 104 8.32 36.02 -11.41
N LEU B 105 7.42 35.05 -11.21
CA LEU B 105 5.98 35.30 -11.31
C LEU B 105 5.26 34.77 -10.06
N PRO B 106 5.68 35.24 -8.87
CA PRO B 106 5.08 34.77 -7.62
C PRO B 106 3.60 34.99 -7.69
N GLY B 107 2.81 33.93 -7.55
CA GLY B 107 1.37 34.05 -7.72
C GLY B 107 0.78 33.32 -8.91
N GLN B 108 1.58 33.12 -9.97
CA GLN B 108 1.05 32.44 -11.15
C GLN B 108 0.59 31.01 -10.82
N ASN B 109 -0.15 30.41 -11.73
CA ASN B 109 -0.90 29.20 -11.42
C ASN B 109 -0.68 28.10 -12.45
N ASN B 110 0.32 28.28 -13.30
CA ASN B 110 0.60 27.28 -14.31
C ASN B 110 1.60 26.33 -13.71
N PHE B 111 1.26 25.04 -13.65
CA PHE B 111 2.28 24.06 -13.25
C PHE B 111 3.46 24.10 -14.24
N PRO B 112 4.72 24.18 -13.75
CA PRO B 112 5.82 24.06 -14.74
C PRO B 112 5.76 22.73 -15.50
N LEU B 113 5.23 21.70 -14.84
CA LEU B 113 5.13 20.46 -15.56
C LEU B 113 4.17 20.68 -16.71
N LEU B 114 3.12 21.47 -16.50
CA LEU B 114 2.14 21.68 -17.56
C LEU B 114 2.75 22.47 -18.69
N VAL B 115 3.45 23.55 -18.36
CA VAL B 115 4.11 24.33 -19.40
C VAL B 115 5.00 23.39 -20.18
N ASP B 116 5.86 22.66 -19.51
CA ASP B 116 6.74 21.74 -20.23
C ASP B 116 5.95 20.69 -21.00
N HIS B 117 4.87 20.20 -20.43
CA HIS B 117 3.99 19.23 -21.16
C HIS B 117 3.46 19.87 -22.44
N THR B 118 2.85 21.05 -22.33
CA THR B 118 2.37 21.74 -23.54
C THR B 118 3.44 21.88 -24.63
N SER B 119 4.69 22.10 -24.24
CA SER B 119 5.75 22.39 -25.22
C SER B 119 6.25 21.10 -25.85
N ARG B 120 6.16 20.01 -25.09
CA ARG B 120 6.47 18.74 -25.72
C ARG B 120 5.47 18.43 -26.82
N GLU B 121 4.21 18.75 -26.61
CA GLU B 121 3.18 18.61 -27.66
C GLU B 121 3.42 19.61 -28.78
N ALA B 122 3.92 20.81 -28.48
CA ALA B 122 4.27 21.78 -29.55
C ALA B 122 5.35 21.17 -30.44
N ASP B 123 6.35 20.58 -29.79
CA ASP B 123 7.48 19.93 -30.48
C ASP B 123 7.08 18.73 -31.34
N TYR B 124 6.27 17.86 -30.78
CA TYR B 124 5.66 16.77 -31.53
C TYR B 124 5.04 17.28 -32.83
N PHE B 125 4.11 18.24 -32.72
CA PHE B 125 3.44 18.85 -33.87
C PHE B 125 4.44 19.39 -34.91
N ARG B 126 5.42 20.17 -34.47
CA ARG B 126 6.45 20.69 -35.36
C ARG B 126 7.23 19.59 -36.09
N LYS B 127 7.61 18.53 -35.40
CA LYS B 127 8.35 17.43 -36.03
C LYS B 127 7.48 16.54 -36.96
N ARG B 128 6.20 16.40 -36.66
CA ARG B 128 5.32 15.66 -37.56
C ARG B 128 5.23 16.39 -38.91
N LEU B 129 5.27 17.72 -38.89
CA LEU B 129 5.02 18.47 -40.10
C LEU B 129 6.23 18.40 -41.01
N ILE B 130 7.41 18.30 -40.42
CA ILE B 130 8.65 18.12 -41.16
C ILE B 130 8.70 16.70 -41.72
N GLN B 131 8.24 15.72 -40.96
CA GLN B 131 8.15 14.36 -41.51
C GLN B 131 7.28 14.40 -42.75
N LEU B 132 6.13 15.04 -42.65
CA LEU B 132 5.17 15.02 -43.75
C LEU B 132 5.72 15.73 -44.97
N ASN B 133 6.28 16.93 -44.77
CA ASN B 133 6.91 17.66 -45.85
C ASN B 133 8.15 17.00 -46.47
N GLU B 134 8.99 16.34 -45.68
CA GLU B 134 10.19 15.71 -46.22
C GLU B 134 9.99 14.23 -46.66
N GLY B 135 8.78 13.69 -46.56
CA GLY B 135 8.58 12.31 -47.02
C GLY B 135 9.37 11.37 -46.12
N LYS B 136 9.33 11.63 -44.80
CA LYS B 136 10.17 10.92 -43.85
C LYS B 136 9.38 10.46 -42.58
N LEU B 137 8.17 10.00 -42.79
CA LEU B 137 7.42 9.32 -41.73
C LEU B 137 8.16 8.07 -41.25
N ASP B 138 8.03 7.78 -39.95
CA ASP B 138 8.51 6.53 -39.35
C ASP B 138 7.95 5.29 -40.06
N ALA B 139 8.76 4.26 -40.24
CA ALA B 139 8.23 2.90 -40.56
C ALA B 139 7.49 2.39 -39.31
N LEU B 140 6.65 1.38 -39.53
CA LEU B 140 5.72 0.86 -38.52
C LEU B 140 6.41 0.51 -37.21
N PRO B 141 7.51 -0.25 -37.27
CA PRO B 141 8.19 -0.66 -36.04
C PRO B 141 8.59 0.50 -35.18
N ASP B 142 9.25 1.51 -35.77
CA ASP B 142 9.69 2.73 -35.04
C ASP B 142 8.51 3.61 -34.67
N ALA B 143 7.54 3.71 -35.57
CA ALA B 143 6.37 4.50 -35.25
C ALA B 143 5.79 3.98 -33.94
N ILE B 144 5.55 2.67 -33.87
CA ILE B 144 4.88 2.08 -32.72
C ILE B 144 5.59 2.38 -31.40
N ILE B 145 6.90 2.33 -31.43
CA ILE B 145 7.63 2.59 -30.21
C ILE B 145 7.68 4.11 -29.90
N LYS B 146 8.01 4.95 -30.89
CA LYS B 146 8.06 6.43 -30.68
C LYS B 146 6.74 7.08 -30.29
N GLU B 147 5.65 6.58 -30.85
CA GLU B 147 4.38 7.23 -30.55
C GLU B 147 3.92 6.88 -29.13
N ASN B 148 3.90 5.60 -28.78
CA ASN B 148 3.61 5.15 -27.41
C ASN B 148 4.58 5.80 -26.37
N VAL B 149 5.86 5.77 -26.61
CA VAL B 149 6.74 6.41 -25.67
C VAL B 149 6.28 7.86 -25.42
N PHE B 150 5.89 8.57 -26.46
CA PHE B 150 5.49 9.98 -26.30
C PHE B 150 4.17 10.09 -25.56
N PHE B 151 3.18 9.37 -26.05
CA PHE B 151 1.84 9.46 -25.55
C PHE B 151 1.67 8.88 -24.17
N LEU B 152 2.47 7.86 -23.83
CA LEU B 152 2.35 7.28 -22.51
C LEU B 152 2.77 8.31 -21.51
N ARG B 153 3.76 9.15 -21.85
CA ARG B 153 4.21 10.15 -20.93
C ARG B 153 3.10 11.17 -20.80
N ILE B 154 2.39 11.42 -21.90
CA ILE B 154 1.31 12.40 -21.89
C ILE B 154 0.14 11.99 -21.05
N MET B 155 -0.29 10.72 -21.14
CA MET B 155 -1.41 10.20 -20.35
C MET B 155 -1.02 10.26 -18.86
N ALA B 156 0.25 9.96 -18.57
CA ALA B 156 0.75 9.98 -17.17
C ALA B 156 0.61 11.36 -16.56
N ASP B 157 1.09 12.37 -17.29
CA ASP B 157 1.02 13.75 -16.88
C ASP B 157 -0.44 14.11 -16.64
N HIS B 158 -1.31 13.72 -17.58
CA HIS B 158 -2.74 14.09 -17.52
C HIS B 158 -3.33 13.60 -16.20
N ALA B 159 -3.13 12.32 -15.90
CA ALA B 159 -3.63 11.75 -14.64
C ALA B 159 -3.17 12.61 -13.44
N LYS B 160 -1.97 13.14 -13.54
CA LYS B 160 -1.47 13.97 -12.48
C LYS B 160 -2.25 15.23 -12.46
N PHE B 161 -2.47 15.84 -13.60
CA PHE B 161 -3.17 17.14 -13.61
C PHE B 161 -4.57 17.01 -13.07
N ILE B 162 -5.31 16.02 -13.56
CA ILE B 162 -6.61 15.77 -13.02
C ILE B 162 -6.50 15.71 -11.51
N GLY B 163 -5.62 14.87 -10.95
CA GLY B 163 -5.56 14.62 -9.51
C GLY B 163 -5.24 15.91 -8.78
N HIS B 164 -4.29 16.70 -9.30
CA HIS B 164 -3.98 17.98 -8.63
C HIS B 164 -5.08 19.07 -8.73
N LEU B 165 -5.93 18.98 -9.76
CA LEU B 165 -6.87 20.04 -10.09
C LEU B 165 -8.27 19.68 -9.56
N LEU B 166 -8.47 18.43 -9.22
CA LEU B 166 -9.65 18.05 -8.47
C LEU B 166 -9.58 18.65 -7.10
N ASP B 167 -10.71 19.09 -6.58
CA ASP B 167 -10.69 19.60 -5.24
C ASP B 167 -10.23 18.49 -4.33
N PRO B 168 -9.39 18.82 -3.38
CA PRO B 168 -9.00 17.76 -2.46
C PRO B 168 -10.17 17.08 -1.75
N SER B 169 -11.34 17.73 -1.62
CA SER B 169 -12.44 17.08 -0.95
C SER B 169 -12.96 15.87 -1.74
N GLU B 170 -12.71 15.86 -3.05
CA GLU B 170 -13.07 14.73 -3.94
C GLU B 170 -12.10 13.58 -3.83
N ARG B 171 -12.11 12.93 -2.69
CA ARG B 171 -11.05 12.01 -2.35
C ARG B 171 -11.06 10.75 -3.18
N LYS B 172 -12.25 10.31 -3.55
CA LYS B 172 -12.35 9.10 -4.31
C LYS B 172 -11.79 9.27 -5.73
N LEU B 173 -12.24 10.33 -6.37
CA LEU B 173 -11.82 10.71 -7.69
C LEU B 173 -10.33 11.03 -7.73
N VAL B 174 -9.81 11.69 -6.69
CA VAL B 174 -8.36 11.96 -6.61
C VAL B 174 -7.64 10.61 -6.54
N ASP B 175 -8.26 9.63 -5.94
CA ASP B 175 -7.58 8.36 -5.76
C ASP B 175 -7.57 7.58 -7.06
N THR B 176 -8.59 7.77 -7.88
CA THR B 176 -8.66 7.11 -9.18
C THR B 176 -7.67 7.72 -10.14
N ALA B 177 -7.61 9.05 -10.19
CA ALA B 177 -6.61 9.71 -11.00
C ALA B 177 -5.24 9.17 -10.65
N ARG B 178 -4.96 9.10 -9.35
CA ARG B 178 -3.64 8.71 -8.85
C ARG B 178 -3.33 7.26 -9.24
N ASN B 179 -4.26 6.34 -9.07
CA ASN B 179 -4.13 5.01 -9.65
C ASN B 179 -3.78 5.02 -11.15
N PHE B 180 -4.62 5.67 -11.96
CA PHE B 180 -4.27 5.88 -13.36
C PHE B 180 -2.86 6.46 -13.49
N SER B 181 -2.51 7.44 -12.67
CA SER B 181 -1.12 7.99 -12.75
C SER B 181 -0.01 6.92 -12.54
N ASN B 182 -0.16 6.13 -11.48
CA ASN B 182 0.72 5.01 -11.21
C ASN B 182 0.74 4.03 -12.34
N ASP B 183 -0.45 3.71 -12.88
CA ASP B 183 -0.56 2.76 -13.97
C ASP B 183 0.23 3.21 -15.19
N PHE B 184 0.20 4.50 -15.47
CA PHE B 184 0.85 5.00 -16.68
C PHE B 184 2.33 5.32 -16.51
N ASP B 185 2.73 5.77 -15.30
CA ASP B 185 4.19 5.72 -15.01
C ASP B 185 4.75 4.30 -15.38
N GLU B 186 4.06 3.27 -14.94
CA GLU B 186 4.50 1.89 -15.16
C GLU B 186 4.61 1.49 -16.65
N LEU B 187 3.58 1.77 -17.46
CA LEU B 187 3.60 1.49 -18.91
C LEU B 187 4.66 2.34 -19.61
N MET B 188 4.74 3.64 -19.24
CA MET B 188 5.83 4.51 -19.76
C MET B 188 7.18 3.87 -19.55
N TYR B 189 7.43 3.36 -18.33
CA TYR B 189 8.73 2.77 -18.09
CA TYR B 189 8.70 2.68 -17.99
C TYR B 189 8.92 1.44 -18.83
N GLN B 190 7.86 0.64 -19.04
CA GLN B 190 7.97 -0.50 -19.95
C GLN B 190 8.34 0.02 -21.37
N ALA B 191 7.63 1.03 -21.84
CA ALA B 191 7.92 1.60 -23.12
C ALA B 191 9.38 2.10 -23.32
N ILE B 192 9.96 2.71 -22.29
CA ILE B 192 11.38 3.14 -22.30
C ILE B 192 12.37 1.95 -22.35
N ASP B 193 12.11 0.86 -21.63
CA ASP B 193 12.93 -0.36 -21.81
C ASP B 193 12.80 -1.02 -23.15
N LEU B 194 11.59 -1.05 -23.72
CA LEU B 194 11.39 -1.59 -25.08
C LEU B 194 12.20 -0.74 -26.08
N GLU B 195 12.10 0.55 -25.89
CA GLU B 195 12.78 1.43 -26.76
C GLU B 195 14.27 1.27 -26.72
N SER B 196 14.82 1.03 -25.53
CA SER B 196 16.27 0.89 -25.48
C SER B 196 16.75 -0.41 -26.11
N MET B 197 15.86 -1.43 -26.03
CA MET B 197 16.09 -2.78 -26.54
C MET B 197 15.81 -2.82 -28.03
N LYS B 198 15.44 -1.69 -28.63
CA LYS B 198 15.34 -1.68 -30.08
C LYS B 198 16.74 -1.62 -30.75
N PRO B 199 16.88 -2.15 -31.98
CA PRO B 199 15.85 -2.78 -32.82
C PRO B 199 15.56 -4.20 -32.46
N GLN B 200 16.29 -4.78 -31.51
CA GLN B 200 16.10 -6.19 -31.12
C GLN B 200 14.71 -6.53 -30.56
N SER B 201 14.10 -5.54 -29.90
CA SER B 201 12.82 -5.69 -29.27
C SER B 201 11.68 -5.45 -30.25
N GLN B 202 12.01 -5.22 -31.51
CA GLN B 202 10.99 -4.87 -32.51
C GLN B 202 10.47 -6.10 -33.26
N THR B 203 10.07 -7.13 -32.53
CA THR B 203 9.44 -8.25 -33.14
C THR B 203 7.95 -8.03 -33.17
N ALA B 204 7.34 -8.54 -34.21
CA ALA B 204 5.89 -8.46 -34.29
C ALA B 204 5.26 -8.94 -32.99
N PRO B 205 5.69 -10.10 -32.46
CA PRO B 205 5.07 -10.59 -31.19
C PRO B 205 5.22 -9.65 -29.99
N LEU B 206 6.41 -9.08 -29.79
CA LEU B 206 6.59 -8.18 -28.65
C LEU B 206 5.84 -6.87 -28.89
N LEU B 207 5.75 -6.42 -30.14
CA LEU B 207 5.04 -5.16 -30.45
C LEU B 207 3.52 -5.27 -30.31
N ASP B 208 2.97 -6.45 -30.62
CA ASP B 208 1.54 -6.72 -30.53
C ASP B 208 1.12 -6.74 -29.06
N GLN B 209 1.91 -7.39 -28.22
CA GLN B 209 1.64 -7.42 -26.80
C GLN B 209 1.78 -6.04 -26.14
N PHE B 210 2.78 -5.27 -26.59
CA PHE B 210 3.01 -3.92 -26.08
C PHE B 210 1.72 -3.10 -26.35
N LEU B 211 1.22 -3.14 -27.57
CA LEU B 211 0.00 -2.44 -27.94
C LEU B 211 -1.23 -2.90 -27.17
N ASP B 212 -1.43 -4.21 -27.08
CA ASP B 212 -2.54 -4.80 -26.32
C ASP B 212 -2.53 -4.32 -24.89
N GLN B 213 -1.38 -4.41 -24.24
CA GLN B 213 -1.27 -4.06 -22.84
C GLN B 213 -1.51 -2.60 -22.58
N ASN B 214 -1.11 -1.76 -23.51
CA ASN B 214 -1.31 -0.31 -23.38
C ASN B 214 -2.77 0.08 -23.62
N ARG B 215 -3.41 -0.61 -24.55
CA ARG B 215 -4.75 -0.27 -24.98
C ARG B 215 -5.79 -0.48 -23.86
N VAL B 216 -5.63 -1.51 -23.06
CA VAL B 216 -6.53 -1.73 -21.94
C VAL B 216 -6.57 -0.46 -21.09
N SER B 217 -5.37 -0.01 -20.69
CA SER B 217 -5.21 1.22 -19.90
C SER B 217 -5.74 2.51 -20.56
N VAL B 218 -5.49 2.69 -21.85
CA VAL B 218 -5.76 3.97 -22.51
C VAL B 218 -7.24 4.09 -22.74
N ALA B 219 -7.89 2.96 -23.02
CA ALA B 219 -9.33 2.92 -23.19
C ALA B 219 -9.97 3.27 -21.87
N SER B 220 -9.45 2.67 -20.82
CA SER B 220 -9.99 2.89 -19.48
C SER B 220 -9.83 4.35 -19.04
N LEU B 221 -8.67 4.95 -19.30
CA LEU B 221 -8.50 6.34 -18.92
C LEU B 221 -9.35 7.24 -19.77
N ARG B 222 -9.64 6.79 -21.01
CA ARG B 222 -10.42 7.59 -21.95
C ARG B 222 -11.84 7.75 -21.45
N ASP B 223 -12.44 6.63 -21.02
CA ASP B 223 -13.74 6.64 -20.33
C ASP B 223 -13.75 7.57 -19.15
N PHE B 224 -12.71 7.49 -18.33
CA PHE B 224 -12.63 8.29 -17.12
C PHE B 224 -12.60 9.79 -17.39
N LYS B 225 -11.83 10.18 -18.39
CA LYS B 225 -11.67 11.57 -18.78
C LYS B 225 -12.97 12.10 -19.41
N LYS B 226 -13.76 11.21 -19.99
CA LYS B 226 -15.05 11.60 -20.58
C LYS B 226 -16.09 11.81 -19.47
N THR B 227 -16.24 10.82 -18.60
CA THR B 227 -17.05 10.99 -17.43
C THR B 227 -16.67 12.23 -16.61
N ALA B 228 -15.38 12.36 -16.25
CA ALA B 228 -14.96 13.57 -15.55
C ALA B 228 -15.40 14.85 -16.29
N ARG B 229 -15.16 14.90 -17.60
CA ARG B 229 -15.61 16.03 -18.41
C ARG B 229 -17.11 16.29 -18.25
N ASP B 230 -17.93 15.23 -18.33
CA ASP B 230 -19.38 15.37 -18.22
C ASP B 230 -19.76 15.83 -16.79
N LEU B 231 -19.16 15.24 -15.76
CA LEU B 231 -19.43 15.63 -14.39
C LEU B 231 -19.14 17.09 -14.15
N ILE B 232 -18.06 17.59 -14.73
CA ILE B 232 -17.66 19.00 -14.59
C ILE B 232 -18.62 19.95 -15.33
N GLU B 233 -18.92 19.65 -16.59
CA GLU B 233 -19.91 20.42 -17.36
C GLU B 233 -21.27 20.45 -16.63
N GLN B 234 -21.56 19.38 -15.90
CA GLN B 234 -22.85 19.26 -15.25
C GLN B 234 -22.77 19.82 -13.86
N CYS B 235 -21.57 20.19 -13.44
CA CYS B 235 -21.37 20.72 -12.10
C CYS B 235 -21.52 19.72 -11.00
N LYS B 236 -21.27 18.44 -11.28
CA LYS B 236 -21.51 17.44 -10.26
C LYS B 236 -20.32 17.16 -9.33
N ILE B 237 -19.18 17.85 -9.53
CA ILE B 237 -17.99 17.57 -8.75
C ILE B 237 -17.15 18.83 -8.53
N LYS B 238 -16.29 18.80 -7.54
CA LYS B 238 -15.59 20.01 -7.15
C LYS B 238 -14.17 19.97 -7.72
N SER B 239 -13.82 21.03 -8.45
CA SER B 239 -12.51 21.11 -9.08
C SER B 239 -12.10 22.51 -9.47
N ILE B 240 -10.88 22.62 -9.95
CA ILE B 240 -10.52 23.84 -10.65
C ILE B 240 -10.14 23.47 -12.07
N ILE B 241 -10.91 22.55 -12.62
CA ILE B 241 -10.66 22.08 -13.98
C ILE B 241 -11.64 22.75 -14.92
N HIS B 242 -11.18 23.65 -15.76
CA HIS B 242 -12.07 24.29 -16.72
C HIS B 242 -12.69 23.19 -17.59
N PRO B 243 -14.01 23.24 -17.85
CA PRO B 243 -14.62 22.11 -18.60
C PRO B 243 -13.87 21.77 -19.89
N LEU B 244 -13.39 22.80 -20.59
CA LEU B 244 -12.68 22.63 -21.85
C LEU B 244 -11.39 21.87 -21.67
N LEU B 245 -10.74 22.02 -20.51
CA LEU B 245 -9.48 21.34 -20.25
C LEU B 245 -9.76 19.84 -20.15
N ALA B 246 -10.76 19.48 -19.38
CA ALA B 246 -11.18 18.11 -19.36
C ALA B 246 -11.42 17.56 -20.78
N ASP B 247 -12.16 18.30 -21.60
CA ASP B 247 -12.43 17.87 -22.97
C ASP B 247 -11.19 17.69 -23.80
N HIS B 248 -10.24 18.60 -23.62
CA HIS B 248 -8.98 18.65 -24.34
C HIS B 248 -8.18 17.37 -24.13
N VAL B 249 -8.06 16.94 -22.87
CA VAL B 249 -7.22 15.82 -22.48
C VAL B 249 -7.92 14.49 -22.86
N PHE B 250 -9.26 14.55 -22.86
CA PHE B 250 -10.08 13.45 -23.43
C PHE B 250 -9.77 13.27 -24.92
N ARG B 251 -9.64 14.38 -25.66
CA ARG B 251 -9.40 14.26 -27.11
C ARG B 251 -7.99 13.73 -27.37
N GLU B 252 -7.03 14.14 -26.55
CA GLU B 252 -5.68 13.59 -26.65
C GLU B 252 -5.67 12.12 -26.32
N ALA B 253 -6.34 11.69 -25.26
CA ALA B 253 -6.48 10.22 -25.02
C ALA B 253 -7.11 9.52 -26.19
N ASP B 254 -8.12 10.14 -26.79
CA ASP B 254 -8.87 9.51 -27.91
C ASP B 254 -7.97 9.38 -29.17
N ARG B 255 -7.28 10.46 -29.50
CA ARG B 255 -6.19 10.44 -30.48
C ARG B 255 -5.24 9.25 -30.25
N PHE B 256 -4.69 9.14 -29.05
CA PHE B 256 -3.73 8.06 -28.74
C PHE B 256 -4.37 6.68 -28.92
N LEU B 257 -5.62 6.52 -28.50
CA LEU B 257 -6.29 5.23 -28.70
C LEU B 257 -6.51 4.85 -30.20
N GLU B 258 -6.76 5.88 -31.01
CA GLU B 258 -6.85 5.73 -32.44
C GLU B 258 -5.58 5.18 -33.05
N ILE B 259 -4.46 5.86 -32.74
CA ILE B 259 -3.13 5.43 -33.17
C ILE B 259 -2.83 3.98 -32.78
N ILE B 260 -3.16 3.58 -31.55
CA ILE B 260 -2.95 2.19 -31.12
C ILE B 260 -3.81 1.22 -31.95
N ASP B 261 -5.05 1.56 -32.20
CA ASP B 261 -5.89 0.71 -33.05
C ASP B 261 -5.35 0.65 -34.51
N MET B 262 -5.12 1.81 -35.14
CA MET B 262 -4.58 1.81 -36.47
CA MET B 262 -4.51 1.89 -36.48
C MET B 262 -3.29 1.00 -36.57
N TYR B 263 -2.39 1.10 -35.59
CA TYR B 263 -1.17 0.26 -35.59
C TYR B 263 -1.42 -1.21 -35.27
N ASP B 264 -2.32 -1.52 -34.35
CA ASP B 264 -2.62 -2.92 -34.09
C ASP B 264 -3.10 -3.51 -35.41
N VAL B 265 -4.08 -2.87 -36.03
CA VAL B 265 -4.50 -3.27 -37.39
C VAL B 265 -3.35 -3.47 -38.40
N HIS B 266 -2.43 -2.51 -38.53
CA HIS B 266 -1.42 -2.59 -39.58
C HIS B 266 -0.35 -3.61 -39.30
N LEU B 267 -0.23 -4.02 -38.03
CA LEU B 267 0.69 -5.03 -37.59
C LEU B 267 0.08 -6.42 -37.88
N THR B 268 -1.23 -6.55 -37.69
CA THR B 268 -1.96 -7.81 -37.87
C THR B 268 -2.31 -8.06 -39.33
N MET C 11 41.52 17.39 -16.67
CA MET C 11 42.86 16.74 -16.87
C MET C 11 42.73 15.48 -17.72
N PHE C 12 43.19 15.58 -18.97
CA PHE C 12 42.94 14.55 -19.99
C PHE C 12 43.47 13.15 -19.63
N VAL C 13 44.71 13.07 -19.18
CA VAL C 13 45.30 11.78 -18.84
C VAL C 13 44.65 11.20 -17.60
N GLU C 14 44.60 11.98 -16.53
CA GLU C 14 43.97 11.59 -15.27
C GLU C 14 42.61 10.96 -15.47
N ARG C 15 41.82 11.64 -16.29
CA ARG C 15 40.43 11.34 -16.36
C ARG C 15 40.30 10.11 -17.25
N SER C 16 41.13 10.03 -18.28
CA SER C 16 41.10 8.84 -19.13
C SER C 16 41.41 7.60 -18.33
N LEU C 17 42.49 7.70 -17.58
CA LEU C 17 42.99 6.54 -16.82
C LEU C 17 41.96 6.10 -15.79
N ASN C 18 41.34 7.08 -15.12
CA ASN C 18 40.29 6.85 -14.13
C ASN C 18 39.10 6.11 -14.72
N GLU C 19 38.58 6.67 -15.81
CA GLU C 19 37.52 6.07 -16.56
C GLU C 19 37.86 4.67 -17.05
N ILE C 20 39.03 4.51 -17.67
CA ILE C 20 39.42 3.20 -18.17
C ILE C 20 39.61 2.20 -17.05
N ARG C 21 40.39 2.55 -16.03
CA ARG C 21 40.55 1.62 -14.89
C ARG C 21 39.20 1.13 -14.34
N PHE C 22 38.21 2.01 -14.30
CA PHE C 22 36.93 1.60 -13.72
C PHE C 22 36.14 0.79 -14.73
N TRP C 23 35.86 1.37 -15.87
CA TRP C 23 34.92 0.72 -16.75
C TRP C 23 35.47 -0.52 -17.42
N SER C 24 36.81 -0.65 -17.50
CA SER C 24 37.37 -1.86 -18.08
C SER C 24 37.13 -3.05 -17.19
N ARG C 25 37.27 -2.85 -15.88
CA ARG C 25 36.94 -3.90 -14.93
C ARG C 25 35.48 -4.31 -15.01
N ILE C 26 34.62 -3.30 -15.18
CA ILE C 26 33.22 -3.50 -15.38
C ILE C 26 32.94 -4.33 -16.62
N MET C 27 33.49 -3.95 -17.76
CA MET C 27 33.24 -4.76 -18.99
C MET C 27 33.76 -6.21 -18.86
N LYS C 28 34.91 -6.35 -18.20
CA LYS C 28 35.45 -7.67 -17.95
C LYS C 28 34.48 -8.46 -17.08
N GLU C 29 33.98 -7.84 -16.04
CA GLU C 29 33.04 -8.51 -15.20
C GLU C 29 31.76 -8.88 -15.95
N HIS C 30 31.16 -7.97 -16.71
CA HIS C 30 30.02 -8.35 -17.57
C HIS C 30 30.29 -9.61 -18.37
N SER C 31 31.47 -9.69 -18.97
CA SER C 31 31.84 -10.85 -19.80
C SER C 31 31.70 -12.18 -19.03
N PHE C 32 32.09 -12.13 -17.77
CA PHE C 32 31.95 -13.24 -16.92
C PHE C 32 30.50 -13.51 -16.58
N PHE C 33 29.71 -12.50 -16.21
CA PHE C 33 28.30 -12.75 -15.87
C PHE C 33 27.50 -13.24 -17.07
N LEU C 34 27.74 -12.64 -18.22
CA LEU C 34 27.05 -13.09 -19.38
C LEU C 34 27.34 -14.58 -19.63
N ARG C 35 28.59 -15.02 -19.55
CA ARG C 35 28.84 -16.44 -19.84
C ARG C 35 28.12 -17.36 -18.87
N LEU C 36 28.12 -17.01 -17.57
CA LEU C 36 27.29 -17.75 -16.58
C LEU C 36 25.80 -17.94 -16.95
N GLY C 37 25.26 -17.00 -17.73
CA GLY C 37 23.89 -17.03 -18.11
C GLY C 37 23.67 -17.88 -19.33
N PHE C 38 24.74 -18.18 -20.11
CA PHE C 38 24.61 -19.02 -21.34
C PHE C 38 24.40 -20.50 -21.00
N ARG C 39 23.57 -21.17 -21.79
CA ARG C 39 23.43 -22.62 -21.78
C ARG C 39 24.74 -23.27 -22.17
N CYS C 40 24.97 -24.48 -21.68
CA CYS C 40 26.23 -25.17 -21.98
C CYS C 40 26.52 -25.47 -23.48
N GLU C 41 25.51 -25.68 -24.31
CA GLU C 41 25.76 -25.95 -25.73
C GLU C 41 26.03 -24.69 -26.57
N ASP C 42 25.90 -23.53 -25.94
CA ASP C 42 26.14 -22.26 -26.61
C ASP C 42 27.61 -21.98 -26.67
N THR C 43 28.35 -22.93 -27.26
CA THR C 43 29.81 -22.99 -27.22
C THR C 43 30.51 -21.76 -27.81
N GLN C 44 29.98 -21.24 -28.91
CA GLN C 44 30.59 -20.09 -29.57
C GLN C 44 30.32 -18.83 -28.77
N LEU C 45 29.17 -18.77 -28.09
CA LEU C 45 28.91 -17.57 -27.25
C LEU C 45 29.84 -17.52 -26.07
N ILE C 46 29.90 -18.64 -25.36
CA ILE C 46 30.83 -18.81 -24.24
C ILE C 46 32.26 -18.41 -24.57
N GLU C 47 32.78 -18.82 -25.72
CA GLU C 47 34.15 -18.50 -25.92
C GLU C 47 34.32 -17.09 -26.46
N GLU C 48 33.30 -16.58 -27.16
CA GLU C 48 33.34 -15.15 -27.46
C GLU C 48 33.32 -14.29 -26.14
N ALA C 49 32.56 -14.71 -25.14
CA ALA C 49 32.57 -14.01 -23.82
C ALA C 49 33.93 -14.06 -23.15
N ASN C 50 34.49 -15.27 -23.10
CA ASN C 50 35.85 -15.46 -22.57
C ASN C 50 36.89 -14.61 -23.28
N GLN C 51 36.77 -14.45 -24.59
CA GLN C 51 37.66 -13.53 -25.32
C GLN C 51 37.56 -12.10 -24.82
N PHE C 52 36.34 -11.57 -24.69
CA PHE C 52 36.21 -10.21 -24.13
C PHE C 52 36.73 -10.12 -22.70
N TYR C 53 36.42 -11.13 -21.91
CA TYR C 53 36.96 -11.18 -20.57
C TYR C 53 38.44 -10.82 -20.58
N ARG C 54 39.18 -11.49 -21.47
CA ARG C 54 40.62 -11.40 -21.56
C ARG C 54 41.04 -10.05 -22.12
N LEU C 55 40.43 -9.68 -23.24
CA LEU C 55 40.70 -8.37 -23.81
C LEU C 55 40.67 -7.28 -22.73
N PHE C 56 39.60 -7.29 -21.94
CA PHE C 56 39.40 -6.23 -20.95
C PHE C 56 40.27 -6.38 -19.71
N GLU C 57 40.68 -7.60 -19.39
CA GLU C 57 41.60 -7.76 -18.28
C GLU C 57 42.93 -7.17 -18.69
N HIS C 58 43.28 -7.39 -19.94
CA HIS C 58 44.51 -6.86 -20.49
C HIS C 58 44.42 -5.33 -20.53
N ILE C 59 43.33 -4.81 -21.07
CA ILE C 59 43.11 -3.37 -21.03
C ILE C 59 43.21 -2.80 -19.62
N GLU C 60 42.69 -3.53 -18.64
CA GLU C 60 42.70 -3.10 -17.26
C GLU C 60 44.14 -3.03 -16.73
N GLN C 61 44.89 -4.10 -16.96
CA GLN C 61 46.32 -4.13 -16.68
C GLN C 61 47.08 -2.92 -17.27
N ILE C 62 46.88 -2.63 -18.55
CA ILE C 62 47.59 -1.52 -19.18
C ILE C 62 47.20 -0.21 -18.56
N ALA C 63 45.90 -0.02 -18.40
CA ALA C 63 45.41 1.16 -17.74
C ALA C 63 46.05 1.38 -16.37
N HIS C 64 46.19 0.29 -15.62
CA HIS C 64 46.75 0.41 -14.30
C HIS C 64 48.26 0.66 -14.26
N SER C 65 48.94 0.33 -15.34
CA SER C 65 50.35 0.59 -15.39
C SER C 65 50.75 1.99 -15.91
N TYR C 66 49.90 2.65 -16.70
CA TYR C 66 50.17 4.03 -17.05
C TYR C 66 49.99 4.98 -15.84
N THR C 67 50.49 6.21 -15.91
CA THR C 67 50.33 7.14 -14.83
C THR C 67 49.96 8.50 -15.38
N ASN C 68 49.61 9.41 -14.48
CA ASN C 68 49.23 10.76 -14.86
C ASN C 68 50.28 11.43 -15.74
N GLU C 69 51.49 10.86 -15.72
CA GLU C 69 52.63 11.44 -16.41
C GLU C 69 52.96 10.76 -17.74
N THR C 70 52.07 9.89 -18.22
CA THR C 70 52.30 9.20 -19.48
C THR C 70 52.06 10.18 -20.62
N ASP C 71 52.82 10.02 -21.70
CA ASP C 71 52.66 10.83 -22.91
C ASP C 71 51.20 10.88 -23.35
N PRO C 72 50.60 12.09 -23.39
CA PRO C 72 49.17 12.18 -23.79
C PRO C 72 48.87 11.55 -25.15
N GLU C 73 49.89 11.57 -26.03
CA GLU C 73 49.75 10.97 -27.37
C GLU C 73 49.59 9.45 -27.32
N GLN C 74 50.16 8.80 -26.30
CA GLN C 74 49.95 7.37 -26.14
C GLN C 74 48.63 7.08 -25.44
N ILE C 75 48.20 8.01 -24.59
CA ILE C 75 46.99 7.85 -23.83
C ILE C 75 45.86 8.06 -24.79
N LYS C 76 45.99 9.07 -25.62
CA LYS C 76 45.05 9.27 -26.72
C LYS C 76 44.82 8.03 -27.60
N ARG C 77 45.90 7.39 -28.01
CA ARG C 77 45.85 6.15 -28.79
C ARG C 77 45.23 4.95 -28.01
N PHE C 78 45.51 4.89 -26.72
CA PHE C 78 44.94 3.86 -25.83
C PHE C 78 43.43 4.07 -25.76
N ASN C 79 43.03 5.30 -25.51
CA ASN C 79 41.61 5.65 -25.54
C ASN C 79 40.91 5.16 -26.76
N ALA C 80 41.50 5.46 -27.91
CA ALA C 80 40.94 5.03 -29.18
C ALA C 80 40.90 3.48 -29.31
N GLU C 81 41.94 2.80 -28.82
CA GLU C 81 41.92 1.34 -28.76
C GLU C 81 40.83 0.85 -27.81
N VAL C 82 40.78 1.43 -26.62
CA VAL C 82 39.73 1.08 -25.69
C VAL C 82 38.30 1.34 -26.19
N GLN C 83 38.13 2.44 -26.89
CA GLN C 83 36.87 2.81 -27.52
C GLN C 83 36.30 1.71 -28.41
N GLN C 84 37.15 1.16 -29.27
CA GLN C 84 36.80 0.09 -30.17
C GLN C 84 36.45 -1.21 -29.47
N ALA C 85 37.25 -1.60 -28.48
CA ALA C 85 36.91 -2.72 -27.63
C ALA C 85 35.49 -2.57 -27.05
N ALA C 86 35.16 -1.33 -26.65
CA ALA C 86 33.85 -1.03 -26.03
C ALA C 86 32.76 -1.08 -27.07
N THR C 87 33.05 -0.64 -28.31
CA THR C 87 32.09 -0.80 -29.39
C THR C 87 31.83 -2.29 -29.71
N ASN C 88 32.87 -3.11 -29.70
CA ASN C 88 32.70 -4.52 -30.02
C ASN C 88 31.96 -5.30 -28.97
N ILE C 89 32.27 -5.09 -27.69
CA ILE C 89 31.44 -5.74 -26.67
C ILE C 89 29.99 -5.22 -26.64
N TRP C 90 29.80 -3.94 -26.93
CA TRP C 90 28.43 -3.43 -27.09
C TRP C 90 27.69 -4.21 -28.21
N GLY C 91 28.36 -4.45 -29.34
CA GLY C 91 27.75 -5.26 -30.40
C GLY C 91 27.46 -6.67 -29.95
N PHE C 92 28.41 -7.25 -29.23
CA PHE C 92 28.26 -8.61 -28.68
C PHE C 92 27.05 -8.65 -27.73
N LYS C 93 26.97 -7.71 -26.80
CA LYS C 93 25.75 -7.55 -25.96
C LYS C 93 24.41 -7.48 -26.72
N ARG C 94 24.35 -6.63 -27.75
CA ARG C 94 23.15 -6.52 -28.59
C ARG C 94 22.75 -7.78 -29.32
N LYS C 95 23.76 -8.46 -29.85
CA LYS C 95 23.56 -9.69 -30.56
C LYS C 95 22.93 -10.68 -29.58
N ILE C 96 23.46 -10.76 -28.37
CA ILE C 96 22.88 -11.66 -27.38
C ILE C 96 21.43 -11.26 -27.05
N LEU C 97 21.21 -9.93 -26.95
CA LEU C 97 19.86 -9.42 -26.70
C LEU C 97 18.90 -9.92 -27.75
N GLY C 98 19.34 -9.91 -29.00
CA GLY C 98 18.51 -10.33 -30.15
C GLY C 98 18.14 -11.82 -30.12
N LEU C 99 19.07 -12.66 -29.67
CA LEU C 99 18.85 -14.10 -29.58
C LEU C 99 17.80 -14.35 -28.51
N ILE C 100 18.01 -13.71 -27.38
CA ILE C 100 17.04 -13.84 -26.30
C ILE C 100 15.65 -13.38 -26.67
N LEU C 101 15.53 -12.15 -27.18
CA LEU C 101 14.21 -11.59 -27.51
C LEU C 101 13.45 -12.32 -28.61
N THR C 102 14.17 -12.99 -29.51
CA THR C 102 13.54 -13.84 -30.52
C THR C 102 13.42 -15.32 -30.05
N CYS C 103 13.64 -15.55 -28.75
CA CYS C 103 13.56 -16.89 -28.17
C CYS C 103 14.43 -17.93 -28.90
N LYS C 104 15.62 -17.56 -29.30
CA LYS C 104 16.54 -18.50 -29.94
C LYS C 104 17.33 -19.35 -28.93
N LEU C 105 17.18 -19.04 -27.63
CA LEU C 105 18.03 -19.62 -26.59
C LEU C 105 17.29 -20.14 -25.37
N PRO C 106 16.28 -20.97 -25.58
CA PRO C 106 15.50 -21.38 -24.43
C PRO C 106 16.36 -22.17 -23.43
N GLY C 107 16.11 -21.93 -22.15
CA GLY C 107 16.98 -22.47 -21.13
C GLY C 107 17.99 -21.46 -20.60
N GLN C 108 18.24 -20.36 -21.32
CA GLN C 108 19.28 -19.39 -20.88
C GLN C 108 18.84 -18.58 -19.66
N ASN C 109 19.79 -18.03 -18.93
CA ASN C 109 19.45 -17.36 -17.71
C ASN C 109 19.94 -15.92 -17.61
N ASN C 110 20.24 -15.29 -18.75
CA ASN C 110 20.48 -13.86 -18.72
C ASN C 110 19.19 -13.08 -18.93
N PHE C 111 18.77 -12.31 -17.94
CA PHE C 111 17.66 -11.36 -18.10
C PHE C 111 17.94 -10.43 -19.31
N PRO C 112 16.99 -10.32 -20.25
CA PRO C 112 17.14 -9.30 -21.31
C PRO C 112 17.44 -7.89 -20.77
N LEU C 113 16.85 -7.54 -19.61
CA LEU C 113 17.03 -6.23 -19.00
C LEU C 113 18.48 -6.00 -18.54
N LEU C 114 19.02 -7.07 -18.00
CA LEU C 114 20.39 -7.09 -17.64
C LEU C 114 21.27 -6.97 -18.88
N VAL C 115 20.99 -7.75 -19.94
CA VAL C 115 21.80 -7.57 -21.18
C VAL C 115 21.72 -6.13 -21.73
N ASP C 116 20.50 -5.58 -21.78
CA ASP C 116 20.30 -4.22 -22.19
C ASP C 116 21.10 -3.21 -21.33
N HIS C 117 21.01 -3.38 -20.03
CA HIS C 117 21.70 -2.61 -19.01
C HIS C 117 23.17 -2.61 -19.18
N THR C 118 23.77 -3.78 -19.38
CA THR C 118 25.24 -3.85 -19.61
C THR C 118 25.64 -3.18 -20.94
N SER C 119 24.81 -3.35 -21.96
CA SER C 119 25.00 -2.63 -23.21
C SER C 119 24.94 -1.08 -23.04
N ARG C 120 23.97 -0.57 -22.27
CA ARG C 120 23.94 0.85 -21.90
C ARG C 120 25.21 1.30 -21.15
N GLU C 121 25.70 0.49 -20.23
CA GLU C 121 27.03 0.80 -19.60
C GLU C 121 28.24 0.88 -20.59
N ALA C 122 28.28 -0.08 -21.52
CA ALA C 122 29.26 -0.06 -22.61
C ALA C 122 29.14 1.14 -23.50
N ASP C 123 27.92 1.51 -23.83
CA ASP C 123 27.72 2.73 -24.61
C ASP C 123 28.17 3.99 -23.88
N TYR C 124 27.85 4.09 -22.59
CA TYR C 124 28.42 5.16 -21.75
C TYR C 124 29.99 5.23 -21.77
N PHE C 125 30.64 4.10 -21.58
CA PHE C 125 32.10 4.00 -21.60
C PHE C 125 32.60 4.50 -22.92
N ARG C 126 32.14 3.89 -24.00
CA ARG C 126 32.57 4.33 -25.31
C ARG C 126 32.33 5.87 -25.55
N LYS C 127 31.16 6.39 -25.18
CA LYS C 127 30.91 7.81 -25.38
C LYS C 127 31.81 8.76 -24.55
N ARG C 128 32.19 8.32 -23.38
CA ARG C 128 33.08 9.06 -22.56
C ARG C 128 34.46 9.06 -23.19
N LEU C 129 34.86 7.99 -23.87
CA LEU C 129 36.20 8.02 -24.53
C LEU C 129 36.28 8.99 -25.72
N ILE C 130 35.27 8.99 -26.55
CA ILE C 130 35.08 10.02 -27.56
C ILE C 130 35.10 11.45 -27.01
N GLN C 131 34.31 11.77 -25.98
CA GLN C 131 34.35 13.10 -25.37
C GLN C 131 35.78 13.46 -25.02
N LEU C 132 36.43 12.54 -24.30
CA LEU C 132 37.82 12.69 -23.93
C LEU C 132 38.72 13.03 -25.10
N ASN C 133 38.69 12.18 -26.13
CA ASN C 133 39.55 12.40 -27.28
C ASN C 133 39.20 13.65 -28.12
N GLU C 134 37.95 14.10 -28.06
CA GLU C 134 37.53 15.28 -28.85
C GLU C 134 37.60 16.63 -28.12
N GLY C 135 37.90 16.63 -26.82
CA GLY C 135 37.82 17.83 -26.00
C GLY C 135 36.40 18.25 -25.71
N LYS C 136 35.45 17.31 -25.79
CA LYS C 136 34.03 17.63 -25.65
C LYS C 136 33.33 16.97 -24.41
N LEU C 137 33.92 17.16 -23.23
CA LEU C 137 33.23 16.91 -21.99
C LEU C 137 32.14 17.99 -21.73
N ASP C 138 31.01 17.56 -21.15
CA ASP C 138 29.89 18.44 -20.82
C ASP C 138 30.28 19.55 -19.85
N ALA C 139 29.67 20.72 -19.99
CA ALA C 139 29.76 21.75 -18.97
C ALA C 139 28.91 21.28 -17.83
N LEU C 140 29.24 21.75 -16.63
CA LEU C 140 28.68 21.25 -15.38
C LEU C 140 27.16 20.95 -15.33
N PRO C 141 26.32 21.94 -15.72
CA PRO C 141 24.86 21.81 -15.55
C PRO C 141 24.29 20.74 -16.47
N ASP C 142 24.97 20.49 -17.60
CA ASP C 142 24.59 19.39 -18.51
C ASP C 142 25.04 18.04 -17.96
N ALA C 143 26.27 17.99 -17.47
CA ALA C 143 26.81 16.80 -16.87
C ALA C 143 25.94 16.37 -15.68
N ILE C 144 25.58 17.31 -14.82
CA ILE C 144 24.81 16.95 -13.65
C ILE C 144 23.57 16.16 -14.03
N ILE C 145 22.86 16.67 -15.03
CA ILE C 145 21.58 16.10 -15.44
C ILE C 145 21.76 14.79 -16.20
N LYS C 146 22.62 14.82 -17.21
CA LYS C 146 23.02 13.63 -17.94
C LYS C 146 23.58 12.46 -17.10
N GLU C 147 24.49 12.75 -16.18
CA GLU C 147 25.05 11.68 -15.35
C GLU C 147 23.96 11.04 -14.46
N ASN C 148 23.12 11.90 -13.87
CA ASN C 148 22.09 11.48 -12.99
C ASN C 148 20.99 10.77 -13.76
N VAL C 149 20.50 11.32 -14.86
CA VAL C 149 19.53 10.61 -15.65
C VAL C 149 20.08 9.18 -15.95
N PHE C 150 21.30 9.08 -16.47
CA PHE C 150 21.94 7.76 -16.70
C PHE C 150 22.03 6.90 -15.41
N PHE C 151 22.68 7.44 -14.39
CA PHE C 151 23.03 6.59 -13.27
C PHE C 151 21.85 6.20 -12.41
N LEU C 152 20.89 7.12 -12.24
CA LEU C 152 19.68 6.80 -11.50
C LEU C 152 18.92 5.62 -12.12
N ARG C 153 18.95 5.51 -13.44
CA ARG C 153 18.44 4.33 -14.15
C ARG C 153 19.23 3.02 -13.89
N ILE C 154 20.55 3.13 -13.88
CA ILE C 154 21.45 2.04 -13.48
C ILE C 154 21.07 1.54 -12.10
N MET C 155 21.00 2.43 -11.13
CA MET C 155 20.48 2.10 -9.79
C MET C 155 19.07 1.44 -9.76
N ALA C 156 18.10 1.91 -10.53
CA ALA C 156 16.76 1.28 -10.46
C ALA C 156 16.85 -0.15 -10.89
N ASP C 157 17.60 -0.41 -11.98
CA ASP C 157 17.77 -1.75 -12.52
C ASP C 157 18.46 -2.69 -11.50
N HIS C 158 19.54 -2.21 -10.91
CA HIS C 158 20.27 -3.02 -9.95
C HIS C 158 19.40 -3.45 -8.84
N ALA C 159 18.57 -2.54 -8.33
CA ALA C 159 17.69 -2.91 -7.25
C ALA C 159 16.73 -4.01 -7.67
N LYS C 160 16.29 -3.97 -8.93
CA LYS C 160 15.44 -5.04 -9.50
C LYS C 160 16.21 -6.34 -9.72
N PHE C 161 17.43 -6.31 -10.27
CA PHE C 161 18.26 -7.52 -10.39
C PHE C 161 18.46 -8.18 -8.97
N ILE C 162 18.80 -7.36 -7.99
CA ILE C 162 18.98 -7.91 -6.63
C ILE C 162 17.73 -8.60 -6.17
N GLY C 163 16.60 -7.93 -6.25
CA GLY C 163 15.35 -8.48 -5.79
C GLY C 163 14.91 -9.75 -6.48
N HIS C 164 15.30 -9.93 -7.73
CA HIS C 164 14.97 -11.11 -8.56
C HIS C 164 15.90 -12.27 -8.30
N LEU C 165 17.20 -11.95 -8.24
CA LEU C 165 18.22 -12.93 -7.99
C LEU C 165 18.24 -13.42 -6.52
N LEU C 166 17.61 -12.71 -5.62
CA LEU C 166 17.46 -13.19 -4.25
C LEU C 166 16.53 -14.42 -4.21
N ASP C 167 16.86 -15.40 -3.39
CA ASP C 167 15.94 -16.50 -3.24
C ASP C 167 14.64 -15.90 -2.78
N PRO C 168 13.54 -16.36 -3.37
CA PRO C 168 12.20 -15.91 -3.00
C PRO C 168 11.89 -16.04 -1.52
N SER C 169 12.60 -16.91 -0.82
CA SER C 169 12.32 -17.07 0.60
C SER C 169 12.99 -15.97 1.44
N GLU C 170 13.89 -15.20 0.85
CA GLU C 170 14.52 -14.10 1.57
C GLU C 170 13.63 -12.89 1.52
N ARG C 171 12.49 -12.98 2.19
CA ARG C 171 11.39 -12.03 2.06
C ARG C 171 11.65 -10.61 2.50
N LYS C 172 12.31 -10.45 3.65
CA LYS C 172 12.63 -9.12 4.18
C LYS C 172 13.58 -8.37 3.22
N LEU C 173 14.59 -9.09 2.72
CA LEU C 173 15.57 -8.56 1.79
C LEU C 173 14.94 -8.33 0.38
N VAL C 174 14.14 -9.26 -0.10
CA VAL C 174 13.35 -9.02 -1.28
C VAL C 174 12.54 -7.74 -1.14
N ASP C 175 11.83 -7.60 -0.03
CA ASP C 175 11.01 -6.38 0.12
C ASP C 175 11.85 -5.10 0.28
N THR C 176 13.02 -5.19 0.89
CA THR C 176 13.89 -4.00 0.96
C THR C 176 14.36 -3.63 -0.42
N ALA C 177 14.61 -4.62 -1.27
CA ALA C 177 15.11 -4.35 -2.59
C ALA C 177 14.02 -3.68 -3.40
N ARG C 178 12.79 -4.16 -3.29
CA ARG C 178 11.66 -3.54 -3.99
C ARG C 178 11.50 -2.06 -3.61
N ASN C 179 11.52 -1.74 -2.32
CA ASN C 179 11.41 -0.35 -1.87
C ASN C 179 12.50 0.54 -2.49
N PHE C 180 13.70 0.02 -2.62
CA PHE C 180 14.79 0.72 -3.34
C PHE C 180 14.50 0.85 -4.85
N SER C 181 13.85 -0.15 -5.44
CA SER C 181 13.54 -0.09 -6.85
C SER C 181 12.54 0.99 -7.06
N ASN C 182 11.52 1.03 -6.21
CA ASN C 182 10.49 2.07 -6.19
C ASN C 182 11.08 3.48 -5.96
N ASP C 183 11.97 3.59 -4.97
CA ASP C 183 12.63 4.86 -4.72
C ASP C 183 13.36 5.35 -5.93
N PHE C 184 14.13 4.49 -6.61
CA PHE C 184 14.87 4.90 -7.80
C PHE C 184 14.08 5.12 -9.10
N ASP C 185 13.02 4.35 -9.34
CA ASP C 185 12.09 4.70 -10.40
C ASP C 185 11.62 6.14 -10.24
N GLU C 186 11.28 6.53 -9.01
CA GLU C 186 10.73 7.83 -8.77
C GLU C 186 11.79 8.97 -8.94
N LEU C 187 13.01 8.76 -8.43
CA LEU C 187 14.11 9.68 -8.63
C LEU C 187 14.48 9.83 -10.11
N MET C 188 14.37 8.74 -10.88
CA MET C 188 14.70 8.75 -12.31
C MET C 188 13.62 9.55 -13.06
N TYR C 189 12.36 9.40 -12.64
CA TYR C 189 11.36 10.14 -13.37
CA TYR C 189 11.26 10.15 -13.28
C TYR C 189 11.48 11.64 -13.07
N GLN C 190 11.82 12.01 -11.85
CA GLN C 190 12.08 13.37 -11.50
C GLN C 190 13.23 13.88 -12.36
N ALA C 191 14.22 13.02 -12.59
CA ALA C 191 15.41 13.36 -13.40
C ALA C 191 15.11 13.61 -14.88
N ILE C 192 14.23 12.79 -15.42
CA ILE C 192 13.71 12.91 -16.76
C ILE C 192 12.88 14.19 -16.97
N ASP C 193 12.06 14.60 -16.02
CA ASP C 193 11.39 15.90 -16.17
C ASP C 193 12.38 17.11 -16.07
N LEU C 194 13.35 17.05 -15.16
CA LEU C 194 14.33 18.14 -15.06
C LEU C 194 15.00 18.26 -16.37
N GLU C 195 15.32 17.10 -16.93
CA GLU C 195 16.02 16.99 -18.22
C GLU C 195 15.21 17.66 -19.35
N SER C 196 13.92 17.28 -19.50
CA SER C 196 13.00 17.96 -20.42
C SER C 196 12.86 19.44 -20.14
N MET C 197 12.95 19.85 -18.89
CA MET C 197 12.80 21.26 -18.56
C MET C 197 14.07 22.07 -18.76
N LYS C 198 15.15 21.48 -19.26
CA LYS C 198 16.38 22.23 -19.43
C LYS C 198 16.39 22.94 -20.79
N PRO C 199 17.17 24.04 -20.91
CA PRO C 199 18.14 24.66 -20.00
C PRO C 199 17.52 25.46 -18.88
N GLN C 200 16.20 25.64 -18.89
CA GLN C 200 15.52 26.48 -17.90
C GLN C 200 15.64 25.95 -16.48
N SER C 201 15.53 24.63 -16.32
CA SER C 201 15.66 23.99 -15.02
C SER C 201 17.10 23.99 -14.54
N GLN C 202 18.03 24.44 -15.38
CA GLN C 202 19.43 24.37 -14.94
C GLN C 202 19.83 25.57 -14.12
N THR C 203 19.20 25.77 -12.97
CA THR C 203 19.59 26.87 -12.08
C THR C 203 20.41 26.29 -10.96
N ALA C 204 21.28 27.09 -10.37
CA ALA C 204 22.01 26.54 -9.24
C ALA C 204 21.06 25.94 -8.18
N PRO C 205 19.98 26.66 -7.78
CA PRO C 205 19.13 26.16 -6.74
C PRO C 205 18.44 24.83 -7.10
N LEU C 206 17.92 24.69 -8.30
CA LEU C 206 17.25 23.44 -8.63
C LEU C 206 18.23 22.25 -8.71
N LEU C 207 19.42 22.52 -9.26
CA LEU C 207 20.38 21.46 -9.39
C LEU C 207 21.00 21.13 -8.05
N ASP C 208 21.22 22.12 -7.19
CA ASP C 208 21.68 21.84 -5.83
C ASP C 208 20.72 20.89 -5.11
N GLN C 209 19.42 21.13 -5.24
CA GLN C 209 18.43 20.36 -4.52
C GLN C 209 18.26 18.94 -5.16
N PHE C 210 18.42 18.89 -6.48
CA PHE C 210 18.45 17.64 -7.24
C PHE C 210 19.54 16.74 -6.70
N LEU C 211 20.75 17.30 -6.59
CA LEU C 211 21.91 16.53 -6.15
C LEU C 211 21.70 16.06 -4.75
N ASP C 212 20.93 16.82 -3.97
CA ASP C 212 20.79 16.56 -2.55
C ASP C 212 19.76 15.50 -2.31
N GLN C 213 18.62 15.64 -2.95
CA GLN C 213 17.60 14.59 -2.92
C GLN C 213 18.20 13.24 -3.32
N ASN C 214 18.86 13.24 -4.48
CA ASN C 214 19.48 12.03 -5.01
C ASN C 214 20.56 11.41 -4.11
N ARG C 215 21.43 12.26 -3.54
CA ARG C 215 22.52 11.73 -2.75
C ARG C 215 22.01 10.81 -1.67
N VAL C 216 21.02 11.21 -0.92
CA VAL C 216 20.64 10.38 0.21
C VAL C 216 20.18 8.93 -0.13
N SER C 217 19.59 8.71 -1.31
CA SER C 217 19.16 7.34 -1.63
C SER C 217 20.30 6.56 -2.23
N VAL C 218 21.21 7.29 -2.84
CA VAL C 218 22.38 6.65 -3.41
C VAL C 218 23.26 6.16 -2.27
N ALA C 219 23.60 7.05 -1.31
CA ALA C 219 24.18 6.59 -0.05
C ALA C 219 23.45 5.36 0.58
N SER C 220 22.15 5.43 0.90
CA SER C 220 21.51 4.22 1.46
C SER C 220 21.69 3.05 0.60
N LEU C 221 21.59 3.21 -0.71
CA LEU C 221 21.71 2.06 -1.65
C LEU C 221 23.09 1.45 -1.75
N ARG C 222 24.10 2.30 -1.80
CA ARG C 222 25.46 1.87 -1.65
C ARG C 222 25.62 1.00 -0.43
N ASP C 223 25.10 1.47 0.70
CA ASP C 223 25.19 0.71 1.94
C ASP C 223 24.42 -0.60 1.93
N PHE C 224 23.21 -0.61 1.40
CA PHE C 224 22.56 -1.89 1.18
C PHE C 224 23.40 -2.84 0.30
N LYS C 225 24.09 -2.31 -0.70
CA LYS C 225 24.87 -3.17 -1.54
C LYS C 225 26.07 -3.74 -0.81
N LYS C 226 26.71 -2.92 0.01
CA LYS C 226 27.87 -3.34 0.81
C LYS C 226 27.43 -4.53 1.64
N THR C 227 26.35 -4.35 2.39
CA THR C 227 25.78 -5.34 3.29
C THR C 227 25.41 -6.65 2.55
N ALA C 228 24.74 -6.51 1.42
CA ALA C 228 24.37 -7.66 0.65
C ALA C 228 25.61 -8.43 0.22
N ARG C 229 26.63 -7.68 -0.25
CA ARG C 229 27.87 -8.30 -0.73
C ARG C 229 28.48 -9.12 0.42
N ASP C 230 28.53 -8.52 1.60
CA ASP C 230 29.19 -9.12 2.75
C ASP C 230 28.46 -10.39 3.21
N LEU C 231 27.12 -10.35 3.20
CA LEU C 231 26.32 -11.51 3.57
C LEU C 231 26.39 -12.61 2.56
N ILE C 232 26.55 -12.29 1.28
CA ILE C 232 26.68 -13.31 0.27
C ILE C 232 28.06 -13.98 0.36
N GLU C 233 29.08 -13.15 0.57
CA GLU C 233 30.45 -13.63 0.71
C GLU C 233 30.56 -14.59 1.89
N GLN C 234 29.80 -14.30 2.95
CA GLN C 234 29.85 -15.08 4.14
C GLN C 234 28.76 -16.17 4.12
N CYS C 235 28.11 -16.37 2.98
CA CYS C 235 26.94 -17.28 2.85
C CYS C 235 25.92 -17.14 3.96
N LYS C 236 25.43 -15.93 4.18
CA LYS C 236 24.57 -15.74 5.28
C LYS C 236 23.16 -15.62 4.76
N ILE C 237 23.04 -15.49 3.44
CA ILE C 237 21.69 -15.45 2.87
C ILE C 237 21.55 -16.29 1.62
N LYS C 238 20.31 -16.47 1.19
CA LYS C 238 20.06 -17.33 0.04
C LYS C 238 19.81 -16.56 -1.21
N SER C 239 20.55 -16.88 -2.26
CA SER C 239 20.41 -16.16 -3.49
C SER C 239 21.09 -16.88 -4.62
N ILE C 240 20.73 -16.48 -5.85
CA ILE C 240 21.60 -16.87 -6.95
C ILE C 240 22.47 -15.67 -7.42
N ILE C 241 23.02 -14.90 -6.50
CA ILE C 241 23.85 -13.71 -6.84
C ILE C 241 25.30 -14.08 -6.61
N HIS C 242 26.07 -14.29 -7.67
CA HIS C 242 27.52 -14.50 -7.46
C HIS C 242 28.04 -13.35 -6.58
N PRO C 243 28.90 -13.64 -5.60
CA PRO C 243 29.52 -12.57 -4.81
C PRO C 243 30.05 -11.44 -5.65
N LEU C 244 30.60 -11.72 -6.82
CA LEU C 244 31.27 -10.70 -7.62
C LEU C 244 30.24 -9.75 -8.21
N LEU C 245 29.01 -10.26 -8.41
CA LEU C 245 27.99 -9.45 -9.00
C LEU C 245 27.61 -8.47 -7.92
N ALA C 246 27.58 -8.94 -6.69
CA ALA C 246 27.35 -8.05 -5.56
C ALA C 246 28.37 -6.90 -5.43
N ASP C 247 29.66 -7.20 -5.52
CA ASP C 247 30.71 -6.17 -5.35
C ASP C 247 30.67 -5.18 -6.55
N HIS C 248 30.46 -5.71 -7.73
CA HIS C 248 30.30 -4.98 -8.96
C HIS C 248 29.26 -3.85 -8.84
N VAL C 249 27.99 -4.18 -8.59
CA VAL C 249 26.97 -3.15 -8.41
C VAL C 249 27.26 -2.25 -7.26
N PHE C 250 27.86 -2.79 -6.21
CA PHE C 250 28.31 -1.96 -5.13
C PHE C 250 29.30 -0.90 -5.65
N ARG C 251 30.23 -1.30 -6.50
CA ARG C 251 31.24 -0.36 -7.05
C ARG C 251 30.63 0.65 -8.07
N GLU C 252 29.62 0.23 -8.82
CA GLU C 252 28.92 1.21 -9.61
C GLU C 252 28.14 2.25 -8.78
N ALA C 253 27.50 1.82 -7.68
CA ALA C 253 26.84 2.74 -6.74
C ALA C 253 27.80 3.80 -6.16
N ASP C 254 28.98 3.35 -5.77
CA ASP C 254 30.08 4.17 -5.18
C ASP C 254 30.66 5.24 -6.09
N ARG C 255 30.84 4.90 -7.36
CA ARG C 255 31.27 5.85 -8.38
C ARG C 255 30.21 6.94 -8.65
N PHE C 256 28.94 6.56 -8.75
CA PHE C 256 27.81 7.54 -8.83
C PHE C 256 27.84 8.51 -7.66
N LEU C 257 28.04 7.99 -6.47
CA LEU C 257 28.06 8.80 -5.30
C LEU C 257 29.27 9.74 -5.31
N GLU C 258 30.43 9.28 -5.81
CA GLU C 258 31.63 10.14 -5.93
C GLU C 258 31.42 11.28 -6.93
N ILE C 259 30.79 10.97 -8.06
CA ILE C 259 30.30 11.95 -9.04
C ILE C 259 29.32 12.98 -8.46
N ILE C 260 28.28 12.51 -7.80
CA ILE C 260 27.43 13.45 -7.10
C ILE C 260 28.28 14.37 -6.21
N ASP C 261 29.14 13.80 -5.35
CA ASP C 261 29.89 14.64 -4.42
C ASP C 261 30.78 15.68 -5.15
N MET C 262 31.41 15.29 -6.24
CA MET C 262 32.24 16.23 -6.97
CA MET C 262 32.25 16.21 -7.02
C MET C 262 31.43 17.29 -7.73
N TYR C 263 30.22 16.97 -8.17
CA TYR C 263 29.42 18.01 -8.83
C TYR C 263 28.96 19.01 -7.80
N ASP C 264 28.74 18.55 -6.58
CA ASP C 264 28.15 19.35 -5.55
C ASP C 264 29.19 20.39 -5.09
N VAL C 265 30.39 19.92 -4.83
CA VAL C 265 31.55 20.77 -4.64
C VAL C 265 31.71 21.84 -5.75
N HIS C 266 31.73 21.45 -7.01
CA HIS C 266 31.81 22.44 -8.08
C HIS C 266 30.66 23.40 -8.07
N LEU C 267 29.45 22.90 -7.90
CA LEU C 267 28.32 23.79 -7.83
C LEU C 267 28.52 24.84 -6.72
N THR C 268 29.24 24.48 -5.67
CA THR C 268 29.48 25.39 -4.53
C THR C 268 30.92 25.96 -4.51
N SER D 9 23.34 -32.10 36.04
CA SER D 9 22.48 -32.65 37.16
C SER D 9 21.70 -31.60 37.96
N VAL D 10 22.42 -30.67 38.64
CA VAL D 10 21.78 -29.52 39.27
C VAL D 10 21.23 -28.60 38.18
N MET D 11 21.87 -28.64 37.03
CA MET D 11 21.43 -27.88 35.89
C MET D 11 20.21 -28.52 35.23
N PHE D 12 19.87 -29.73 35.61
CA PHE D 12 18.61 -30.26 35.16
C PHE D 12 17.52 -29.61 36.03
N VAL D 13 17.92 -29.31 37.26
CA VAL D 13 17.06 -28.76 38.28
C VAL D 13 16.71 -27.28 37.99
N GLU D 14 17.74 -26.47 37.74
CA GLU D 14 17.54 -25.10 37.26
C GLU D 14 16.52 -25.02 36.14
N ARG D 15 16.78 -25.82 35.10
CA ARG D 15 16.11 -25.71 33.85
C ARG D 15 14.66 -26.11 33.98
N SER D 16 14.42 -27.09 34.84
CA SER D 16 13.05 -27.53 35.12
C SER D 16 12.29 -26.45 35.93
N LEU D 17 12.95 -25.86 36.90
CA LEU D 17 12.32 -24.83 37.73
C LEU D 17 12.05 -23.55 36.90
N ASN D 18 13.01 -23.18 36.04
CA ASN D 18 12.80 -22.03 35.14
C ASN D 18 11.59 -22.28 34.26
N GLU D 19 11.60 -23.42 33.57
CA GLU D 19 10.48 -23.75 32.70
C GLU D 19 9.12 -23.70 33.41
N ILE D 20 9.04 -24.31 34.60
CA ILE D 20 7.79 -24.37 35.37
C ILE D 20 7.37 -23.04 36.02
N ARG D 21 8.32 -22.31 36.62
CA ARG D 21 8.03 -20.97 37.16
C ARG D 21 7.41 -20.10 36.06
N PHE D 22 7.98 -20.15 34.86
CA PHE D 22 7.39 -19.39 33.74
C PHE D 22 6.02 -19.93 33.20
N TRP D 23 5.97 -21.19 32.80
CA TRP D 23 4.80 -21.64 32.02
C TRP D 23 3.62 -21.97 32.88
N SER D 24 3.88 -22.35 34.12
CA SER D 24 2.81 -22.57 35.06
C SER D 24 2.04 -21.30 35.31
N ARG D 25 2.74 -20.17 35.48
CA ARG D 25 2.08 -18.86 35.55
C ARG D 25 1.23 -18.56 34.29
N ILE D 26 1.72 -18.98 33.12
CA ILE D 26 1.05 -18.71 31.86
C ILE D 26 -0.21 -19.55 31.77
N MET D 27 -0.16 -20.78 32.29
CA MET D 27 -1.29 -21.71 32.19
C MET D 27 -2.32 -21.23 33.18
N LYS D 28 -1.87 -20.68 34.31
CA LYS D 28 -2.82 -20.19 35.31
C LYS D 28 -3.58 -18.98 34.75
N GLU D 29 -2.85 -18.11 34.07
CA GLU D 29 -3.45 -16.90 33.48
C GLU D 29 -4.40 -17.22 32.34
N HIS D 30 -4.03 -18.20 31.54
CA HIS D 30 -4.91 -18.69 30.50
C HIS D 30 -6.29 -19.05 31.05
N SER D 31 -6.30 -19.68 32.23
CA SER D 31 -7.54 -20.14 32.84
C SER D 31 -8.42 -18.95 33.12
N PHE D 32 -7.81 -17.87 33.59
CA PHE D 32 -8.52 -16.63 33.86
C PHE D 32 -9.07 -16.01 32.59
N PHE D 33 -8.22 -15.93 31.58
CA PHE D 33 -8.58 -15.26 30.33
C PHE D 33 -9.70 -15.97 29.61
N LEU D 34 -9.59 -17.30 29.52
CA LEU D 34 -10.61 -18.10 28.87
C LEU D 34 -11.97 -17.94 29.56
N ARG D 35 -11.96 -17.93 30.89
CA ARG D 35 -13.20 -17.83 31.67
C ARG D 35 -13.85 -16.48 31.46
N LEU D 36 -13.01 -15.44 31.35
CA LEU D 36 -13.52 -14.10 31.02
C LEU D 36 -14.25 -14.08 29.72
N GLY D 37 -13.96 -15.05 28.86
CA GLY D 37 -14.62 -15.12 27.55
C GLY D 37 -15.92 -15.92 27.53
N PHE D 38 -16.13 -16.72 28.57
CA PHE D 38 -17.35 -17.54 28.76
C PHE D 38 -18.64 -16.70 29.00
N ARG D 39 -19.75 -17.19 28.45
CA ARG D 39 -21.07 -16.58 28.71
C ARG D 39 -21.43 -17.01 30.11
N CYS D 40 -22.14 -16.13 30.79
CA CYS D 40 -22.47 -16.32 32.20
C CYS D 40 -23.32 -17.54 32.55
N GLU D 41 -23.74 -18.34 31.55
CA GLU D 41 -24.48 -19.55 31.85
C GLU D 41 -23.63 -20.82 31.87
N ASP D 42 -22.36 -20.69 31.48
CA ASP D 42 -21.54 -21.87 31.28
C ASP D 42 -20.82 -22.28 32.53
N THR D 43 -21.57 -22.41 33.62
CA THR D 43 -21.05 -22.63 34.97
C THR D 43 -20.07 -23.80 35.07
N GLN D 44 -20.32 -24.85 34.29
CA GLN D 44 -19.43 -26.01 34.33
C GLN D 44 -18.06 -25.61 33.82
N LEU D 45 -18.06 -25.03 32.62
CA LEU D 45 -16.85 -24.48 32.01
C LEU D 45 -16.17 -23.44 32.88
N ILE D 46 -16.96 -22.49 33.41
CA ILE D 46 -16.47 -21.48 34.34
C ILE D 46 -15.81 -22.11 35.57
N GLU D 47 -16.50 -23.06 36.19
CA GLU D 47 -15.95 -23.76 37.35
C GLU D 47 -14.73 -24.61 36.96
N GLU D 48 -14.73 -25.18 35.76
CA GLU D 48 -13.56 -25.95 35.34
C GLU D 48 -12.33 -25.06 35.24
N ALA D 49 -12.48 -23.91 34.60
CA ALA D 49 -11.43 -22.91 34.44
C ALA D 49 -10.81 -22.48 35.79
N ASN D 50 -11.67 -22.09 36.72
CA ASN D 50 -11.30 -21.84 38.12
C ASN D 50 -10.58 -23.00 38.78
N GLN D 51 -10.98 -24.23 38.49
CA GLN D 51 -10.20 -25.35 38.99
C GLN D 51 -8.75 -25.23 38.44
N PHE D 52 -8.60 -25.12 37.12
CA PHE D 52 -7.26 -25.04 36.55
C PHE D 52 -6.46 -23.84 37.03
N TYR D 53 -7.14 -22.74 37.33
CA TYR D 53 -6.47 -21.60 37.87
C TYR D 53 -5.82 -21.89 39.23
N ARG D 54 -6.66 -22.44 40.11
CA ARG D 54 -6.29 -22.94 41.43
C ARG D 54 -5.17 -23.98 41.30
N LEU D 55 -5.29 -24.88 40.34
CA LEU D 55 -4.30 -25.92 40.19
C LEU D 55 -2.91 -25.43 39.86
N PHE D 56 -2.83 -24.42 38.99
CA PHE D 56 -1.53 -23.97 38.47
C PHE D 56 -0.93 -22.93 39.35
N GLU D 57 -1.81 -22.15 39.98
CA GLU D 57 -1.35 -21.25 40.98
C GLU D 57 -0.63 -22.07 42.05
N HIS D 58 -1.19 -23.24 42.37
CA HIS D 58 -0.59 -24.10 43.37
C HIS D 58 0.70 -24.75 42.86
N ILE D 59 0.72 -25.14 41.59
CA ILE D 59 1.94 -25.59 40.96
C ILE D 59 3.02 -24.50 40.92
N GLU D 60 2.60 -23.24 40.79
CA GLU D 60 3.54 -22.13 40.68
C GLU D 60 4.25 -21.82 42.00
N GLN D 61 3.46 -21.69 43.05
CA GLN D 61 3.90 -21.67 44.46
C GLN D 61 4.89 -22.77 44.86
N ILE D 62 4.55 -24.02 44.57
CA ILE D 62 5.52 -25.07 44.80
C ILE D 62 6.85 -24.81 44.09
N ALA D 63 6.77 -24.35 42.84
CA ALA D 63 7.95 -24.19 41.99
C ALA D 63 8.85 -23.05 42.49
N HIS D 64 8.22 -22.06 43.07
CA HIS D 64 9.00 -21.02 43.73
C HIS D 64 9.53 -21.38 45.14
N SER D 65 9.04 -22.45 45.73
CA SER D 65 9.57 -22.91 47.01
C SER D 65 10.76 -23.86 46.85
N TYR D 66 10.85 -24.56 45.72
CA TYR D 66 11.96 -25.48 45.49
C TYR D 66 13.13 -24.67 45.02
N THR D 67 14.29 -25.31 44.90
CA THR D 67 15.51 -24.56 44.82
C THR D 67 16.57 -25.32 44.05
N ASN D 68 17.69 -24.68 43.75
CA ASN D 68 18.76 -25.38 43.02
C ASN D 68 19.48 -26.50 43.80
N GLU D 69 19.18 -26.64 45.09
CA GLU D 69 19.71 -27.74 45.90
C GLU D 69 18.73 -28.93 46.01
N THR D 70 17.47 -28.71 45.63
CA THR D 70 16.42 -29.71 45.78
C THR D 70 16.80 -31.03 45.12
N ASP D 71 16.44 -32.13 45.78
CA ASP D 71 16.72 -33.50 45.29
C ASP D 71 16.28 -33.62 43.85
N PRO D 72 17.23 -33.96 42.97
CA PRO D 72 16.84 -34.08 41.56
C PRO D 72 15.67 -35.07 41.35
N GLU D 73 15.48 -36.01 42.28
CA GLU D 73 14.47 -37.04 42.09
C GLU D 73 13.11 -36.54 42.42
N GLN D 74 13.02 -35.54 43.28
CA GLN D 74 11.73 -34.96 43.62
C GLN D 74 11.33 -33.92 42.57
N ILE D 75 12.34 -33.32 41.94
CA ILE D 75 12.11 -32.44 40.80
C ILE D 75 11.59 -33.27 39.63
N LYS D 76 12.29 -34.33 39.29
CA LYS D 76 11.84 -35.24 38.26
C LYS D 76 10.38 -35.74 38.44
N ARG D 77 9.95 -35.95 39.68
CA ARG D 77 8.57 -36.36 39.93
C ARG D 77 7.58 -35.21 39.82
N PHE D 78 8.02 -34.04 40.24
CA PHE D 78 7.26 -32.81 40.07
C PHE D 78 6.98 -32.55 38.55
N ASN D 79 8.04 -32.64 37.74
CA ASN D 79 7.89 -32.56 36.28
C ASN D 79 6.78 -33.44 35.72
N ALA D 80 6.76 -34.74 36.07
CA ALA D 80 5.71 -35.63 35.55
C ALA D 80 4.30 -35.28 35.99
N GLU D 81 4.12 -34.82 37.24
CA GLU D 81 2.80 -34.35 37.64
C GLU D 81 2.40 -33.04 36.93
N VAL D 82 3.34 -32.07 36.91
CA VAL D 82 3.11 -30.82 36.17
C VAL D 82 2.85 -31.09 34.66
N GLN D 83 3.54 -32.07 34.11
CA GLN D 83 3.34 -32.44 32.72
C GLN D 83 1.96 -33.02 32.43
N GLN D 84 1.38 -33.62 33.46
CA GLN D 84 0.06 -34.20 33.38
C GLN D 84 -0.98 -33.10 33.55
N ALA D 85 -0.75 -32.14 34.45
CA ALA D 85 -1.58 -30.89 34.51
C ALA D 85 -1.65 -30.17 33.14
N ALA D 86 -0.51 -30.20 32.43
CA ALA D 86 -0.35 -29.55 31.11
C ALA D 86 -1.18 -30.27 30.06
N THR D 87 -1.04 -31.59 30.06
CA THR D 87 -1.87 -32.45 29.22
C THR D 87 -3.38 -32.15 29.43
N ASN D 88 -3.80 -31.97 30.69
CA ASN D 88 -5.22 -31.77 31.00
C ASN D 88 -5.73 -30.39 30.60
N ILE D 89 -4.95 -29.35 30.85
CA ILE D 89 -5.43 -28.04 30.45
C ILE D 89 -5.50 -28.02 28.93
N TRP D 90 -4.46 -28.54 28.27
CA TRP D 90 -4.47 -28.75 26.82
C TRP D 90 -5.75 -29.47 26.37
N GLY D 91 -6.06 -30.60 27.02
CA GLY D 91 -7.31 -31.31 26.75
C GLY D 91 -8.56 -30.44 26.87
N PHE D 92 -8.60 -29.61 27.90
CA PHE D 92 -9.71 -28.72 28.18
C PHE D 92 -9.80 -27.58 27.16
N LYS D 93 -8.65 -27.10 26.69
CA LYS D 93 -8.68 -25.98 25.73
C LYS D 93 -9.20 -26.51 24.40
N ARG D 94 -8.78 -27.73 24.06
CA ARG D 94 -9.27 -28.43 22.88
C ARG D 94 -10.79 -28.64 22.90
N LYS D 95 -11.36 -28.95 24.06
CA LYS D 95 -12.79 -29.11 24.16
C LYS D 95 -13.55 -27.81 24.02
N ILE D 96 -12.99 -26.71 24.52
CA ILE D 96 -13.61 -25.38 24.35
C ILE D 96 -13.64 -24.99 22.87
N LEU D 97 -12.55 -25.29 22.18
CA LEU D 97 -12.41 -25.02 20.76
C LEU D 97 -13.43 -25.81 19.95
N GLY D 98 -13.50 -27.12 20.21
CA GLY D 98 -14.57 -27.94 19.65
C GLY D 98 -15.92 -27.26 19.75
N LEU D 99 -16.26 -26.83 20.96
CA LEU D 99 -17.55 -26.18 21.21
C LEU D 99 -17.73 -24.90 20.38
N ILE D 100 -16.70 -24.09 20.29
CA ILE D 100 -16.80 -22.83 19.55
C ILE D 100 -17.02 -23.06 18.05
N LEU D 101 -16.29 -24.06 17.57
CA LEU D 101 -16.23 -24.37 16.15
C LEU D 101 -17.51 -24.99 15.63
N THR D 102 -18.33 -25.54 16.55
CA THR D 102 -19.64 -26.12 16.23
C THR D 102 -20.77 -25.15 16.64
N CYS D 103 -20.41 -23.94 17.05
CA CYS D 103 -21.37 -22.92 17.49
C CYS D 103 -22.32 -23.40 18.61
N LYS D 104 -21.75 -24.13 19.57
CA LYS D 104 -22.51 -24.56 20.74
C LYS D 104 -22.68 -23.41 21.78
N LEU D 105 -21.87 -22.36 21.69
CA LEU D 105 -21.81 -21.32 22.73
C LEU D 105 -22.06 -19.93 22.17
N PRO D 106 -22.99 -19.82 21.22
CA PRO D 106 -23.27 -18.50 20.67
C PRO D 106 -23.09 -17.48 21.78
N GLY D 107 -22.56 -16.29 21.48
CA GLY D 107 -22.41 -15.24 22.48
C GLY D 107 -21.14 -15.31 23.32
N GLN D 108 -20.39 -16.40 23.23
CA GLN D 108 -19.09 -16.45 23.90
C GLN D 108 -18.12 -15.46 23.23
N ASN D 109 -16.98 -15.21 23.88
CA ASN D 109 -16.11 -14.06 23.55
C ASN D 109 -14.64 -14.43 23.31
N ASN D 110 -14.33 -15.71 23.32
CA ASN D 110 -12.97 -16.19 23.12
C ASN D 110 -12.78 -16.48 21.64
N PHE D 111 -11.84 -15.77 20.99
CA PHE D 111 -11.39 -16.09 19.61
C PHE D 111 -10.97 -17.55 19.56
N PRO D 112 -11.48 -18.30 18.58
CA PRO D 112 -10.96 -19.67 18.40
C PRO D 112 -9.44 -19.70 18.17
N LEU D 113 -8.90 -18.65 17.56
CA LEU D 113 -7.44 -18.58 17.39
C LEU D 113 -6.73 -18.51 18.74
N LEU D 114 -7.31 -17.74 19.67
CA LEU D 114 -6.80 -17.64 21.02
C LEU D 114 -6.86 -19.00 21.75
N VAL D 115 -8.01 -19.69 21.69
CA VAL D 115 -8.08 -21.05 22.22
C VAL D 115 -7.06 -22.00 21.63
N ASP D 116 -6.83 -21.99 20.31
CA ASP D 116 -5.76 -22.85 19.74
C ASP D 116 -4.37 -22.33 20.16
N HIS D 117 -4.24 -21.01 20.21
CA HIS D 117 -2.99 -20.37 20.62
C HIS D 117 -2.57 -20.89 21.99
N THR D 118 -3.36 -20.62 23.01
CA THR D 118 -3.00 -21.08 24.36
C THR D 118 -2.80 -22.60 24.43
N SER D 119 -3.56 -23.35 23.64
CA SER D 119 -3.43 -24.83 23.63
C SER D 119 -2.09 -25.27 23.01
N ARG D 120 -1.63 -24.49 22.03
CA ARG D 120 -0.28 -24.66 21.48
C ARG D 120 0.80 -24.41 22.51
N GLU D 121 0.47 -23.57 23.49
CA GLU D 121 1.44 -23.16 24.51
C GLU D 121 1.50 -24.22 25.62
N ALA D 122 0.36 -24.92 25.77
CA ALA D 122 0.29 -26.07 26.67
C ALA D 122 1.09 -27.25 26.12
N ASP D 123 1.02 -27.44 24.80
CA ASP D 123 1.80 -28.46 24.11
C ASP D 123 3.31 -28.19 24.13
N TYR D 124 3.70 -26.96 23.84
CA TYR D 124 5.09 -26.58 24.07
C TYR D 124 5.62 -27.05 25.45
N PHE D 125 4.89 -26.73 26.50
CA PHE D 125 5.27 -26.93 27.90
C PHE D 125 5.32 -28.43 28.23
N ARG D 126 4.23 -29.12 27.87
CA ARG D 126 4.14 -30.58 27.87
C ARG D 126 5.45 -31.17 27.42
N LYS D 127 5.83 -30.88 26.16
CA LYS D 127 7.02 -31.50 25.51
C LYS D 127 8.40 -31.07 26.05
N ARG D 128 8.47 -29.87 26.61
CA ARG D 128 9.68 -29.41 27.27
C ARG D 128 9.90 -30.24 28.53
N LEU D 129 8.85 -30.53 29.26
CA LEU D 129 9.01 -31.27 30.49
C LEU D 129 9.55 -32.67 30.19
N ILE D 130 8.83 -33.40 29.35
CA ILE D 130 9.34 -34.65 28.77
C ILE D 130 10.81 -34.55 28.31
N GLN D 131 11.14 -33.56 27.49
CA GLN D 131 12.56 -33.36 27.07
C GLN D 131 13.52 -33.38 28.26
N LEU D 132 13.17 -32.66 29.32
CA LEU D 132 14.03 -32.54 30.48
C LEU D 132 14.12 -33.89 31.19
N ASN D 133 12.93 -34.47 31.43
CA ASN D 133 12.80 -35.76 32.08
C ASN D 133 13.54 -36.89 31.38
N GLU D 134 13.68 -36.80 30.05
CA GLU D 134 14.48 -37.81 29.35
C GLU D 134 15.91 -37.41 29.10
N GLY D 135 16.26 -36.19 29.45
CA GLY D 135 17.57 -35.63 29.07
C GLY D 135 17.64 -35.59 27.57
N LYS D 136 16.59 -35.06 26.93
CA LYS D 136 16.50 -35.09 25.44
C LYS D 136 16.34 -33.72 24.77
N LEU D 137 17.02 -32.72 25.34
CA LEU D 137 17.06 -31.38 24.75
C LEU D 137 17.70 -31.44 23.37
N ASP D 138 17.18 -30.64 22.45
CA ASP D 138 17.68 -30.60 21.07
C ASP D 138 19.11 -30.06 20.92
N ALA D 139 19.79 -30.47 19.85
CA ALA D 139 21.09 -29.90 19.48
C ALA D 139 20.90 -28.43 19.08
N LEU D 140 21.97 -27.63 19.06
CA LEU D 140 21.77 -26.20 18.81
C LEU D 140 21.00 -25.90 17.49
N PRO D 141 21.43 -26.49 16.34
CA PRO D 141 20.75 -26.12 15.09
C PRO D 141 19.24 -26.48 15.07
N ASP D 142 18.83 -27.55 15.74
CA ASP D 142 17.40 -27.89 15.79
C ASP D 142 16.61 -27.04 16.77
N ALA D 143 17.23 -26.68 17.88
CA ALA D 143 16.55 -25.86 18.88
C ALA D 143 16.21 -24.53 18.22
N ILE D 144 17.24 -23.90 17.64
CA ILE D 144 17.12 -22.63 17.01
C ILE D 144 15.95 -22.57 16.03
N ILE D 145 15.91 -23.56 15.16
CA ILE D 145 14.88 -23.59 14.19
C ILE D 145 13.51 -23.88 14.80
N LYS D 146 13.48 -24.85 15.70
CA LYS D 146 12.24 -25.30 16.37
C LYS D 146 11.64 -24.23 17.29
N GLU D 147 12.46 -23.65 18.18
CA GLU D 147 12.01 -22.55 19.06
C GLU D 147 11.41 -21.39 18.28
N ASN D 148 12.08 -21.00 17.20
CA ASN D 148 11.62 -19.87 16.35
C ASN D 148 10.39 -20.14 15.52
N VAL D 149 10.36 -21.28 14.87
CA VAL D 149 9.17 -21.61 14.12
C VAL D 149 8.00 -21.47 15.07
N PHE D 150 8.09 -22.01 16.28
CA PHE D 150 7.03 -21.89 17.29
C PHE D 150 6.79 -20.44 17.79
N PHE D 151 7.82 -19.77 18.33
CA PHE D 151 7.62 -18.45 18.93
C PHE D 151 7.30 -17.38 17.92
N LEU D 152 7.77 -17.53 16.70
CA LEU D 152 7.38 -16.48 15.70
C LEU D 152 5.88 -16.55 15.37
N ARG D 153 5.30 -17.76 15.38
CA ARG D 153 3.87 -17.85 15.18
C ARG D 153 3.17 -17.15 16.34
N ILE D 154 3.63 -17.42 17.56
CA ILE D 154 3.03 -16.87 18.77
C ILE D 154 3.03 -15.37 18.76
N MET D 155 4.15 -14.79 18.32
CA MET D 155 4.29 -13.32 18.27
C MET D 155 3.32 -12.78 17.24
N ALA D 156 3.17 -13.54 16.16
CA ALA D 156 2.28 -13.15 15.06
C ALA D 156 0.84 -13.09 15.55
N ASP D 157 0.44 -14.14 16.29
CA ASP D 157 -0.90 -14.21 16.91
C ASP D 157 -1.09 -13.08 17.91
N HIS D 158 -0.09 -12.84 18.75
CA HIS D 158 -0.17 -11.72 19.70
C HIS D 158 -0.55 -10.46 18.98
N ALA D 159 0.15 -10.20 17.90
CA ALA D 159 0.00 -8.92 17.24
C ALA D 159 -1.38 -8.81 16.70
N LYS D 160 -1.95 -9.92 16.27
CA LYS D 160 -3.35 -9.89 15.90
C LYS D 160 -4.33 -9.65 17.05
N PHE D 161 -4.11 -10.34 18.17
CA PHE D 161 -4.99 -10.21 19.34
C PHE D 161 -4.99 -8.77 19.80
N ILE D 162 -3.80 -8.21 20.04
CA ILE D 162 -3.71 -6.81 20.36
C ILE D 162 -4.50 -6.01 19.35
N GLY D 163 -4.32 -6.27 18.06
CA GLY D 163 -4.99 -5.42 17.07
C GLY D 163 -6.50 -5.55 17.14
N HIS D 164 -6.99 -6.77 17.39
CA HIS D 164 -8.43 -7.02 17.47
C HIS D 164 -9.04 -6.53 18.76
N LEU D 165 -8.23 -6.43 19.82
CA LEU D 165 -8.77 -6.15 21.13
C LEU D 165 -8.64 -4.70 21.41
N LEU D 166 -7.82 -3.99 20.64
CA LEU D 166 -7.79 -2.51 20.76
C LEU D 166 -9.15 -2.02 20.32
N ASP D 167 -9.60 -0.89 20.85
CA ASP D 167 -10.83 -0.27 20.37
C ASP D 167 -10.57 0.28 18.97
N PRO D 168 -11.49 0.02 18.03
CA PRO D 168 -11.33 0.48 16.63
C PRO D 168 -11.04 1.97 16.49
N SER D 169 -11.31 2.75 17.53
CA SER D 169 -11.08 4.19 17.46
C SER D 169 -9.60 4.55 17.70
N GLU D 170 -8.84 3.60 18.26
CA GLU D 170 -7.40 3.79 18.45
C GLU D 170 -6.71 3.39 17.18
N ARG D 171 -6.94 4.21 16.17
CA ARG D 171 -6.41 3.99 14.80
C ARG D 171 -4.91 3.88 14.67
N LYS D 172 -4.16 4.74 15.35
CA LYS D 172 -2.70 4.66 15.20
C LYS D 172 -2.17 3.37 15.83
N LEU D 173 -2.61 3.02 17.03
CA LEU D 173 -2.03 1.79 17.62
C LEU D 173 -2.54 0.53 16.92
N VAL D 174 -3.75 0.60 16.35
CA VAL D 174 -4.29 -0.58 15.64
C VAL D 174 -3.42 -0.77 14.44
N ASP D 175 -3.12 0.34 13.77
CA ASP D 175 -2.26 0.30 12.58
C ASP D 175 -0.88 -0.22 12.90
N THR D 176 -0.26 0.30 13.96
CA THR D 176 1.03 -0.22 14.43
C THR D 176 0.96 -1.75 14.71
N ALA D 177 -0.13 -2.21 15.32
CA ALA D 177 -0.22 -3.62 15.66
C ALA D 177 -0.25 -4.47 14.40
N ARG D 178 -0.93 -3.97 13.39
CA ARG D 178 -1.06 -4.63 12.12
C ARG D 178 0.27 -4.65 11.33
N ASN D 179 1.04 -3.56 11.41
CA ASN D 179 2.40 -3.62 10.89
C ASN D 179 3.24 -4.74 11.54
N PHE D 180 3.24 -4.86 12.88
CA PHE D 180 3.92 -5.96 13.59
C PHE D 180 3.41 -7.32 13.12
N SER D 181 2.10 -7.38 13.04
CA SER D 181 1.40 -8.55 12.56
C SER D 181 1.99 -8.99 11.23
N ASN D 182 2.16 -8.02 10.31
CA ASN D 182 2.65 -8.30 8.99
C ASN D 182 4.11 -8.77 9.01
N ASP D 183 4.97 -8.13 9.81
CA ASP D 183 6.38 -8.52 9.92
C ASP D 183 6.59 -9.95 10.42
N PHE D 184 5.78 -10.40 11.38
CA PHE D 184 5.98 -11.73 12.00
C PHE D 184 5.36 -12.88 11.16
N ASP D 185 4.23 -12.62 10.50
CA ASP D 185 3.79 -13.38 9.31
C ASP D 185 4.96 -13.61 8.35
N GLU D 186 5.65 -12.52 7.97
CA GLU D 186 6.79 -12.56 7.06
C GLU D 186 7.94 -13.39 7.65
N LEU D 187 8.30 -13.14 8.91
CA LEU D 187 9.36 -13.92 9.60
C LEU D 187 9.02 -15.38 9.83
N MET D 188 7.74 -15.69 10.08
CA MET D 188 7.29 -17.11 10.29
C MET D 188 7.49 -17.86 8.98
N TYR D 189 7.12 -17.24 7.87
CA TYR D 189 7.30 -17.90 6.60
CA TYR D 189 7.28 -17.82 6.55
C TYR D 189 8.77 -18.13 6.27
N GLN D 190 9.64 -17.17 6.55
CA GLN D 190 11.03 -17.37 6.33
C GLN D 190 11.49 -18.57 7.18
N ALA D 191 10.98 -18.72 8.40
CA ALA D 191 11.35 -19.81 9.31
C ALA D 191 10.75 -21.16 8.84
N ILE D 192 9.55 -21.17 8.32
CA ILE D 192 8.95 -22.36 7.75
C ILE D 192 9.82 -22.86 6.60
N ASP D 193 10.17 -21.98 5.66
CA ASP D 193 11.19 -22.29 4.66
C ASP D 193 12.55 -22.79 5.15
N LEU D 194 13.20 -22.08 6.07
CA LEU D 194 14.43 -22.59 6.69
C LEU D 194 14.23 -24.02 7.19
N GLU D 195 13.09 -24.21 7.86
CA GLU D 195 12.82 -25.46 8.52
C GLU D 195 12.77 -26.58 7.50
N SER D 196 12.07 -26.35 6.38
CA SER D 196 12.00 -27.27 5.25
C SER D 196 13.34 -27.58 4.64
N MET D 197 14.22 -26.58 4.60
CA MET D 197 15.56 -26.68 4.03
C MET D 197 16.55 -27.35 4.96
N LYS D 198 16.12 -27.74 6.15
CA LYS D 198 17.00 -28.41 7.08
C LYS D 198 17.15 -29.89 6.69
N PRO D 199 18.32 -30.51 6.99
CA PRO D 199 19.46 -29.97 7.75
C PRO D 199 20.45 -29.17 6.92
N GLN D 200 20.14 -28.99 5.63
CA GLN D 200 21.04 -28.36 4.71
C GLN D 200 21.17 -26.88 5.04
N SER D 201 20.12 -26.31 5.60
CA SER D 201 20.02 -24.89 5.93
C SER D 201 20.51 -24.61 7.35
N GLN D 202 21.10 -25.59 7.98
CA GLN D 202 21.47 -25.44 9.38
C GLN D 202 22.94 -25.21 9.45
N THR D 203 23.41 -24.18 8.77
CA THR D 203 24.82 -23.83 8.81
C THR D 203 25.02 -22.67 9.76
N ALA D 204 26.22 -22.51 10.27
CA ALA D 204 26.48 -21.41 11.22
C ALA D 204 26.02 -20.03 10.68
N PRO D 205 26.45 -19.63 9.47
CA PRO D 205 26.09 -18.32 8.90
C PRO D 205 24.59 -18.12 8.73
N LEU D 206 23.89 -19.16 8.28
CA LEU D 206 22.48 -18.99 7.93
C LEU D 206 21.71 -18.80 9.21
N LEU D 207 22.03 -19.65 10.19
CA LEU D 207 21.36 -19.52 11.48
C LEU D 207 21.72 -18.25 12.24
N ASP D 208 22.92 -17.72 12.08
CA ASP D 208 23.25 -16.45 12.77
C ASP D 208 22.41 -15.32 12.14
N GLN D 209 22.33 -15.26 10.81
CA GLN D 209 21.53 -14.25 10.14
C GLN D 209 20.05 -14.41 10.46
N PHE D 210 19.58 -15.65 10.55
CA PHE D 210 18.18 -15.88 10.89
C PHE D 210 17.85 -15.27 12.25
N LEU D 211 18.73 -15.50 13.24
CA LEU D 211 18.49 -15.03 14.62
C LEU D 211 18.66 -13.54 14.73
N ASP D 212 19.65 -12.98 14.03
CA ASP D 212 19.85 -11.54 13.96
C ASP D 212 18.59 -10.82 13.44
N GLN D 213 18.04 -11.33 12.33
CA GLN D 213 16.85 -10.74 11.69
C GLN D 213 15.65 -10.82 12.62
N ASN D 214 15.51 -11.95 13.31
CA ASN D 214 14.43 -12.12 14.26
C ASN D 214 14.56 -11.21 15.46
N ARG D 215 15.78 -11.12 15.99
CA ARG D 215 15.95 -10.35 17.20
C ARG D 215 15.47 -8.91 17.03
N VAL D 216 15.82 -8.23 15.93
CA VAL D 216 15.43 -6.83 15.90
C VAL D 216 13.93 -6.69 15.98
N SER D 217 13.22 -7.49 15.21
CA SER D 217 11.77 -7.52 15.31
C SER D 217 11.15 -7.87 16.69
N VAL D 218 11.65 -8.93 17.33
CA VAL D 218 11.13 -9.35 18.63
C VAL D 218 11.35 -8.28 19.69
N ALA D 219 12.54 -7.67 19.72
CA ALA D 219 12.78 -6.60 20.70
C ALA D 219 11.84 -5.40 20.52
N SER D 220 11.52 -5.09 19.27
CA SER D 220 10.64 -3.97 18.95
C SER D 220 9.18 -4.30 19.37
N LEU D 221 8.71 -5.51 19.08
CA LEU D 221 7.38 -5.92 19.58
C LEU D 221 7.36 -5.91 21.10
N ARG D 222 8.38 -6.51 21.71
CA ARG D 222 8.59 -6.51 23.16
C ARG D 222 8.38 -5.10 23.71
N ASP D 223 9.02 -4.12 23.07
CA ASP D 223 8.88 -2.75 23.57
C ASP D 223 7.47 -2.22 23.35
N PHE D 224 6.87 -2.52 22.20
CA PHE D 224 5.48 -2.13 21.98
C PHE D 224 4.49 -2.75 23.01
N LYS D 225 4.64 -4.03 23.27
CA LYS D 225 3.78 -4.66 24.28
C LYS D 225 3.97 -4.04 25.66
N LYS D 226 5.18 -3.66 25.99
CA LYS D 226 5.37 -3.09 27.28
C LYS D 226 4.69 -1.72 27.34
N THR D 227 4.94 -0.90 26.32
CA THR D 227 4.37 0.41 26.22
C THR D 227 2.87 0.30 26.24
N ALA D 228 2.33 -0.61 25.43
CA ALA D 228 0.88 -0.88 25.51
C ALA D 228 0.44 -1.18 26.93
N ARG D 229 1.12 -2.13 27.55
CA ARG D 229 0.77 -2.53 28.90
C ARG D 229 0.76 -1.31 29.80
N ASP D 230 1.85 -0.53 29.84
CA ASP D 230 1.83 0.70 30.69
C ASP D 230 0.60 1.58 30.38
N LEU D 231 0.31 1.79 29.11
CA LEU D 231 -0.87 2.61 28.76
C LEU D 231 -2.21 2.02 29.22
N ILE D 232 -2.36 0.71 29.14
CA ILE D 232 -3.63 0.10 29.51
C ILE D 232 -3.75 0.18 31.04
N GLU D 233 -2.61 0.04 31.75
CA GLU D 233 -2.60 0.16 33.22
C GLU D 233 -3.06 1.55 33.68
N GLN D 234 -2.79 2.58 32.91
CA GLN D 234 -3.10 3.91 33.36
C GLN D 234 -4.38 4.41 32.73
N CYS D 235 -5.03 3.58 31.92
CA CYS D 235 -6.22 3.99 31.15
C CYS D 235 -5.87 5.16 30.32
N LYS D 236 -4.80 5.02 29.55
CA LYS D 236 -4.44 6.07 28.66
C LYS D 236 -5.00 5.78 27.29
N ILE D 237 -5.42 4.54 27.05
CA ILE D 237 -5.96 4.17 25.77
C ILE D 237 -7.20 3.32 25.93
N LYS D 238 -7.92 3.12 24.83
CA LYS D 238 -9.20 2.45 24.83
C LYS D 238 -9.05 1.05 24.27
N SER D 239 -9.42 0.06 25.06
CA SER D 239 -9.39 -1.31 24.55
C SER D 239 -10.29 -2.19 25.37
N ILE D 240 -10.34 -3.47 24.98
CA ILE D 240 -10.85 -4.52 25.86
C ILE D 240 -9.76 -5.56 26.15
N ILE D 241 -8.58 -5.05 26.41
CA ILE D 241 -7.47 -5.90 26.79
C ILE D 241 -7.27 -5.74 28.29
N HIS D 242 -7.54 -6.81 29.01
CA HIS D 242 -7.28 -6.79 30.43
C HIS D 242 -5.76 -6.55 30.63
N PRO D 243 -5.41 -5.62 31.52
CA PRO D 243 -3.98 -5.31 31.83
C PRO D 243 -3.10 -6.54 32.02
N LEU D 244 -3.65 -7.61 32.58
CA LEU D 244 -2.82 -8.79 32.83
C LEU D 244 -2.54 -9.52 31.53
N LEU D 245 -3.45 -9.42 30.57
CA LEU D 245 -3.21 -10.02 29.25
C LEU D 245 -2.06 -9.29 28.54
N ALA D 246 -2.09 -7.98 28.60
CA ALA D 246 -0.99 -7.15 28.09
C ALA D 246 0.34 -7.53 28.71
N ASP D 247 0.36 -7.75 30.01
CA ASP D 247 1.58 -8.17 30.70
C ASP D 247 2.03 -9.59 30.30
N HIS D 248 1.06 -10.49 30.17
CA HIS D 248 1.27 -11.90 29.77
C HIS D 248 2.02 -12.01 28.41
N VAL D 249 1.46 -11.40 27.37
CA VAL D 249 2.12 -11.43 26.09
C VAL D 249 3.51 -10.72 26.11
N PHE D 250 3.66 -9.70 26.95
CA PHE D 250 4.96 -9.01 27.12
C PHE D 250 5.95 -9.95 27.71
N ARG D 251 5.52 -10.75 28.69
CA ARG D 251 6.41 -11.76 29.28
C ARG D 251 6.85 -12.83 28.29
N GLU D 252 5.93 -13.27 27.42
CA GLU D 252 6.24 -14.31 26.43
C GLU D 252 7.17 -13.82 25.30
N ALA D 253 7.01 -12.54 24.97
CA ALA D 253 7.94 -11.81 24.11
C ALA D 253 9.29 -11.76 24.76
N ASP D 254 9.34 -11.40 26.04
CA ASP D 254 10.63 -11.34 26.76
C ASP D 254 11.30 -12.74 26.83
N ARG D 255 10.50 -13.76 27.06
CA ARG D 255 11.00 -15.12 27.10
C ARG D 255 11.72 -15.43 25.78
N PHE D 256 10.97 -15.38 24.69
CA PHE D 256 11.50 -15.52 23.33
C PHE D 256 12.80 -14.74 23.05
N LEU D 257 12.84 -13.48 23.47
CA LEU D 257 14.03 -12.69 23.26
C LEU D 257 15.23 -13.29 24.01
N GLU D 258 15.05 -13.67 25.27
CA GLU D 258 16.16 -14.30 26.01
C GLU D 258 16.68 -15.56 25.33
N ILE D 259 15.77 -16.39 24.80
CA ILE D 259 16.14 -17.64 24.11
C ILE D 259 16.93 -17.42 22.84
N ILE D 260 16.49 -16.45 22.04
CA ILE D 260 17.22 -16.03 20.84
C ILE D 260 18.60 -15.54 21.21
N ASP D 261 18.69 -14.71 22.25
CA ASP D 261 19.98 -14.19 22.65
C ASP D 261 20.83 -15.34 23.16
N MET D 262 20.18 -16.33 23.79
CA MET D 262 20.91 -17.48 24.30
C MET D 262 21.59 -18.17 23.13
N TYR D 263 20.78 -18.59 22.17
CA TYR D 263 21.28 -19.30 21.01
C TYR D 263 22.26 -18.48 20.20
N ASP D 264 21.98 -17.20 20.08
CA ASP D 264 22.83 -16.29 19.38
C ASP D 264 24.23 -16.47 19.92
N VAL D 265 24.36 -16.41 21.24
CA VAL D 265 25.68 -16.55 21.88
C VAL D 265 26.32 -17.94 21.72
N HIS D 266 25.52 -19.00 21.89
CA HIS D 266 25.98 -20.40 21.83
C HIS D 266 26.64 -20.65 20.50
N LEU D 267 26.09 -20.04 19.44
CA LEU D 267 26.60 -20.15 18.09
C LEU D 267 27.76 -19.18 17.86
N THR D 268 27.50 -17.87 17.96
CA THR D 268 28.51 -16.85 17.64
C THR D 268 29.85 -17.15 18.34
N MET E 11 -46.56 11.78 6.17
CA MET E 11 -47.67 11.13 6.93
C MET E 11 -47.25 10.74 8.36
N PHE E 12 -47.63 11.56 9.33
CA PHE E 12 -47.19 11.42 10.71
C PHE E 12 -47.26 10.00 11.31
N VAL E 13 -48.35 9.28 11.05
CA VAL E 13 -48.58 8.00 11.72
C VAL E 13 -47.75 6.83 11.14
N GLU E 14 -47.86 6.61 9.83
CA GLU E 14 -47.07 5.58 9.15
C GLU E 14 -45.56 5.71 9.47
N ARG E 15 -45.06 6.94 9.45
CA ARG E 15 -43.68 7.28 9.78
C ARG E 15 -43.29 6.91 11.23
N SER E 16 -44.01 7.47 12.20
CA SER E 16 -43.79 7.14 13.59
C SER E 16 -43.65 5.64 13.77
N LEU E 17 -44.64 4.91 13.28
CA LEU E 17 -44.69 3.45 13.51
C LEU E 17 -43.55 2.74 12.79
N ASN E 18 -43.26 3.23 11.58
CA ASN E 18 -42.11 2.72 10.82
C ASN E 18 -40.82 2.92 11.62
N GLU E 19 -40.57 4.15 12.06
CA GLU E 19 -39.41 4.42 12.92
C GLU E 19 -39.36 3.53 14.17
N ILE E 20 -40.49 3.47 14.87
CA ILE E 20 -40.62 2.82 16.15
C ILE E 20 -40.54 1.33 15.96
N ARG E 21 -41.18 0.81 14.92
CA ARG E 21 -41.09 -0.62 14.67
C ARG E 21 -39.66 -1.06 14.38
N PHE E 22 -38.96 -0.21 13.63
CA PHE E 22 -37.55 -0.46 13.31
C PHE E 22 -36.62 -0.21 14.50
N TRP E 23 -36.62 1.02 15.02
CA TRP E 23 -35.67 1.38 16.09
C TRP E 23 -35.91 0.70 17.45
N SER E 24 -37.16 0.43 17.82
CA SER E 24 -37.36 -0.21 19.10
C SER E 24 -36.65 -1.57 19.09
N ARG E 25 -36.73 -2.25 17.94
CA ARG E 25 -36.07 -3.53 17.80
C ARG E 25 -34.55 -3.38 17.92
N ILE E 26 -34.01 -2.34 17.29
CA ILE E 26 -32.59 -1.97 17.42
C ILE E 26 -32.20 -1.80 18.90
N MET E 27 -33.02 -1.06 19.68
CA MET E 27 -32.77 -0.84 21.12
C MET E 27 -32.92 -2.11 21.94
N LYS E 28 -33.97 -2.89 21.63
CA LYS E 28 -34.11 -4.19 22.27
C LYS E 28 -32.78 -4.91 22.09
N GLU E 29 -32.26 -4.86 20.87
CA GLU E 29 -31.13 -5.68 20.50
C GLU E 29 -29.84 -5.22 21.16
N HIS E 30 -29.59 -3.90 21.20
CA HIS E 30 -28.44 -3.37 21.97
C HIS E 30 -28.38 -3.83 23.39
N SER E 31 -29.53 -3.77 24.07
CA SER E 31 -29.62 -4.18 25.49
C SER E 31 -29.09 -5.57 25.67
N PHE E 32 -29.27 -6.38 24.65
CA PHE E 32 -28.81 -7.76 24.67
C PHE E 32 -27.34 -7.94 24.28
N PHE E 33 -26.92 -7.20 23.26
CA PHE E 33 -25.51 -7.16 22.88
C PHE E 33 -24.65 -6.64 24.03
N LEU E 34 -25.13 -5.62 24.72
CA LEU E 34 -24.36 -5.02 25.83
C LEU E 34 -24.27 -6.02 26.98
N ARG E 35 -25.36 -6.68 27.27
CA ARG E 35 -25.34 -7.58 28.40
C ARG E 35 -24.24 -8.64 28.23
N LEU E 36 -23.93 -8.98 26.99
CA LEU E 36 -22.91 -10.01 26.73
C LEU E 36 -21.47 -9.53 26.92
N GLY E 37 -21.27 -8.20 26.87
CA GLY E 37 -19.96 -7.62 27.20
C GLY E 37 -19.75 -7.45 28.70
N PHE E 38 -20.84 -7.38 29.44
CA PHE E 38 -20.83 -7.24 30.89
C PHE E 38 -20.23 -8.45 31.55
N ARG E 39 -19.47 -8.22 32.62
CA ARG E 39 -18.89 -9.34 33.37
C ARG E 39 -19.98 -10.03 34.15
N CYS E 40 -19.77 -11.29 34.48
CA CYS E 40 -20.69 -12.06 35.34
C CYS E 40 -20.89 -11.55 36.77
N GLU E 41 -19.90 -10.82 37.31
CA GLU E 41 -20.06 -10.18 38.61
C GLU E 41 -20.89 -8.89 38.56
N ASP E 42 -21.08 -8.35 37.37
CA ASP E 42 -21.72 -7.03 37.23
C ASP E 42 -23.26 -7.05 37.23
N THR E 43 -23.83 -7.71 38.24
CA THR E 43 -25.27 -8.09 38.20
C THR E 43 -26.28 -6.95 38.09
N GLN E 44 -25.97 -5.81 38.72
CA GLN E 44 -26.81 -4.64 38.58
C GLN E 44 -26.89 -4.17 37.13
N LEU E 45 -25.76 -4.15 36.42
CA LEU E 45 -25.71 -3.75 35.00
C LEU E 45 -26.48 -4.73 34.13
N ILE E 46 -26.24 -6.02 34.36
CA ILE E 46 -27.00 -7.09 33.71
C ILE E 46 -28.51 -6.96 33.90
N GLU E 47 -28.96 -6.80 35.15
CA GLU E 47 -30.39 -6.64 35.45
C GLU E 47 -30.94 -5.39 34.78
N GLU E 48 -30.27 -4.25 34.93
CA GLU E 48 -30.72 -3.09 34.19
C GLU E 48 -30.79 -3.28 32.69
N ALA E 49 -29.79 -3.90 32.07
CA ALA E 49 -29.86 -4.21 30.63
C ALA E 49 -31.06 -5.11 30.27
N ASN E 50 -31.32 -6.14 31.06
CA ASN E 50 -32.46 -7.02 30.78
C ASN E 50 -33.77 -6.26 30.92
N GLN E 51 -33.72 -5.21 31.74
CA GLN E 51 -34.83 -4.30 31.94
C GLN E 51 -35.11 -3.48 30.70
N PHE E 52 -34.06 -3.01 30.05
CA PHE E 52 -34.26 -2.23 28.84
C PHE E 52 -34.64 -3.17 27.68
N TYR E 53 -34.26 -4.44 27.78
CA TYR E 53 -34.60 -5.42 26.76
C TYR E 53 -36.11 -5.64 26.80
N ARG E 54 -36.60 -5.99 27.99
CA ARG E 54 -38.02 -6.17 28.25
C ARG E 54 -38.92 -4.98 27.93
N LEU E 55 -38.39 -3.77 28.02
CA LEU E 55 -39.15 -2.53 27.84
C LEU E 55 -39.25 -2.12 26.37
N PHE E 56 -38.26 -2.51 25.60
CA PHE E 56 -38.29 -2.16 24.21
C PHE E 56 -38.98 -3.30 23.44
N GLU E 57 -38.85 -4.52 23.93
CA GLU E 57 -39.60 -5.64 23.37
C GLU E 57 -41.09 -5.38 23.50
N HIS E 58 -41.51 -4.98 24.69
CA HIS E 58 -42.88 -4.55 24.95
C HIS E 58 -43.28 -3.47 23.94
N ILE E 59 -42.38 -2.52 23.70
CA ILE E 59 -42.66 -1.39 22.80
C ILE E 59 -42.73 -1.84 21.34
N GLU E 60 -41.84 -2.75 20.96
CA GLU E 60 -41.92 -3.40 19.66
C GLU E 60 -43.35 -3.94 19.51
N GLN E 61 -43.75 -4.83 20.43
CA GLN E 61 -45.09 -5.47 20.39
C GLN E 61 -46.26 -4.48 20.22
N ILE E 62 -46.16 -3.33 20.87
CA ILE E 62 -47.22 -2.33 20.83
C ILE E 62 -47.28 -1.68 19.46
N ALA E 63 -46.12 -1.56 18.82
CA ALA E 63 -46.07 -0.84 17.57
C ALA E 63 -46.50 -1.77 16.44
N HIS E 64 -46.41 -3.07 16.67
CA HIS E 64 -46.82 -4.04 15.66
C HIS E 64 -48.33 -4.28 15.72
N SER E 65 -48.93 -3.87 16.83
CA SER E 65 -50.38 -3.95 16.99
C SER E 65 -51.06 -2.74 16.36
N TYR E 66 -50.44 -1.57 16.47
CA TYR E 66 -51.01 -0.36 15.86
C TYR E 66 -50.96 -0.38 14.32
N THR E 67 -51.77 0.48 13.69
CA THR E 67 -51.85 0.59 12.23
C THR E 67 -51.99 2.06 11.85
N ASN E 68 -51.98 2.34 10.54
CA ASN E 68 -52.05 3.73 10.04
C ASN E 68 -53.42 4.37 10.31
N GLU E 69 -54.41 3.52 10.64
CA GLU E 69 -55.73 3.97 11.11
C GLU E 69 -55.75 4.63 12.52
N THR E 70 -54.96 4.08 13.46
CA THR E 70 -54.85 4.56 14.86
C THR E 70 -54.96 6.08 15.06
N ASP E 71 -55.69 6.46 16.11
CA ASP E 71 -55.88 7.86 16.49
C ASP E 71 -54.54 8.57 16.57
N PRO E 72 -54.36 9.64 15.79
CA PRO E 72 -53.16 10.47 15.84
C PRO E 72 -52.67 10.77 17.28
N GLU E 73 -53.58 11.20 18.15
CA GLU E 73 -53.20 11.55 19.51
C GLU E 73 -52.74 10.34 20.29
N GLN E 74 -53.27 9.17 19.99
CA GLN E 74 -52.85 7.99 20.72
C GLN E 74 -51.43 7.58 20.33
N ILE E 75 -50.92 8.24 19.30
CA ILE E 75 -49.63 7.91 18.74
C ILE E 75 -48.66 9.00 19.09
N LYS E 76 -49.12 10.24 19.02
CA LYS E 76 -48.33 11.36 19.49
C LYS E 76 -47.90 11.20 20.97
N ARG E 77 -48.60 10.34 21.72
CA ARG E 77 -48.28 10.06 23.12
C ARG E 77 -47.51 8.73 23.30
N PHE E 78 -47.68 7.81 22.34
CA PHE E 78 -46.79 6.65 22.22
C PHE E 78 -45.40 7.16 21.83
N ASN E 79 -45.37 8.18 20.98
CA ASN E 79 -44.12 8.86 20.63
C ASN E 79 -43.42 9.33 21.91
N ALA E 80 -44.04 10.23 22.66
CA ALA E 80 -43.43 10.78 23.85
C ALA E 80 -42.99 9.69 24.85
N GLU E 81 -43.81 8.64 24.96
CA GLU E 81 -43.47 7.51 25.83
C GLU E 81 -42.11 6.95 25.43
N VAL E 82 -42.05 6.57 24.15
CA VAL E 82 -40.93 5.86 23.59
C VAL E 82 -39.69 6.75 23.64
N GLN E 83 -39.88 8.02 23.30
CA GLN E 83 -38.85 9.06 23.35
C GLN E 83 -38.20 9.23 24.72
N GLN E 84 -38.95 8.81 25.75
CA GLN E 84 -38.44 8.84 27.12
C GLN E 84 -37.60 7.60 27.24
N ALA E 85 -38.16 6.44 26.90
CA ALA E 85 -37.39 5.20 26.88
C ALA E 85 -36.03 5.32 26.14
N ALA E 86 -35.96 6.08 25.05
CA ALA E 86 -34.70 6.27 24.30
C ALA E 86 -33.71 7.20 24.98
N THR E 87 -34.22 8.25 25.62
CA THR E 87 -33.43 9.06 26.54
C THR E 87 -32.87 8.20 27.70
N ASN E 88 -33.63 7.21 28.15
CA ASN E 88 -33.20 6.47 29.30
C ASN E 88 -32.13 5.45 28.93
N ILE E 89 -32.34 4.72 27.85
CA ILE E 89 -31.33 3.79 27.37
C ILE E 89 -30.03 4.53 26.97
N TRP E 90 -30.18 5.68 26.31
CA TRP E 90 -29.07 6.56 26.01
C TRP E 90 -28.24 6.82 27.27
N GLY E 91 -28.93 7.24 28.35
CA GLY E 91 -28.29 7.58 29.63
C GLY E 91 -27.52 6.41 30.20
N PHE E 92 -28.07 5.24 29.99
CA PHE E 92 -27.46 4.00 30.44
C PHE E 92 -26.21 3.57 29.64
N LYS E 93 -26.29 3.69 28.31
CA LYS E 93 -25.13 3.42 27.46
C LYS E 93 -24.04 4.44 27.79
N ARG E 94 -24.40 5.68 28.09
CA ARG E 94 -23.43 6.67 28.57
C ARG E 94 -22.73 6.32 29.89
N LYS E 95 -23.49 5.77 30.84
CA LYS E 95 -22.96 5.36 32.12
C LYS E 95 -22.04 4.18 31.96
N ILE E 96 -22.37 3.29 31.03
CA ILE E 96 -21.47 2.21 30.70
C ILE E 96 -20.16 2.80 30.08
N LEU E 97 -20.32 3.77 29.18
CA LEU E 97 -19.14 4.36 28.55
C LEU E 97 -18.15 4.89 29.61
N GLY E 98 -18.62 5.77 30.49
CA GLY E 98 -17.83 6.30 31.62
C GLY E 98 -17.10 5.31 32.52
N LEU E 99 -17.69 4.14 32.68
CA LEU E 99 -17.16 3.10 33.55
C LEU E 99 -16.08 2.36 32.82
N ILE E 100 -16.28 2.26 31.50
CA ILE E 100 -15.31 1.56 30.67
C ILE E 100 -14.06 2.43 30.49
N LEU E 101 -14.28 3.72 30.25
CA LEU E 101 -13.22 4.65 29.89
C LEU E 101 -12.35 5.05 31.07
N THR E 102 -12.84 4.87 32.29
CA THR E 102 -12.05 5.10 33.49
C THR E 102 -11.61 3.74 34.08
N CYS E 103 -11.78 2.67 33.28
CA CYS E 103 -11.39 1.30 33.63
C CYS E 103 -11.90 0.77 34.98
N LYS E 104 -13.19 0.88 35.24
CA LYS E 104 -13.68 0.37 36.51
C LYS E 104 -14.26 -1.07 36.42
N LEU E 105 -14.15 -1.66 35.23
CA LEU E 105 -14.75 -2.94 34.91
C LEU E 105 -13.77 -3.82 34.14
N PRO E 106 -12.64 -4.19 34.76
CA PRO E 106 -11.61 -4.83 33.95
C PRO E 106 -12.03 -6.24 33.57
N GLY E 107 -11.88 -6.56 32.29
CA GLY E 107 -12.22 -7.87 31.78
C GLY E 107 -13.56 -7.92 31.07
N GLN E 108 -14.25 -6.78 30.96
CA GLN E 108 -15.49 -6.69 30.23
C GLN E 108 -15.15 -6.69 28.74
N ASN E 109 -16.17 -6.87 27.90
CA ASN E 109 -15.96 -7.18 26.51
C ASN E 109 -16.71 -6.29 25.52
N ASN E 110 -17.37 -5.27 26.03
CA ASN E 110 -17.89 -4.18 25.20
C ASN E 110 -16.78 -3.15 24.85
N PHE E 111 -16.67 -2.85 23.55
CA PHE E 111 -15.82 -1.82 22.97
C PHE E 111 -16.39 -0.44 23.28
N PRO E 112 -15.53 0.48 23.76
CA PRO E 112 -16.08 1.81 23.96
C PRO E 112 -16.71 2.37 22.67
N LEU E 113 -16.12 2.11 21.50
CA LEU E 113 -16.69 2.61 20.24
C LEU E 113 -18.10 2.05 20.02
N LEU E 114 -18.23 0.74 20.23
CA LEU E 114 -19.55 0.10 20.23
C LEU E 114 -20.50 0.91 21.13
N VAL E 115 -20.11 1.14 22.38
CA VAL E 115 -21.01 1.84 23.32
C VAL E 115 -21.39 3.26 22.86
N ASP E 116 -20.41 4.04 22.44
CA ASP E 116 -20.71 5.35 21.90
C ASP E 116 -21.60 5.29 20.65
N HIS E 117 -21.45 4.21 19.90
CA HIS E 117 -22.21 3.96 18.68
C HIS E 117 -23.72 3.64 18.94
N THR E 118 -24.01 2.69 19.83
CA THR E 118 -25.39 2.44 20.28
C THR E 118 -25.99 3.74 20.82
N SER E 119 -25.18 4.48 21.59
CA SER E 119 -25.66 5.70 22.20
C SER E 119 -26.03 6.73 21.14
N ARG E 120 -25.24 6.81 20.06
CA ARG E 120 -25.51 7.71 18.91
C ARG E 120 -26.77 7.33 18.14
N GLU E 121 -26.94 6.01 17.92
CA GLU E 121 -28.18 5.46 17.32
C GLU E 121 -29.40 5.77 18.20
N ALA E 122 -29.25 5.50 19.48
CA ALA E 122 -30.25 5.82 20.49
C ALA E 122 -30.66 7.28 20.46
N ASP E 123 -29.66 8.15 20.32
CA ASP E 123 -29.89 9.58 20.22
C ASP E 123 -30.68 9.90 18.97
N TYR E 124 -30.29 9.24 17.88
CA TYR E 124 -30.87 9.52 16.59
C TYR E 124 -32.38 9.30 16.66
N PHE E 125 -32.76 8.15 17.17
CA PHE E 125 -34.11 7.83 17.49
C PHE E 125 -34.78 8.93 18.32
N ARG E 126 -34.23 9.20 19.51
CA ARG E 126 -34.81 10.24 20.40
C ARG E 126 -35.22 11.49 19.62
N LYS E 127 -34.33 11.99 18.76
CA LYS E 127 -34.52 13.29 18.11
C LYS E 127 -35.48 13.20 16.93
N ARG E 128 -35.65 11.99 16.44
CA ARG E 128 -36.51 11.76 15.30
C ARG E 128 -37.95 11.82 15.78
N LEU E 129 -38.19 11.23 16.94
CA LEU E 129 -39.52 11.27 17.55
C LEU E 129 -39.92 12.71 17.81
N ILE E 130 -39.03 13.45 18.47
CA ILE E 130 -39.16 14.91 18.58
C ILE E 130 -39.51 15.54 17.24
N GLN E 131 -38.81 15.15 16.18
CA GLN E 131 -39.06 15.75 14.88
C GLN E 131 -40.50 15.50 14.47
N LEU E 132 -40.97 14.30 14.73
CA LEU E 132 -42.29 13.86 14.28
C LEU E 132 -43.43 14.57 15.03
N ASN E 133 -43.22 14.81 16.32
CA ASN E 133 -44.17 15.48 17.20
C ASN E 133 -44.17 16.98 17.08
N GLU E 134 -43.04 17.55 16.66
CA GLU E 134 -42.96 18.99 16.53
C GLU E 134 -43.27 19.42 15.12
N GLY E 135 -43.37 18.44 14.21
CA GLY E 135 -43.46 18.73 12.79
C GLY E 135 -42.21 19.46 12.32
N LYS E 136 -41.11 19.33 13.06
CA LYS E 136 -39.82 19.88 12.60
C LYS E 136 -39.01 18.73 11.98
N LEU E 137 -39.47 18.32 10.80
CA LEU E 137 -38.87 17.29 9.95
C LEU E 137 -38.16 18.04 8.81
N ASP E 138 -37.08 17.46 8.30
CA ASP E 138 -36.09 18.24 7.55
C ASP E 138 -36.42 18.59 6.09
N ALA E 139 -36.02 19.77 5.64
CA ALA E 139 -36.10 20.06 4.22
C ALA E 139 -35.18 19.05 3.53
N LEU E 140 -35.55 18.65 2.31
CA LEU E 140 -34.90 17.56 1.56
C LEU E 140 -33.35 17.67 1.44
N PRO E 141 -32.86 18.83 1.00
CA PRO E 141 -31.41 19.15 0.91
C PRO E 141 -30.68 18.99 2.26
N ASP E 142 -31.28 19.51 3.32
CA ASP E 142 -30.73 19.38 4.66
C ASP E 142 -30.80 17.93 5.08
N ALA E 143 -31.83 17.23 4.63
CA ALA E 143 -32.04 15.85 5.05
C ALA E 143 -30.99 14.92 4.49
N ILE E 144 -30.74 15.06 3.20
CA ILE E 144 -29.82 14.22 2.52
C ILE E 144 -28.45 14.29 3.17
N ILE E 145 -28.00 15.49 3.44
CA ILE E 145 -26.72 15.72 4.11
C ILE E 145 -26.70 15.21 5.56
N LYS E 146 -27.75 15.45 6.33
CA LYS E 146 -27.78 14.92 7.69
C LYS E 146 -27.80 13.39 7.79
N GLU E 147 -28.75 12.72 7.14
CA GLU E 147 -28.77 11.24 7.25
C GLU E 147 -27.48 10.56 6.79
N ASN E 148 -26.86 11.12 5.76
CA ASN E 148 -25.72 10.49 5.15
C ASN E 148 -24.47 10.59 6.03
N VAL E 149 -24.25 11.78 6.59
CA VAL E 149 -23.27 11.98 7.64
C VAL E 149 -23.47 11.00 8.78
N PHE E 150 -24.65 10.99 9.37
CA PHE E 150 -24.93 10.02 10.42
C PHE E 150 -24.65 8.59 9.96
N PHE E 151 -25.25 8.16 8.84
CA PHE E 151 -25.30 6.72 8.55
C PHE E 151 -24.00 6.22 7.95
N LEU E 152 -23.27 7.09 7.28
CA LEU E 152 -21.99 6.70 6.71
C LEU E 152 -21.08 6.30 7.86
N ARG E 153 -21.06 7.14 8.92
CA ARG E 153 -20.30 6.89 10.15
C ARG E 153 -20.64 5.57 10.81
N ILE E 154 -21.93 5.31 10.94
CA ILE E 154 -22.45 3.99 11.35
C ILE E 154 -21.99 2.85 10.44
N MET E 155 -22.08 3.06 9.15
CA MET E 155 -21.49 2.13 8.22
C MET E 155 -19.99 1.94 8.52
N ALA E 156 -19.24 3.03 8.66
CA ALA E 156 -17.79 2.93 8.95
C ALA E 156 -17.45 2.21 10.25
N ASP E 157 -18.25 2.37 11.31
CA ASP E 157 -18.00 1.64 12.56
C ASP E 157 -18.27 0.15 12.39
N HIS E 158 -19.36 -0.17 11.70
CA HIS E 158 -19.78 -1.59 11.52
C HIS E 158 -18.71 -2.44 10.84
N ALA E 159 -18.13 -1.86 9.79
CA ALA E 159 -17.02 -2.44 9.05
C ALA E 159 -15.84 -2.76 9.98
N LYS E 160 -15.61 -1.87 10.95
CA LYS E 160 -14.66 -2.12 12.05
C LYS E 160 -15.06 -3.20 13.04
N PHE E 161 -16.30 -3.17 13.52
CA PHE E 161 -16.80 -4.22 14.45
C PHE E 161 -16.74 -5.57 13.79
N ILE E 162 -17.07 -5.62 12.53
CA ILE E 162 -16.97 -6.89 11.84
C ILE E 162 -15.52 -7.33 11.76
N GLY E 163 -14.65 -6.39 11.38
CA GLY E 163 -13.23 -6.72 11.26
C GLY E 163 -12.64 -7.20 12.56
N HIS E 164 -13.02 -6.58 13.67
CA HIS E 164 -12.45 -6.87 14.99
C HIS E 164 -13.00 -8.10 15.64
N LEU E 165 -14.24 -8.41 15.34
CA LEU E 165 -14.90 -9.53 15.98
C LEU E 165 -14.79 -10.82 15.16
N LEU E 166 -14.46 -10.72 13.89
CA LEU E 166 -14.02 -11.91 13.15
C LEU E 166 -12.75 -12.51 13.77
N ASP E 167 -12.65 -13.84 13.79
CA ASP E 167 -11.44 -14.50 14.26
C ASP E 167 -10.23 -14.11 13.40
N PRO E 168 -9.13 -13.75 14.04
CA PRO E 168 -7.99 -13.20 13.28
C PRO E 168 -7.50 -14.16 12.20
N SER E 169 -7.74 -15.46 12.39
CA SER E 169 -7.44 -16.46 11.39
C SER E 169 -8.29 -16.36 10.11
N GLU E 170 -9.33 -15.55 10.13
CA GLU E 170 -10.10 -15.30 8.90
C GLU E 170 -9.46 -14.17 8.13
N ARG E 171 -8.24 -14.38 7.65
CA ARG E 171 -7.49 -13.25 7.02
C ARG E 171 -8.19 -12.57 5.84
N LYS E 172 -8.58 -13.35 4.85
CA LYS E 172 -9.38 -12.86 3.72
C LYS E 172 -10.56 -12.01 4.14
N LEU E 173 -11.37 -12.49 5.06
CA LEU E 173 -12.58 -11.76 5.47
C LEU E 173 -12.29 -10.50 6.35
N VAL E 174 -11.23 -10.57 7.15
CA VAL E 174 -10.79 -9.43 7.96
C VAL E 174 -10.40 -8.35 6.99
N ASP E 175 -9.59 -8.73 6.03
CA ASP E 175 -9.18 -7.79 5.02
C ASP E 175 -10.29 -7.13 4.21
N THR E 176 -11.28 -7.90 3.79
CA THR E 176 -12.44 -7.32 3.15
C THR E 176 -13.12 -6.29 4.04
N ALA E 177 -13.18 -6.54 5.33
CA ALA E 177 -13.88 -5.61 6.21
C ALA E 177 -13.07 -4.34 6.31
N ARG E 178 -11.75 -4.50 6.38
CA ARG E 178 -10.83 -3.36 6.42
C ARG E 178 -10.93 -2.45 5.17
N ASN E 179 -11.08 -3.07 4.00
CA ASN E 179 -11.31 -2.32 2.78
C ASN E 179 -12.61 -1.50 2.88
N PHE E 180 -13.67 -2.16 3.34
CA PHE E 180 -14.91 -1.41 3.58
C PHE E 180 -14.73 -0.28 4.58
N SER E 181 -14.03 -0.57 5.65
CA SER E 181 -13.78 0.38 6.69
C SER E 181 -13.15 1.64 6.06
N ASN E 182 -12.07 1.44 5.29
CA ASN E 182 -11.41 2.54 4.63
C ASN E 182 -12.33 3.22 3.63
N ASP E 183 -13.16 2.43 2.93
CA ASP E 183 -14.09 2.99 1.95
C ASP E 183 -14.96 3.96 2.66
N PHE E 184 -15.56 3.54 3.75
CA PHE E 184 -16.53 4.41 4.44
C PHE E 184 -15.97 5.60 5.25
N ASP E 185 -14.79 5.44 5.82
CA ASP E 185 -14.03 6.58 6.39
C ASP E 185 -13.98 7.66 5.32
N GLU E 186 -13.70 7.24 4.08
CA GLU E 186 -13.50 8.16 2.97
C GLU E 186 -14.81 8.83 2.59
N LEU E 187 -15.91 8.06 2.48
CA LEU E 187 -17.20 8.70 2.14
C LEU E 187 -17.65 9.68 3.20
N MET E 188 -17.39 9.33 4.46
CA MET E 188 -17.75 10.20 5.59
C MET E 188 -16.95 11.48 5.48
N TYR E 189 -15.66 11.39 5.23
CA TYR E 189 -14.91 12.62 5.22
CA TYR E 189 -14.83 12.58 5.17
C TYR E 189 -15.38 13.47 4.05
N GLN E 190 -15.95 12.82 3.05
CA GLN E 190 -16.48 13.55 1.91
C GLN E 190 -17.78 14.25 2.33
N ALA E 191 -18.62 13.50 3.05
CA ALA E 191 -19.92 13.98 3.58
C ALA E 191 -19.70 15.20 4.47
N ILE E 192 -18.70 15.05 5.36
CA ILE E 192 -18.29 16.10 6.26
C ILE E 192 -17.90 17.39 5.57
N ASP E 193 -17.12 17.31 4.51
CA ASP E 193 -16.80 18.50 3.77
C ASP E 193 -18.00 19.14 3.05
N LEU E 194 -18.91 18.32 2.51
CA LEU E 194 -20.14 18.82 1.88
C LEU E 194 -20.99 19.60 2.90
N GLU E 195 -21.13 18.99 4.09
CA GLU E 195 -21.74 19.56 5.29
C GLU E 195 -21.21 20.96 5.52
N SER E 196 -19.90 21.11 5.68
CA SER E 196 -19.34 22.42 5.96
C SER E 196 -19.58 23.39 4.80
N MET E 197 -19.78 22.81 3.61
CA MET E 197 -19.99 23.61 2.41
C MET E 197 -21.46 23.96 2.22
N LYS E 198 -22.31 23.49 3.11
CA LYS E 198 -23.74 23.76 3.02
C LYS E 198 -24.00 25.18 3.51
N PRO E 199 -25.00 25.86 2.93
CA PRO E 199 -25.95 25.38 1.96
C PRO E 199 -25.48 25.65 0.51
N GLN E 200 -24.33 26.30 0.35
CA GLN E 200 -23.73 26.49 -0.99
C GLN E 200 -23.55 25.20 -1.76
N SER E 201 -23.27 24.13 -1.03
CA SER E 201 -23.02 22.83 -1.65
C SER E 201 -24.31 22.10 -1.94
N GLN E 202 -25.44 22.69 -1.56
CA GLN E 202 -26.70 21.96 -1.68
C GLN E 202 -27.40 22.16 -3.02
N THR E 203 -26.65 21.95 -4.11
CA THR E 203 -27.16 22.08 -5.45
C THR E 203 -27.66 20.69 -5.80
N ALA E 204 -28.70 20.62 -6.63
CA ALA E 204 -29.21 19.31 -7.09
C ALA E 204 -28.11 18.36 -7.68
N PRO E 205 -27.29 18.86 -8.64
CA PRO E 205 -26.31 17.94 -9.19
C PRO E 205 -25.30 17.49 -8.13
N LEU E 206 -24.77 18.40 -7.30
CA LEU E 206 -23.82 17.97 -6.24
C LEU E 206 -24.51 16.94 -5.34
N LEU E 207 -25.70 17.23 -4.87
CA LEU E 207 -26.37 16.23 -4.04
C LEU E 207 -26.66 14.89 -4.73
N ASP E 208 -26.88 14.94 -6.02
CA ASP E 208 -27.21 13.74 -6.81
C ASP E 208 -25.96 12.89 -7.01
N GLN E 209 -24.83 13.57 -7.24
CA GLN E 209 -23.55 12.88 -7.33
C GLN E 209 -23.15 12.28 -5.99
N PHE E 210 -23.32 13.04 -4.92
CA PHE E 210 -23.12 12.57 -3.55
C PHE E 210 -23.86 11.27 -3.30
N LEU E 211 -25.17 11.30 -3.51
CA LEU E 211 -26.03 10.13 -3.30
C LEU E 211 -25.65 8.90 -4.13
N ASP E 212 -25.16 9.14 -5.33
CA ASP E 212 -24.79 8.07 -6.25
C ASP E 212 -23.52 7.35 -5.76
N GLN E 213 -22.50 8.13 -5.45
CA GLN E 213 -21.28 7.56 -4.91
C GLN E 213 -21.54 6.73 -3.67
N ASN E 214 -22.35 7.24 -2.75
CA ASN E 214 -22.52 6.54 -1.51
C ASN E 214 -23.26 5.25 -1.69
N ARG E 215 -24.24 5.26 -2.60
CA ARG E 215 -25.09 4.09 -2.88
C ARG E 215 -24.28 2.88 -3.31
N VAL E 216 -23.38 3.05 -4.27
CA VAL E 216 -22.57 1.91 -4.66
C VAL E 216 -21.89 1.21 -3.46
N SER E 217 -21.22 1.98 -2.58
CA SER E 217 -20.64 1.44 -1.34
C SER E 217 -21.62 0.82 -0.33
N VAL E 218 -22.72 1.52 -0.03
CA VAL E 218 -23.70 1.00 0.92
C VAL E 218 -24.29 -0.31 0.43
N ALA E 219 -24.39 -0.45 -0.90
CA ALA E 219 -25.03 -1.60 -1.52
C ALA E 219 -24.08 -2.76 -1.49
N SER E 220 -22.80 -2.48 -1.74
CA SER E 220 -21.71 -3.43 -1.48
C SER E 220 -21.74 -3.99 -0.05
N LEU E 221 -21.62 -3.09 0.91
CA LEU E 221 -21.52 -3.52 2.30
C LEU E 221 -22.73 -4.30 2.78
N ARG E 222 -23.91 -3.85 2.36
CA ARG E 222 -25.17 -4.52 2.64
C ARG E 222 -25.07 -5.98 2.20
N ASP E 223 -24.52 -6.22 1.01
CA ASP E 223 -24.41 -7.60 0.52
C ASP E 223 -23.40 -8.39 1.30
N PHE E 224 -22.32 -7.72 1.68
CA PHE E 224 -21.31 -8.37 2.51
C PHE E 224 -21.91 -8.85 3.85
N LYS E 225 -22.69 -7.99 4.48
CA LYS E 225 -23.30 -8.24 5.77
C LYS E 225 -24.31 -9.40 5.69
N LYS E 226 -25.11 -9.37 4.64
CA LYS E 226 -26.04 -10.42 4.38
C LYS E 226 -25.27 -11.72 4.23
N THR E 227 -24.20 -11.66 3.43
CA THR E 227 -23.35 -12.83 3.18
C THR E 227 -22.71 -13.32 4.47
N ALA E 228 -22.10 -12.41 5.20
CA ALA E 228 -21.47 -12.76 6.48
C ALA E 228 -22.47 -13.41 7.46
N ARG E 229 -23.61 -12.76 7.65
CA ARG E 229 -24.66 -13.30 8.53
C ARG E 229 -25.05 -14.75 8.18
N ASP E 230 -25.27 -14.97 6.90
CA ASP E 230 -25.63 -16.28 6.43
C ASP E 230 -24.52 -17.27 6.72
N LEU E 231 -23.27 -16.82 6.68
CA LEU E 231 -22.13 -17.71 6.95
C LEU E 231 -21.92 -18.01 8.42
N ILE E 232 -22.31 -17.08 9.26
CA ILE E 232 -22.14 -17.27 10.71
C ILE E 232 -23.29 -18.14 11.22
N GLU E 233 -24.48 -17.89 10.66
CA GLU E 233 -25.64 -18.69 11.00
C GLU E 233 -25.38 -20.15 10.67
N GLN E 234 -24.65 -20.38 9.57
CA GLN E 234 -24.37 -21.73 9.08
C GLN E 234 -23.11 -22.30 9.67
N CYS E 235 -22.49 -21.55 10.58
CA CYS E 235 -21.17 -21.88 11.17
C CYS E 235 -20.14 -22.10 10.12
N LYS E 236 -20.12 -21.29 9.07
CA LYS E 236 -19.15 -21.56 8.03
C LYS E 236 -17.88 -20.79 8.32
N ILE E 237 -17.96 -19.76 9.16
CA ILE E 237 -16.75 -18.97 9.46
C ILE E 237 -16.45 -18.83 10.95
N LYS E 238 -15.19 -18.53 11.24
CA LYS E 238 -14.71 -18.44 12.62
C LYS E 238 -14.85 -17.00 13.07
N SER E 239 -15.67 -16.78 14.09
CA SER E 239 -15.88 -15.44 14.55
C SER E 239 -16.33 -15.47 15.98
N ILE E 240 -16.41 -14.30 16.60
CA ILE E 240 -17.13 -14.13 17.86
C ILE E 240 -18.18 -13.06 17.62
N ILE E 241 -18.74 -13.09 16.40
CA ILE E 241 -19.91 -12.29 16.03
C ILE E 241 -21.16 -13.13 16.19
N HIS E 242 -22.14 -12.56 16.86
CA HIS E 242 -23.34 -13.25 17.17
C HIS E 242 -24.26 -13.19 15.96
N PRO E 243 -24.86 -14.33 15.59
CA PRO E 243 -25.78 -14.43 14.46
C PRO E 243 -26.80 -13.27 14.46
N LEU E 244 -27.24 -12.86 15.63
CA LEU E 244 -28.13 -11.69 15.76
C LEU E 244 -27.46 -10.33 15.46
N LEU E 245 -26.21 -10.14 15.87
CA LEU E 245 -25.50 -8.89 15.60
C LEU E 245 -25.33 -8.69 14.10
N ALA E 246 -24.89 -9.74 13.41
CA ALA E 246 -24.75 -9.69 11.97
C ALA E 246 -26.08 -9.32 11.32
N ASP E 247 -27.17 -9.92 11.81
CA ASP E 247 -28.51 -9.58 11.28
C ASP E 247 -28.80 -8.12 11.54
N HIS E 248 -28.40 -7.64 12.72
CA HIS E 248 -28.60 -6.26 13.21
C HIS E 248 -27.94 -5.21 12.34
N VAL E 249 -26.67 -5.37 12.03
CA VAL E 249 -25.99 -4.44 11.10
C VAL E 249 -26.53 -4.54 9.69
N PHE E 250 -26.95 -5.73 9.27
CA PHE E 250 -27.59 -5.88 7.93
C PHE E 250 -28.81 -4.97 7.81
N ARG E 251 -29.65 -4.99 8.84
CA ARG E 251 -30.90 -4.21 8.80
C ARG E 251 -30.60 -2.75 8.81
N GLU E 252 -29.59 -2.33 9.56
CA GLU E 252 -29.19 -0.92 9.55
C GLU E 252 -28.62 -0.50 8.18
N ALA E 253 -27.87 -1.42 7.55
CA ALA E 253 -27.38 -1.27 6.18
C ALA E 253 -28.56 -1.17 5.22
N ASP E 254 -29.37 -2.23 5.18
CA ASP E 254 -30.66 -2.25 4.46
C ASP E 254 -31.42 -0.96 4.65
N ARG E 255 -31.67 -0.58 5.90
CA ARG E 255 -32.40 0.64 6.14
C ARG E 255 -31.78 1.85 5.46
N PHE E 256 -30.45 1.97 5.48
CA PHE E 256 -29.78 3.20 5.00
C PHE E 256 -29.95 3.28 3.49
N LEU E 257 -29.95 2.12 2.84
CA LEU E 257 -30.11 2.05 1.39
C LEU E 257 -31.53 2.47 0.97
N GLU E 258 -32.55 2.02 1.69
CA GLU E 258 -33.93 2.55 1.54
C GLU E 258 -33.89 4.07 1.48
N ILE E 259 -33.33 4.70 2.53
CA ILE E 259 -33.29 6.14 2.59
C ILE E 259 -32.56 6.75 1.42
N ILE E 260 -31.40 6.21 1.09
CA ILE E 260 -30.69 6.77 -0.05
C ILE E 260 -31.55 6.70 -1.32
N ASP E 261 -32.21 5.55 -1.52
CA ASP E 261 -32.94 5.36 -2.77
C ASP E 261 -34.13 6.32 -2.84
N MET E 262 -34.86 6.38 -1.74
CA MET E 262 -35.93 7.35 -1.64
C MET E 262 -35.45 8.79 -1.85
N TYR E 263 -34.33 9.20 -1.24
CA TYR E 263 -33.83 10.55 -1.49
C TYR E 263 -33.46 10.83 -2.95
N ASP E 264 -32.94 9.85 -3.66
CA ASP E 264 -32.64 10.05 -5.07
C ASP E 264 -33.95 10.21 -5.86
N VAL E 265 -35.00 9.45 -5.50
CA VAL E 265 -36.33 9.55 -6.14
C VAL E 265 -36.94 10.95 -6.01
N HIS E 266 -36.97 11.48 -4.79
CA HIS E 266 -37.57 12.81 -4.53
C HIS E 266 -36.76 13.94 -5.13
N LEU E 267 -35.73 13.57 -5.89
CA LEU E 267 -34.72 14.50 -6.42
C LEU E 267 -34.59 14.41 -7.94
N MET F 11 -9.93 -46.78 -5.48
CA MET F 11 -9.71 -47.81 -6.54
C MET F 11 -8.23 -47.85 -6.96
N PHE F 12 -7.51 -48.78 -6.32
CA PHE F 12 -6.06 -48.89 -6.32
C PHE F 12 -5.36 -48.77 -7.67
N VAL F 13 -5.84 -49.47 -8.69
CA VAL F 13 -5.18 -49.43 -10.00
C VAL F 13 -5.43 -48.10 -10.75
N GLU F 14 -6.70 -47.71 -10.80
CA GLU F 14 -7.07 -46.41 -11.24
C GLU F 14 -6.10 -45.35 -10.71
N ARG F 15 -6.13 -45.18 -9.38
CA ARG F 15 -5.44 -44.09 -8.72
C ARG F 15 -3.93 -44.19 -8.85
N SER F 16 -3.38 -45.36 -8.58
CA SER F 16 -1.96 -45.53 -8.73
C SER F 16 -1.52 -44.96 -10.05
N LEU F 17 -2.18 -45.36 -11.13
CA LEU F 17 -1.67 -44.99 -12.47
C LEU F 17 -1.79 -43.49 -12.76
N ASN F 18 -2.86 -42.89 -12.22
CA ASN F 18 -3.07 -41.46 -12.32
C ASN F 18 -1.92 -40.77 -11.66
N GLU F 19 -1.68 -41.11 -10.38
CA GLU F 19 -0.58 -40.50 -9.63
C GLU F 19 0.71 -40.59 -10.42
N ILE F 20 1.10 -41.80 -10.75
CA ILE F 20 2.38 -42.03 -11.39
C ILE F 20 2.52 -41.36 -12.77
N ARG F 21 1.45 -41.35 -13.54
CA ARG F 21 1.52 -40.78 -14.89
C ARG F 21 1.84 -39.29 -14.73
N PHE F 22 1.24 -38.69 -13.70
CA PHE F 22 1.34 -37.25 -13.51
C PHE F 22 2.70 -36.90 -12.91
N TRP F 23 2.98 -37.51 -11.76
CA TRP F 23 4.14 -37.12 -10.99
C TRP F 23 5.45 -37.54 -11.59
N SER F 24 5.46 -38.60 -12.38
CA SER F 24 6.75 -39.06 -12.92
C SER F 24 7.18 -38.14 -14.06
N ARG F 25 6.17 -37.56 -14.75
CA ARG F 25 6.39 -36.53 -15.75
C ARG F 25 7.03 -35.33 -15.09
N ILE F 26 6.44 -34.91 -13.98
CA ILE F 26 7.02 -33.92 -13.07
C ILE F 26 8.49 -34.14 -12.62
N MET F 27 8.84 -35.30 -12.07
CA MET F 27 10.23 -35.54 -11.67
C MET F 27 11.16 -35.52 -12.86
N LYS F 28 10.64 -35.97 -13.99
CA LYS F 28 11.40 -36.04 -15.22
C LYS F 28 11.75 -34.60 -15.61
N GLU F 29 10.71 -33.77 -15.74
CA GLU F 29 10.84 -32.32 -15.99
C GLU F 29 11.77 -31.61 -14.96
N HIS F 30 11.50 -31.79 -13.66
CA HIS F 30 12.46 -31.34 -12.61
C HIS F 30 13.97 -31.56 -12.94
N SER F 31 14.34 -32.71 -13.51
CA SER F 31 15.78 -32.96 -13.68
C SER F 31 16.30 -32.16 -14.85
N PHE F 32 15.47 -32.02 -15.87
CA PHE F 32 15.77 -31.04 -16.87
C PHE F 32 16.00 -29.61 -16.31
N PHE F 33 15.06 -29.10 -15.49
CA PHE F 33 15.18 -27.74 -14.93
C PHE F 33 16.42 -27.59 -14.02
N LEU F 34 16.63 -28.58 -13.16
CA LEU F 34 17.77 -28.51 -12.23
C LEU F 34 19.04 -28.51 -13.06
N ARG F 35 19.02 -29.32 -14.13
CA ARG F 35 20.19 -29.39 -15.01
C ARG F 35 20.49 -28.03 -15.67
N LEU F 36 19.47 -27.33 -16.15
CA LEU F 36 19.69 -26.02 -16.77
C LEU F 36 20.40 -25.03 -15.87
N GLY F 37 20.22 -25.17 -14.56
CA GLY F 37 20.78 -24.30 -13.58
C GLY F 37 22.13 -24.74 -13.06
N PHE F 38 22.60 -25.92 -13.45
CA PHE F 38 23.95 -26.32 -13.00
C PHE F 38 25.01 -25.51 -13.76
N ARG F 39 26.18 -25.28 -13.17
CA ARG F 39 27.26 -24.62 -13.91
C ARG F 39 27.79 -25.67 -14.86
N CYS F 40 28.38 -25.21 -15.96
CA CYS F 40 28.80 -26.07 -17.06
C CYS F 40 29.84 -27.11 -16.67
N GLU F 41 30.72 -26.71 -15.76
CA GLU F 41 31.73 -27.57 -15.20
C GLU F 41 31.24 -28.61 -14.16
N ASP F 42 30.02 -28.50 -13.66
CA ASP F 42 29.55 -29.48 -12.69
C ASP F 42 29.12 -30.78 -13.36
N THR F 43 30.07 -31.49 -13.95
CA THR F 43 29.76 -32.55 -14.91
C THR F 43 29.14 -33.81 -14.31
N GLN F 44 29.43 -34.11 -13.05
CA GLN F 44 28.85 -35.29 -12.40
C GLN F 44 27.38 -35.08 -12.12
N LEU F 45 27.03 -33.84 -11.78
CA LEU F 45 25.69 -33.49 -11.38
C LEU F 45 24.84 -33.41 -12.62
N ILE F 46 25.44 -32.91 -13.69
CA ILE F 46 24.73 -32.89 -14.96
C ILE F 46 24.42 -34.31 -15.39
N GLU F 47 25.33 -35.25 -15.12
CA GLU F 47 25.05 -36.62 -15.54
C GLU F 47 23.95 -37.28 -14.70
N GLU F 48 24.05 -37.13 -13.39
CA GLU F 48 23.00 -37.58 -12.48
C GLU F 48 21.63 -37.11 -12.94
N ALA F 49 21.56 -35.83 -13.27
CA ALA F 49 20.33 -35.20 -13.70
C ALA F 49 19.80 -35.89 -14.94
N ASN F 50 20.69 -36.09 -15.91
CA ASN F 50 20.33 -36.81 -17.13
C ASN F 50 19.91 -38.27 -16.82
N GLN F 51 20.62 -38.93 -15.91
CA GLN F 51 20.17 -40.24 -15.44
C GLN F 51 18.74 -40.19 -14.95
N PHE F 52 18.47 -39.35 -13.96
CA PHE F 52 17.12 -39.25 -13.44
C PHE F 52 16.14 -38.86 -14.51
N TYR F 53 16.60 -38.12 -15.52
CA TYR F 53 15.70 -37.76 -16.61
C TYR F 53 15.13 -39.00 -17.32
N ARG F 54 16.03 -39.89 -17.71
CA ARG F 54 15.65 -41.06 -18.45
C ARG F 54 14.93 -42.04 -17.54
N LEU F 55 15.36 -42.16 -16.29
CA LEU F 55 14.67 -42.99 -15.34
C LEU F 55 13.18 -42.72 -15.31
N PHE F 56 12.85 -41.44 -15.12
CA PHE F 56 11.46 -41.11 -14.96
C PHE F 56 10.77 -41.08 -16.29
N GLU F 57 11.55 -40.83 -17.34
CA GLU F 57 10.98 -40.92 -18.67
C GLU F 57 10.46 -42.34 -18.89
N HIS F 58 11.28 -43.30 -18.47
CA HIS F 58 10.96 -44.71 -18.65
C HIS F 58 9.79 -45.10 -17.78
N ILE F 59 9.88 -44.79 -16.49
CA ILE F 59 8.72 -45.00 -15.66
C ILE F 59 7.48 -44.44 -16.38
N GLU F 60 7.59 -43.25 -16.95
CA GLU F 60 6.39 -42.62 -17.53
C GLU F 60 5.75 -43.48 -18.62
N GLN F 61 6.59 -44.00 -19.51
CA GLN F 61 6.15 -44.81 -20.64
C GLN F 61 5.41 -46.04 -20.09
N ILE F 62 6.04 -46.73 -19.13
CA ILE F 62 5.44 -47.90 -18.47
C ILE F 62 4.08 -47.62 -17.86
N ALA F 63 3.93 -46.47 -17.24
CA ALA F 63 2.65 -46.17 -16.62
C ALA F 63 1.56 -46.06 -17.66
N HIS F 64 1.91 -45.56 -18.84
CA HIS F 64 0.93 -45.27 -19.92
C HIS F 64 0.57 -46.53 -20.65
N SER F 65 1.47 -47.50 -20.59
CA SER F 65 1.27 -48.78 -21.20
C SER F 65 0.46 -49.70 -20.30
N TYR F 66 0.30 -49.35 -19.02
CA TYR F 66 -0.61 -50.12 -18.19
C TYR F 66 -1.97 -49.57 -18.35
N THR F 67 -2.90 -50.08 -17.57
CA THR F 67 -4.30 -49.80 -17.77
C THR F 67 -5.11 -50.28 -16.59
N ASN F 68 -6.37 -49.86 -16.49
CA ASN F 68 -7.16 -50.25 -15.32
C ASN F 68 -7.27 -51.76 -15.16
N GLU F 69 -7.11 -52.47 -16.27
CA GLU F 69 -7.27 -53.92 -16.31
C GLU F 69 -5.95 -54.59 -16.01
N THR F 70 -5.00 -53.84 -15.49
CA THR F 70 -3.70 -54.44 -15.21
C THR F 70 -3.77 -55.14 -13.86
N ASP F 71 -3.00 -56.20 -13.72
CA ASP F 71 -3.06 -57.03 -12.50
C ASP F 71 -2.55 -56.23 -11.29
N PRO F 72 -3.40 -56.05 -10.28
CA PRO F 72 -3.04 -55.33 -9.05
C PRO F 72 -1.68 -55.68 -8.45
N GLU F 73 -1.29 -56.96 -8.47
CA GLU F 73 0.02 -57.32 -7.93
C GLU F 73 1.12 -56.74 -8.79
N GLN F 74 0.98 -56.84 -10.10
CA GLN F 74 2.04 -56.27 -10.93
C GLN F 74 2.19 -54.76 -10.63
N ILE F 75 1.06 -54.12 -10.35
CA ILE F 75 1.06 -52.70 -10.10
C ILE F 75 1.61 -52.38 -8.72
N LYS F 76 1.45 -53.30 -7.77
CA LYS F 76 1.98 -53.08 -6.43
C LYS F 76 3.49 -53.05 -6.51
N ARG F 77 4.05 -53.96 -7.29
CA ARG F 77 5.50 -53.98 -7.52
C ARG F 77 5.99 -52.70 -8.19
N PHE F 78 5.19 -52.16 -9.11
CA PHE F 78 5.53 -50.96 -9.86
C PHE F 78 5.55 -49.80 -8.88
N ASN F 79 4.53 -49.76 -8.01
CA ASN F 79 4.45 -48.73 -6.96
C ASN F 79 5.74 -48.75 -6.12
N ALA F 80 6.06 -49.92 -5.58
CA ALA F 80 7.26 -50.10 -4.78
C ALA F 80 8.49 -49.62 -5.49
N GLU F 81 8.54 -49.91 -6.79
CA GLU F 81 9.67 -49.52 -7.65
C GLU F 81 9.68 -47.98 -7.87
N VAL F 82 8.52 -47.37 -8.01
CA VAL F 82 8.45 -45.96 -8.34
C VAL F 82 8.73 -45.18 -7.07
N GLN F 83 8.23 -45.68 -5.95
CA GLN F 83 8.59 -45.17 -4.63
C GLN F 83 10.10 -45.07 -4.37
N GLN F 84 10.85 -46.07 -4.80
CA GLN F 84 12.31 -46.04 -4.68
C GLN F 84 12.98 -44.99 -5.57
N ALA F 85 12.41 -44.73 -6.75
CA ALA F 85 12.92 -43.70 -7.66
C ALA F 85 12.63 -42.31 -7.12
N ALA F 86 11.40 -42.14 -6.61
CA ALA F 86 11.02 -40.92 -5.92
C ALA F 86 11.93 -40.59 -4.73
N THR F 87 12.50 -41.62 -4.08
CA THR F 87 13.34 -41.44 -2.90
C THR F 87 14.72 -41.05 -3.34
N ASN F 88 15.10 -41.54 -4.50
CA ASN F 88 16.42 -41.30 -5.01
C ASN F 88 16.57 -39.92 -5.66
N ILE F 89 15.55 -39.47 -6.37
CA ILE F 89 15.57 -38.10 -6.86
C ILE F 89 15.46 -37.14 -5.67
N TRP F 90 14.65 -37.49 -4.67
CA TRP F 90 14.62 -36.68 -3.46
C TRP F 90 16.03 -36.45 -2.82
N GLY F 91 16.78 -37.51 -2.63
CA GLY F 91 18.04 -37.38 -1.95
C GLY F 91 18.97 -36.57 -2.83
N PHE F 92 18.75 -36.64 -4.14
CA PHE F 92 19.62 -35.95 -5.10
C PHE F 92 19.38 -34.43 -5.02
N LYS F 93 18.11 -34.08 -4.86
CA LYS F 93 17.70 -32.70 -4.75
C LYS F 93 18.28 -32.12 -3.47
N ARG F 94 18.14 -32.88 -2.38
CA ARG F 94 18.71 -32.48 -1.06
C ARG F 94 20.20 -32.20 -1.13
N LYS F 95 20.86 -33.04 -1.90
CA LYS F 95 22.30 -32.95 -2.03
C LYS F 95 22.70 -31.64 -2.73
N ILE F 96 21.99 -31.32 -3.81
CA ILE F 96 22.13 -30.05 -4.51
C ILE F 96 21.81 -28.86 -3.61
N LEU F 97 20.73 -28.99 -2.85
CA LEU F 97 20.38 -27.97 -1.84
C LEU F 97 21.54 -27.65 -0.86
N GLY F 98 22.27 -28.66 -0.42
CA GLY F 98 23.33 -28.47 0.59
C GLY F 98 24.57 -27.89 -0.02
N LEU F 99 24.81 -28.17 -1.29
CA LEU F 99 25.95 -27.59 -1.95
C LEU F 99 25.70 -26.11 -2.27
N ILE F 100 24.49 -25.83 -2.75
CA ILE F 100 24.10 -24.47 -3.01
C ILE F 100 24.13 -23.68 -1.72
N LEU F 101 23.49 -24.22 -0.68
CA LEU F 101 23.39 -23.53 0.62
C LEU F 101 24.71 -23.42 1.40
N THR F 102 25.73 -24.16 0.99
CA THR F 102 27.02 -23.96 1.63
C THR F 102 27.91 -23.11 0.73
N CYS F 103 27.36 -22.62 -0.37
CA CYS F 103 28.15 -21.85 -1.33
C CYS F 103 29.27 -22.62 -1.98
N LYS F 104 29.00 -23.89 -2.27
CA LYS F 104 29.94 -24.70 -2.98
C LYS F 104 29.82 -24.55 -4.53
N LEU F 105 28.81 -23.82 -5.01
CA LEU F 105 28.55 -23.70 -6.45
C LEU F 105 28.27 -22.24 -6.93
N PRO F 106 29.23 -21.31 -6.67
CA PRO F 106 29.15 -19.93 -7.13
C PRO F 106 28.97 -19.88 -8.65
N GLY F 107 28.02 -19.10 -9.13
CA GLY F 107 27.70 -19.09 -10.55
C GLY F 107 26.44 -19.88 -10.90
N GLN F 108 25.96 -20.70 -9.97
CA GLN F 108 24.84 -21.61 -10.29
C GLN F 108 23.55 -20.79 -10.17
N ASN F 109 22.50 -21.30 -10.79
CA ASN F 109 21.27 -20.59 -11.15
C ASN F 109 20.02 -21.37 -10.74
N ASN F 110 20.19 -22.42 -9.92
CA ASN F 110 19.04 -22.96 -9.18
C ASN F 110 18.76 -22.22 -7.88
N PHE F 111 17.53 -21.72 -7.78
CA PHE F 111 17.03 -21.13 -6.54
C PHE F 111 16.95 -22.20 -5.44
N PRO F 112 17.61 -21.96 -4.28
CA PRO F 112 17.36 -22.87 -3.18
C PRO F 112 15.89 -23.20 -2.95
N LEU F 113 14.99 -22.22 -3.11
CA LEU F 113 13.59 -22.46 -2.80
C LEU F 113 12.95 -23.43 -3.79
N LEU F 114 13.40 -23.35 -5.05
CA LEU F 114 12.91 -24.23 -6.10
C LEU F 114 13.43 -25.62 -5.86
N VAL F 115 14.72 -25.71 -5.53
CA VAL F 115 15.24 -27.02 -5.14
C VAL F 115 14.40 -27.59 -4.00
N ASP F 116 14.21 -26.85 -2.91
CA ASP F 116 13.50 -27.45 -1.76
C ASP F 116 12.11 -27.84 -2.18
N HIS F 117 11.53 -26.99 -3.01
CA HIS F 117 10.21 -27.13 -3.59
C HIS F 117 10.04 -28.43 -4.33
N THR F 118 10.98 -28.72 -5.23
CA THR F 118 10.91 -29.91 -6.06
C THR F 118 11.12 -31.16 -5.21
N SER F 119 11.93 -31.01 -4.14
CA SER F 119 12.09 -32.09 -3.16
C SER F 119 10.81 -32.39 -2.36
N ARG F 120 9.98 -31.36 -2.11
CA ARG F 120 8.74 -31.56 -1.39
C ARG F 120 7.75 -32.30 -2.26
N GLU F 121 7.70 -31.99 -3.55
CA GLU F 121 6.84 -32.71 -4.48
C GLU F 121 7.29 -34.19 -4.60
N ALA F 122 8.61 -34.45 -4.73
CA ALA F 122 9.14 -35.82 -4.78
C ALA F 122 8.68 -36.63 -3.57
N ASP F 123 8.71 -35.98 -2.41
CA ASP F 123 8.26 -36.57 -1.17
C ASP F 123 6.75 -36.68 -1.11
N TYR F 124 6.00 -35.70 -1.59
CA TYR F 124 4.56 -35.89 -1.70
C TYR F 124 4.27 -37.20 -2.53
N PHE F 125 5.07 -37.39 -3.57
CA PHE F 125 4.94 -38.46 -4.51
C PHE F 125 5.21 -39.81 -3.82
N ARG F 126 6.36 -39.91 -3.12
CA ARG F 126 6.75 -41.20 -2.55
C ARG F 126 5.73 -41.56 -1.48
N LYS F 127 5.35 -40.58 -0.65
CA LYS F 127 4.32 -40.79 0.38
C LYS F 127 3.02 -41.31 -0.21
N ARG F 128 2.51 -40.70 -1.27
CA ARG F 128 1.26 -41.12 -1.90
C ARG F 128 1.28 -42.63 -2.32
N LEU F 129 2.42 -43.07 -2.86
CA LEU F 129 2.69 -44.43 -3.27
C LEU F 129 2.62 -45.42 -2.11
N ILE F 130 3.10 -44.98 -0.95
CA ILE F 130 3.03 -45.72 0.27
C ILE F 130 1.62 -45.80 0.81
N GLN F 131 0.89 -44.70 0.81
CA GLN F 131 -0.52 -44.78 1.18
C GLN F 131 -1.25 -45.77 0.27
N LEU F 132 -0.84 -45.85 -1.00
CA LEU F 132 -1.61 -46.64 -1.95
C LEU F 132 -1.39 -48.12 -1.69
N ASN F 133 -0.11 -48.52 -1.72
CA ASN F 133 0.33 -49.85 -1.32
C ASN F 133 0.02 -50.27 0.11
N GLU F 134 -0.53 -49.38 0.92
CA GLU F 134 -0.81 -49.78 2.31
C GLU F 134 -2.26 -49.61 2.73
N GLY F 135 -3.11 -49.26 1.77
CA GLY F 135 -4.52 -49.00 2.07
C GLY F 135 -4.68 -47.89 3.10
N LYS F 136 -3.76 -46.93 3.03
CA LYS F 136 -3.63 -45.87 4.01
C LYS F 136 -3.92 -44.53 3.36
N LEU F 137 -4.85 -44.54 2.40
CA LEU F 137 -5.36 -43.29 1.84
C LEU F 137 -6.06 -42.60 2.97
N ASP F 138 -6.25 -41.30 2.84
CA ASP F 138 -6.83 -40.55 3.94
C ASP F 138 -8.34 -40.41 3.84
N ALA F 139 -9.01 -40.45 4.99
CA ALA F 139 -10.42 -40.12 5.07
C ALA F 139 -10.63 -38.73 4.46
N LEU F 140 -11.86 -38.43 3.98
CA LEU F 140 -12.08 -37.14 3.36
C LEU F 140 -11.72 -35.92 4.23
N PRO F 141 -12.15 -35.88 5.51
CA PRO F 141 -11.79 -34.73 6.32
C PRO F 141 -10.28 -34.48 6.36
N ASP F 142 -9.47 -35.53 6.46
CA ASP F 142 -8.02 -35.33 6.49
C ASP F 142 -7.38 -34.98 5.15
N ALA F 143 -7.88 -35.57 4.07
CA ALA F 143 -7.39 -35.25 2.74
C ALA F 143 -7.65 -33.78 2.33
N ILE F 144 -8.81 -33.25 2.67
CA ILE F 144 -9.09 -31.87 2.35
C ILE F 144 -8.05 -30.94 2.97
N ILE F 145 -7.78 -31.11 4.25
CA ILE F 145 -6.82 -30.28 4.93
C ILE F 145 -5.39 -30.50 4.45
N LYS F 146 -4.96 -31.75 4.34
CA LYS F 146 -3.59 -32.01 3.97
C LYS F 146 -3.25 -31.69 2.52
N GLU F 147 -4.16 -31.96 1.59
CA GLU F 147 -3.89 -31.66 0.20
C GLU F 147 -3.77 -30.17 0.04
N ASN F 148 -4.65 -29.45 0.73
CA ASN F 148 -4.67 -28.02 0.60
C ASN F 148 -3.45 -27.38 1.21
N VAL F 149 -3.12 -27.77 2.44
CA VAL F 149 -1.96 -27.24 3.12
C VAL F 149 -0.73 -27.43 2.23
N PHE F 150 -0.64 -28.60 1.59
CA PHE F 150 0.43 -28.91 0.64
C PHE F 150 0.42 -28.06 -0.66
N PHE F 151 -0.67 -28.16 -1.43
CA PHE F 151 -0.74 -27.46 -2.70
C PHE F 151 -0.80 -25.91 -2.60
N LEU F 152 -1.19 -25.37 -1.46
CA LEU F 152 -1.37 -23.96 -1.38
C LEU F 152 0.02 -23.34 -1.21
N ARG F 153 0.88 -24.05 -0.48
CA ARG F 153 2.28 -23.66 -0.42
C ARG F 153 2.96 -23.74 -1.80
N ILE F 154 2.58 -24.78 -2.57
CA ILE F 154 3.15 -25.01 -3.89
C ILE F 154 2.67 -23.91 -4.81
N MET F 155 1.41 -23.49 -4.69
CA MET F 155 0.95 -22.40 -5.55
C MET F 155 1.70 -21.11 -5.17
N ALA F 156 1.80 -20.83 -3.89
CA ALA F 156 2.48 -19.62 -3.42
C ALA F 156 3.93 -19.58 -3.93
N ASP F 157 4.55 -20.74 -3.98
CA ASP F 157 5.91 -20.88 -4.48
C ASP F 157 6.02 -20.54 -5.96
N HIS F 158 5.09 -21.07 -6.75
CA HIS F 158 5.06 -20.83 -8.19
C HIS F 158 4.86 -19.35 -8.53
N ALA F 159 3.96 -18.72 -7.80
CA ALA F 159 3.72 -17.33 -7.96
C ALA F 159 5.02 -16.52 -7.81
N LYS F 160 5.86 -16.87 -6.83
CA LYS F 160 7.22 -16.27 -6.70
C LYS F 160 8.24 -16.71 -7.77
N PHE F 161 8.20 -17.98 -8.17
CA PHE F 161 9.15 -18.37 -9.23
C PHE F 161 8.90 -17.55 -10.49
N ILE F 162 7.64 -17.44 -10.87
CA ILE F 162 7.27 -16.66 -12.05
C ILE F 162 7.69 -15.19 -11.96
N GLY F 163 7.39 -14.58 -10.83
CA GLY F 163 7.67 -13.17 -10.65
C GLY F 163 9.16 -12.97 -10.63
N HIS F 164 9.92 -13.89 -10.06
CA HIS F 164 11.38 -13.80 -10.08
C HIS F 164 11.98 -14.07 -11.47
N LEU F 165 11.42 -15.00 -12.23
CA LEU F 165 11.97 -15.32 -13.56
C LEU F 165 11.40 -14.46 -14.69
N LEU F 166 10.44 -13.62 -14.40
CA LEU F 166 9.95 -12.69 -15.41
C LEU F 166 11.10 -11.66 -15.54
N ASP F 167 11.29 -11.11 -16.73
CA ASP F 167 12.23 -10.01 -16.87
C ASP F 167 11.69 -8.87 -15.99
N PRO F 168 12.59 -8.19 -15.21
CA PRO F 168 12.16 -6.98 -14.49
C PRO F 168 11.53 -5.83 -15.33
N SER F 169 11.78 -5.77 -16.66
CA SER F 169 11.08 -4.79 -17.53
C SER F 169 9.55 -5.05 -17.65
N GLU F 170 9.15 -6.31 -17.47
CA GLU F 170 7.71 -6.73 -17.50
C GLU F 170 7.04 -6.39 -16.21
N ARG F 171 6.94 -5.09 -15.97
CA ARG F 171 6.45 -4.58 -14.70
C ARG F 171 5.05 -4.99 -14.31
N LYS F 172 4.14 -5.02 -15.27
CA LYS F 172 2.77 -5.33 -14.93
C LYS F 172 2.55 -6.81 -14.60
N LEU F 173 3.21 -7.70 -15.32
CA LEU F 173 3.08 -9.11 -15.04
C LEU F 173 3.86 -9.54 -13.77
N VAL F 174 4.97 -8.86 -13.45
CA VAL F 174 5.74 -9.05 -12.22
C VAL F 174 4.84 -8.66 -11.04
N ASP F 175 4.20 -7.50 -11.15
CA ASP F 175 3.23 -7.07 -10.15
C ASP F 175 1.98 -8.03 -10.03
N THR F 176 1.38 -8.45 -11.15
CA THR F 176 0.31 -9.47 -11.09
C THR F 176 0.72 -10.76 -10.35
N ALA F 177 1.91 -11.30 -10.63
CA ALA F 177 2.38 -12.51 -9.96
C ALA F 177 2.62 -12.23 -8.50
N ARG F 178 3.04 -11.00 -8.20
CA ARG F 178 3.21 -10.57 -6.81
C ARG F 178 1.91 -10.60 -6.03
N ASN F 179 0.84 -10.06 -6.58
CA ASN F 179 -0.44 -10.14 -5.89
C ASN F 179 -1.00 -11.58 -5.78
N PHE F 180 -0.67 -12.48 -6.71
CA PHE F 180 -0.99 -13.93 -6.54
C PHE F 180 -0.08 -14.52 -5.47
N SER F 181 1.19 -14.09 -5.39
CA SER F 181 2.06 -14.65 -4.35
C SER F 181 1.59 -14.27 -2.95
N ASN F 182 1.01 -13.09 -2.77
CA ASN F 182 0.37 -12.69 -1.51
C ASN F 182 -1.00 -13.37 -1.25
N ASP F 183 -1.81 -13.58 -2.29
CA ASP F 183 -3.12 -14.28 -2.13
C ASP F 183 -2.92 -15.64 -1.54
N PHE F 184 -2.04 -16.43 -2.11
CA PHE F 184 -1.75 -17.77 -1.61
C PHE F 184 -0.94 -17.80 -0.33
N ASP F 185 -0.16 -16.72 -0.03
CA ASP F 185 0.62 -16.71 1.23
C ASP F 185 -0.44 -16.70 2.28
N GLU F 186 -1.40 -15.81 2.09
CA GLU F 186 -2.50 -15.70 3.06
C GLU F 186 -3.50 -16.92 3.16
N LEU F 187 -3.78 -17.61 2.07
CA LEU F 187 -4.62 -18.80 2.13
C LEU F 187 -3.89 -19.98 2.74
N MET F 188 -2.59 -20.04 2.48
CA MET F 188 -1.76 -21.02 3.13
C MET F 188 -1.81 -20.83 4.62
N TYR F 189 -1.78 -19.59 5.10
CA TYR F 189 -1.86 -19.39 6.53
CA TYR F 189 -1.87 -19.31 6.54
C TYR F 189 -3.21 -19.78 7.15
N GLN F 190 -4.32 -19.43 6.49
CA GLN F 190 -5.62 -19.89 6.89
C GLN F 190 -5.58 -21.44 6.95
N ALA F 191 -4.95 -22.08 5.95
CA ALA F 191 -4.88 -23.52 5.91
C ALA F 191 -4.04 -24.06 7.05
N ILE F 192 -2.99 -23.33 7.45
CA ILE F 192 -2.18 -23.73 8.62
C ILE F 192 -2.94 -23.61 9.93
N ASP F 193 -3.69 -22.54 10.09
CA ASP F 193 -4.56 -22.44 11.24
C ASP F 193 -5.63 -23.54 11.27
N LEU F 194 -6.24 -23.80 10.11
CA LEU F 194 -7.34 -24.75 10.03
C LEU F 194 -6.79 -26.08 10.45
N GLU F 195 -5.55 -26.38 10.03
CA GLU F 195 -4.86 -27.61 10.42
C GLU F 195 -4.52 -27.71 11.93
N SER F 196 -4.30 -26.57 12.62
CA SER F 196 -3.98 -26.65 14.03
C SER F 196 -5.25 -26.87 14.81
N MET F 197 -6.34 -26.29 14.29
CA MET F 197 -7.61 -26.43 14.97
C MET F 197 -8.30 -27.80 14.68
N LYS F 198 -7.60 -28.71 14.01
CA LYS F 198 -8.12 -30.07 13.84
C LYS F 198 -7.87 -30.93 15.08
N PRO F 199 -8.74 -31.94 15.31
CA PRO F 199 -9.91 -32.37 14.52
C PRO F 199 -11.15 -31.49 14.70
N GLN F 200 -11.07 -30.48 15.56
CA GLN F 200 -12.23 -29.62 15.85
C GLN F 200 -12.68 -28.78 14.66
N SER F 201 -11.74 -28.45 13.80
CA SER F 201 -12.04 -27.56 12.67
C SER F 201 -12.69 -28.36 11.55
N GLN F 202 -12.63 -29.67 11.66
CA GLN F 202 -13.03 -30.53 10.57
C GLN F 202 -14.54 -30.83 10.50
N THR F 203 -15.35 -29.78 10.45
CA THR F 203 -16.77 -29.93 10.31
C THR F 203 -17.19 -29.71 8.86
N ALA F 204 -18.39 -30.18 8.52
CA ALA F 204 -18.93 -30.00 7.16
C ALA F 204 -18.89 -28.55 6.68
N PRO F 205 -19.44 -27.61 7.49
CA PRO F 205 -19.52 -26.19 7.02
C PRO F 205 -18.18 -25.43 6.92
N LEU F 206 -17.23 -25.75 7.79
CA LEU F 206 -15.93 -25.11 7.77
C LEU F 206 -15.08 -25.61 6.60
N LEU F 207 -15.17 -26.90 6.34
CA LEU F 207 -14.44 -27.48 5.25
C LEU F 207 -14.99 -27.05 3.90
N ASP F 208 -16.30 -26.90 3.79
CA ASP F 208 -16.90 -26.53 2.49
C ASP F 208 -16.52 -25.11 2.13
N GLN F 209 -16.64 -24.21 3.09
CA GLN F 209 -16.17 -22.81 2.97
C GLN F 209 -14.66 -22.67 2.65
N PHE F 210 -13.82 -23.40 3.38
CA PHE F 210 -12.41 -23.48 3.08
C PHE F 210 -12.13 -23.83 1.62
N LEU F 211 -12.73 -24.91 1.10
CA LEU F 211 -12.56 -25.24 -0.32
C LEU F 211 -13.11 -24.15 -1.23
N ASP F 212 -14.29 -23.63 -0.90
CA ASP F 212 -14.93 -22.58 -1.67
C ASP F 212 -14.00 -21.42 -1.96
N GLN F 213 -13.29 -21.01 -0.91
CA GLN F 213 -12.45 -19.84 -0.92
C GLN F 213 -11.10 -20.09 -1.64
N ASN F 214 -10.61 -21.32 -1.59
CA ASN F 214 -9.35 -21.65 -2.21
C ASN F 214 -9.54 -21.70 -3.74
N ARG F 215 -10.65 -22.32 -4.13
CA ARG F 215 -11.12 -22.49 -5.52
C ARG F 215 -11.04 -21.24 -6.35
N VAL F 216 -11.55 -20.12 -5.85
CA VAL F 216 -11.57 -18.92 -6.68
C VAL F 216 -10.16 -18.44 -7.04
N SER F 217 -9.22 -18.62 -6.08
CA SER F 217 -7.83 -18.23 -6.30
C SER F 217 -7.10 -19.17 -7.25
N VAL F 218 -7.18 -20.46 -6.99
CA VAL F 218 -6.48 -21.45 -7.78
C VAL F 218 -6.88 -21.37 -9.23
N ALA F 219 -8.19 -21.32 -9.47
CA ALA F 219 -8.74 -21.13 -10.81
C ALA F 219 -8.18 -19.85 -11.44
N SER F 220 -8.10 -18.79 -10.68
CA SER F 220 -7.51 -17.60 -11.20
C SER F 220 -6.05 -17.80 -11.54
N LEU F 221 -5.32 -18.47 -10.65
CA LEU F 221 -3.90 -18.66 -10.89
C LEU F 221 -3.70 -19.57 -12.05
N ARG F 222 -4.45 -20.67 -12.10
CA ARG F 222 -4.42 -21.58 -13.21
C ARG F 222 -4.68 -20.86 -14.52
N ASP F 223 -5.73 -20.04 -14.56
CA ASP F 223 -6.03 -19.24 -15.74
C ASP F 223 -4.81 -18.39 -16.12
N PHE F 224 -4.08 -17.90 -15.10
CA PHE F 224 -2.94 -16.97 -15.33
C PHE F 224 -1.71 -17.69 -15.86
N LYS F 225 -1.37 -18.85 -15.25
CA LYS F 225 -0.27 -19.67 -15.76
C LYS F 225 -0.50 -20.12 -17.22
N LYS F 226 -1.76 -20.34 -17.59
CA LYS F 226 -2.09 -20.75 -18.96
C LYS F 226 -1.78 -19.64 -19.93
N THR F 227 -2.31 -18.47 -19.67
CA THR F 227 -2.03 -17.28 -20.47
C THR F 227 -0.54 -17.02 -20.56
N ALA F 228 0.14 -17.07 -19.42
CA ALA F 228 1.56 -16.81 -19.37
C ALA F 228 2.30 -17.77 -20.26
N ARG F 229 1.86 -19.03 -20.21
CA ARG F 229 2.49 -20.09 -20.99
C ARG F 229 2.39 -19.80 -22.49
N ASP F 230 1.19 -19.43 -22.93
CA ASP F 230 0.96 -19.20 -24.33
C ASP F 230 1.76 -17.95 -24.77
N LEU F 231 1.72 -16.87 -24.00
CA LEU F 231 2.58 -15.69 -24.29
C LEU F 231 4.06 -15.99 -24.42
N ILE F 232 4.60 -16.83 -23.55
CA ILE F 232 6.01 -17.21 -23.57
C ILE F 232 6.32 -18.02 -24.82
N GLU F 233 5.47 -19.00 -25.09
CA GLU F 233 5.57 -19.80 -26.30
C GLU F 233 5.53 -18.97 -27.58
N GLN F 234 4.72 -17.93 -27.58
CA GLN F 234 4.63 -17.06 -28.75
C GLN F 234 5.73 -16.02 -28.77
N CYS F 235 6.52 -15.99 -27.71
CA CYS F 235 7.59 -15.05 -27.56
C CYS F 235 7.07 -13.60 -27.47
N LYS F 236 5.95 -13.43 -26.78
CA LYS F 236 5.30 -12.10 -26.63
C LYS F 236 5.76 -11.29 -25.38
N ILE F 237 6.45 -11.96 -24.45
CA ILE F 237 6.94 -11.35 -23.22
C ILE F 237 8.38 -11.71 -22.96
N LYS F 238 9.00 -11.02 -22.01
CA LYS F 238 10.41 -11.23 -21.72
C LYS F 238 10.56 -11.92 -20.40
N SER F 239 11.41 -12.91 -20.34
CA SER F 239 11.40 -13.78 -19.20
C SER F 239 12.59 -14.69 -19.33
N ILE F 240 13.06 -15.26 -18.24
CA ILE F 240 13.95 -16.41 -18.41
C ILE F 240 13.15 -17.67 -18.06
N ILE F 241 11.85 -17.67 -18.36
CA ILE F 241 11.01 -18.84 -18.01
C ILE F 241 10.96 -19.78 -19.20
N HIS F 242 11.58 -20.96 -19.09
CA HIS F 242 11.49 -21.98 -20.15
C HIS F 242 10.01 -22.32 -20.34
N PRO F 243 9.55 -22.38 -21.60
CA PRO F 243 8.12 -22.60 -21.71
C PRO F 243 7.65 -23.96 -21.12
N LEU F 244 8.54 -24.94 -21.04
CA LEU F 244 8.15 -26.22 -20.45
C LEU F 244 7.87 -26.02 -18.98
N LEU F 245 8.66 -25.15 -18.34
CA LEU F 245 8.40 -24.77 -16.97
C LEU F 245 7.03 -24.08 -16.81
N ALA F 246 6.76 -23.07 -17.64
CA ALA F 246 5.44 -22.48 -17.60
C ALA F 246 4.29 -23.53 -17.74
N ASP F 247 4.45 -24.52 -18.61
CA ASP F 247 3.38 -25.54 -18.84
C ASP F 247 3.26 -26.43 -17.59
N HIS F 248 4.43 -26.76 -17.02
CA HIS F 248 4.61 -27.60 -15.84
C HIS F 248 3.87 -27.09 -14.62
N VAL F 249 4.06 -25.81 -14.31
CA VAL F 249 3.31 -25.19 -13.21
C VAL F 249 1.83 -25.00 -13.54
N PHE F 250 1.51 -24.77 -14.81
CA PHE F 250 0.12 -24.82 -15.22
C PHE F 250 -0.51 -26.18 -14.85
N ARG F 251 0.14 -27.29 -15.17
CA ARG F 251 -0.45 -28.62 -14.92
C ARG F 251 -0.56 -28.94 -13.46
N GLU F 252 0.44 -28.55 -12.66
CA GLU F 252 0.30 -28.64 -11.19
C GLU F 252 -0.92 -27.87 -10.59
N ALA F 253 -1.20 -26.68 -11.15
CA ALA F 253 -2.30 -25.83 -10.73
C ALA F 253 -3.62 -26.47 -11.11
N ASP F 254 -3.64 -26.95 -12.34
CA ASP F 254 -4.78 -27.63 -12.94
C ASP F 254 -5.12 -28.90 -12.17
N ARG F 255 -4.11 -29.63 -11.72
CA ARG F 255 -4.34 -30.77 -10.84
C ARG F 255 -4.88 -30.40 -9.44
N PHE F 256 -4.37 -29.32 -8.88
CA PHE F 256 -4.86 -28.86 -7.60
C PHE F 256 -6.36 -28.56 -7.75
N LEU F 257 -6.73 -27.86 -8.82
CA LEU F 257 -8.13 -27.48 -9.06
C LEU F 257 -9.04 -28.68 -9.26
N GLU F 258 -8.56 -29.72 -9.94
CA GLU F 258 -9.38 -30.94 -10.02
C GLU F 258 -9.63 -31.55 -8.62
N ILE F 259 -8.55 -31.81 -7.87
CA ILE F 259 -8.67 -32.24 -6.47
C ILE F 259 -9.70 -31.40 -5.70
N ILE F 260 -9.53 -30.07 -5.67
CA ILE F 260 -10.46 -29.18 -4.96
C ILE F 260 -11.90 -29.43 -5.38
N ASP F 261 -12.13 -29.51 -6.70
CA ASP F 261 -13.48 -29.77 -7.25
C ASP F 261 -14.05 -31.19 -6.89
N MET F 262 -13.20 -32.22 -6.92
CA MET F 262 -13.66 -33.54 -6.54
C MET F 262 -13.90 -33.70 -5.06
N TYR F 263 -13.07 -33.09 -4.20
CA TYR F 263 -13.36 -33.06 -2.75
C TYR F 263 -14.65 -32.29 -2.43
N ASP F 264 -15.00 -31.32 -3.26
CA ASP F 264 -16.21 -30.58 -3.01
C ASP F 264 -17.46 -31.35 -3.43
N VAL F 265 -17.27 -32.30 -4.36
CA VAL F 265 -18.33 -33.21 -4.75
C VAL F 265 -18.53 -34.29 -3.68
N HIS F 266 -17.44 -34.82 -3.12
CA HIS F 266 -17.54 -35.86 -2.08
C HIS F 266 -18.17 -35.38 -0.75
N LEU F 267 -18.37 -34.07 -0.62
CA LEU F 267 -18.86 -33.51 0.63
C LEU F 267 -20.25 -32.90 0.47
#